data_3RHB
# 
_entry.id   3RHB 
# 
_audit_conform.dict_name       mmcif_pdbx.dic 
_audit_conform.dict_version    5.379 
_audit_conform.dict_location   http://mmcif.pdb.org/dictionaries/ascii/mmcif_pdbx.dic 
# 
loop_
_database_2.database_id 
_database_2.database_code 
_database_2.pdbx_database_accession 
_database_2.pdbx_DOI 
PDB   3RHB         pdb_00003rhb 10.2210/pdb3rhb/pdb 
RCSB  RCSB064931   ?            ?                   
WWPDB D_1000064931 ?            ?                   
# 
loop_
_pdbx_database_related.db_name 
_pdbx_database_related.db_id 
_pdbx_database_related.details 
_pdbx_database_related.content_type 
PDB 3FZ9 . unspecified 
PDB 3RHC . unspecified 
# 
_pdbx_database_status.status_code                     REL 
_pdbx_database_status.entry_id                        3RHB 
_pdbx_database_status.recvd_initial_deposition_date   2011-04-11 
_pdbx_database_status.deposit_site                    RCSB 
_pdbx_database_status.process_site                    RCSB 
_pdbx_database_status.status_code_sf                  REL 
_pdbx_database_status.status_code_mr                  ? 
_pdbx_database_status.SG_entry                        ? 
_pdbx_database_status.status_code_cs                  ? 
_pdbx_database_status.pdb_format_compatible           Y 
_pdbx_database_status.methods_development_category    ? 
_pdbx_database_status.status_code_nmr_data            ? 
# 
loop_
_audit_author.name 
_audit_author.pdbx_ordinal 
'Roret, T.'      1 
'Couturier, J.'  2 
'Tsan, P.'       3 
'Jacquot, J.P.'  4 
'Rouhier, N.'    5 
'Didierjean, C.' 6 
# 
_citation.id                        primary 
_citation.title                     
;Arabidopsis chloroplastic glutaredoxin c5 as a model to explore molecular determinants for iron-sulfur cluster binding into glutaredoxins.
;
_citation.journal_abbrev            J.Biol.Chem. 
_citation.journal_volume            286 
_citation.page_first                27515 
_citation.page_last                 27527 
_citation.year                      2011 
_citation.journal_id_ASTM           JBCHA3 
_citation.country                   US 
_citation.journal_id_ISSN           0021-9258 
_citation.journal_id_CSD            0071 
_citation.book_publisher            ? 
_citation.pdbx_database_id_PubMed   21632542 
_citation.pdbx_database_id_DOI      10.1074/jbc.M111.228726 
# 
loop_
_citation_author.citation_id 
_citation_author.name 
_citation_author.ordinal 
_citation_author.identifier_ORCID 
primary 'Couturier, J.'       1  ? 
primary 'Stroher, E.'         2  ? 
primary 'Albetel, A.N.'       3  ? 
primary 'Roret, T.'           4  ? 
primary 'Muthuramalingam, M.' 5  ? 
primary 'Tarrago, L.'         6  ? 
primary 'Seidel, T.'          7  ? 
primary 'Tsan, P.'            8  ? 
primary 'Jacquot, J.P.'       9  ? 
primary 'Johnson, M.K.'       10 ? 
primary 'Dietz, K.J.'         11 ? 
primary 'Didierjean, C.'      12 ? 
primary 'Rouhier, N.'         13 ? 
# 
_cell.entry_id           3RHB 
_cell.length_a           63.527 
_cell.length_b           39.020 
_cell.length_c           37.603 
_cell.angle_alpha        90.00 
_cell.angle_beta         90.00 
_cell.angle_gamma        90.00 
_cell.Z_PDB              4 
_cell.pdbx_unique_axis   ? 
_cell.length_a_esd       ? 
_cell.length_b_esd       ? 
_cell.length_c_esd       ? 
_cell.angle_alpha_esd    ? 
_cell.angle_beta_esd     ? 
_cell.angle_gamma_esd    ? 
# 
_symmetry.entry_id                         3RHB 
_symmetry.space_group_name_H-M             'P 21 21 2' 
_symmetry.pdbx_full_space_group_name_H-M   ? 
_symmetry.cell_setting                     ? 
_symmetry.Int_Tables_number                18 
_symmetry.space_group_name_Hall            ? 
# 
loop_
_entity.id 
_entity.type 
_entity.src_method 
_entity.pdbx_description 
_entity.formula_weight 
_entity.pdbx_number_of_molecules 
_entity.pdbx_ec 
_entity.pdbx_mutation 
_entity.pdbx_fragment 
_entity.details 
1 polymer     man 'Glutaredoxin-C5, chloroplastic' 12498.430 1   ? ? ? ? 
2 non-polymer syn GLUTATHIONE                      307.323   1   ? ? ? ? 
3 non-polymer syn 'SULFATE ION'                    96.063    3   ? ? ? ? 
4 water       nat water                            18.015    108 ? ? ? ? 
# 
_entity_name_com.entity_id   1 
_entity_name_com.name        AtGrxC5 
# 
_entity_poly.entity_id                      1 
_entity_poly.type                           'polypeptide(L)' 
_entity_poly.nstd_linkage                   no 
_entity_poly.nstd_monomer                   no 
_entity_poly.pdbx_seq_one_letter_code       
;MASFGSRMEESIRKTVTENTVVIYSKTWCSYCTEVKTLFKRLGVQPLVVELDQLGPQGPQLQKVLERLTGQHTVPNVFVC
GKHIGGCTDTVKLNRKGDLELMLAEANGKNGQS
;
_entity_poly.pdbx_seq_one_letter_code_can   
;MASFGSRMEESIRKTVTENTVVIYSKTWCSYCTEVKTLFKRLGVQPLVVELDQLGPQGPQLQKVLERLTGQHTVPNVFVC
GKHIGGCTDTVKLNRKGDLELMLAEANGKNGQS
;
_entity_poly.pdbx_strand_id                 A 
_entity_poly.pdbx_target_identifier         ? 
# 
loop_
_entity_poly_seq.entity_id 
_entity_poly_seq.num 
_entity_poly_seq.mon_id 
_entity_poly_seq.hetero 
1 1   MET n 
1 2   ALA n 
1 3   SER n 
1 4   PHE n 
1 5   GLY n 
1 6   SER n 
1 7   ARG n 
1 8   MET n 
1 9   GLU n 
1 10  GLU n 
1 11  SER n 
1 12  ILE n 
1 13  ARG n 
1 14  LYS n 
1 15  THR n 
1 16  VAL n 
1 17  THR n 
1 18  GLU n 
1 19  ASN n 
1 20  THR n 
1 21  VAL n 
1 22  VAL n 
1 23  ILE n 
1 24  TYR n 
1 25  SER n 
1 26  LYS n 
1 27  THR n 
1 28  TRP n 
1 29  CYS n 
1 30  SER n 
1 31  TYR n 
1 32  CYS n 
1 33  THR n 
1 34  GLU n 
1 35  VAL n 
1 36  LYS n 
1 37  THR n 
1 38  LEU n 
1 39  PHE n 
1 40  LYS n 
1 41  ARG n 
1 42  LEU n 
1 43  GLY n 
1 44  VAL n 
1 45  GLN n 
1 46  PRO n 
1 47  LEU n 
1 48  VAL n 
1 49  VAL n 
1 50  GLU n 
1 51  LEU n 
1 52  ASP n 
1 53  GLN n 
1 54  LEU n 
1 55  GLY n 
1 56  PRO n 
1 57  GLN n 
1 58  GLY n 
1 59  PRO n 
1 60  GLN n 
1 61  LEU n 
1 62  GLN n 
1 63  LYS n 
1 64  VAL n 
1 65  LEU n 
1 66  GLU n 
1 67  ARG n 
1 68  LEU n 
1 69  THR n 
1 70  GLY n 
1 71  GLN n 
1 72  HIS n 
1 73  THR n 
1 74  VAL n 
1 75  PRO n 
1 76  ASN n 
1 77  VAL n 
1 78  PHE n 
1 79  VAL n 
1 80  CYS n 
1 81  GLY n 
1 82  LYS n 
1 83  HIS n 
1 84  ILE n 
1 85  GLY n 
1 86  GLY n 
1 87  CYS n 
1 88  THR n 
1 89  ASP n 
1 90  THR n 
1 91  VAL n 
1 92  LYS n 
1 93  LEU n 
1 94  ASN n 
1 95  ARG n 
1 96  LYS n 
1 97  GLY n 
1 98  ASP n 
1 99  LEU n 
1 100 GLU n 
1 101 LEU n 
1 102 MET n 
1 103 LEU n 
1 104 ALA n 
1 105 GLU n 
1 106 ALA n 
1 107 ASN n 
1 108 GLY n 
1 109 LYS n 
1 110 ASN n 
1 111 GLY n 
1 112 GLN n 
1 113 SER n 
# 
_entity_src_gen.entity_id                          1 
_entity_src_gen.pdbx_src_id                        1 
_entity_src_gen.pdbx_alt_source_flag               sample 
_entity_src_gen.pdbx_seq_type                      ? 
_entity_src_gen.pdbx_beg_seq_num                   ? 
_entity_src_gen.pdbx_end_seq_num                   ? 
_entity_src_gen.gene_src_common_name               'mouse-ear cress,thale-cress' 
_entity_src_gen.gene_src_genus                     ? 
_entity_src_gen.pdbx_gene_src_gene                 'GRXC5, At4g28730, F16A16.160' 
_entity_src_gen.gene_src_species                   ? 
_entity_src_gen.gene_src_strain                    ? 
_entity_src_gen.gene_src_tissue                    ? 
_entity_src_gen.gene_src_tissue_fraction           ? 
_entity_src_gen.gene_src_details                   ? 
_entity_src_gen.pdbx_gene_src_fragment             ? 
_entity_src_gen.pdbx_gene_src_scientific_name      'Arabidopsis thaliana' 
_entity_src_gen.pdbx_gene_src_ncbi_taxonomy_id     3702 
_entity_src_gen.pdbx_gene_src_variant              ? 
_entity_src_gen.pdbx_gene_src_cell_line            ? 
_entity_src_gen.pdbx_gene_src_atcc                 ? 
_entity_src_gen.pdbx_gene_src_organ                ? 
_entity_src_gen.pdbx_gene_src_organelle            ? 
_entity_src_gen.pdbx_gene_src_cell                 ? 
_entity_src_gen.pdbx_gene_src_cellular_location    ? 
_entity_src_gen.host_org_common_name               ? 
_entity_src_gen.pdbx_host_org_scientific_name      'Escherichia coli' 
_entity_src_gen.pdbx_host_org_ncbi_taxonomy_id     562 
_entity_src_gen.host_org_genus                     ? 
_entity_src_gen.pdbx_host_org_gene                 ? 
_entity_src_gen.pdbx_host_org_organ                ? 
_entity_src_gen.host_org_species                   ? 
_entity_src_gen.pdbx_host_org_tissue               ? 
_entity_src_gen.pdbx_host_org_tissue_fraction      ? 
_entity_src_gen.pdbx_host_org_strain               ? 
_entity_src_gen.pdbx_host_org_variant              ? 
_entity_src_gen.pdbx_host_org_cell_line            ? 
_entity_src_gen.pdbx_host_org_atcc                 ? 
_entity_src_gen.pdbx_host_org_culture_collection   ? 
_entity_src_gen.pdbx_host_org_cell                 ? 
_entity_src_gen.pdbx_host_org_organelle            ? 
_entity_src_gen.pdbx_host_org_cellular_location    ? 
_entity_src_gen.pdbx_host_org_vector_type          ? 
_entity_src_gen.pdbx_host_org_vector               ? 
_entity_src_gen.host_org_details                   ? 
_entity_src_gen.expression_system_id               ? 
_entity_src_gen.plasmid_name                       ? 
_entity_src_gen.plasmid_details                    ? 
_entity_src_gen.pdbx_description                   ? 
# 
_struct_ref.id                         1 
_struct_ref.db_name                    UNP 
_struct_ref.db_code                    GRXC5_ARATH 
_struct_ref.pdbx_db_accession          Q8GWS0 
_struct_ref.entity_id                  1 
_struct_ref.pdbx_seq_one_letter_code   
;SFGSRMEESIRKTVTENTVVIYSKTWCSYCTEVKTLFKRLGVQPLVVELDQLGPQGPQLQKVLERLTGQHTVPNVFVCGK
HIGGCTDTVKLNRKGDLELMLAEANGKNGQS
;
_struct_ref.pdbx_align_begin           64 
_struct_ref.pdbx_db_isoform            ? 
# 
_struct_ref_seq.align_id                      1 
_struct_ref_seq.ref_id                        1 
_struct_ref_seq.pdbx_PDB_id_code              3RHB 
_struct_ref_seq.pdbx_strand_id                A 
_struct_ref_seq.seq_align_beg                 3 
_struct_ref_seq.pdbx_seq_align_beg_ins_code   ? 
_struct_ref_seq.seq_align_end                 113 
_struct_ref_seq.pdbx_seq_align_end_ins_code   ? 
_struct_ref_seq.pdbx_db_accession             Q8GWS0 
_struct_ref_seq.db_align_beg                  64 
_struct_ref_seq.pdbx_db_align_beg_ins_code    ? 
_struct_ref_seq.db_align_end                  174 
_struct_ref_seq.pdbx_db_align_end_ins_code    ? 
_struct_ref_seq.pdbx_auth_seq_align_beg       3 
_struct_ref_seq.pdbx_auth_seq_align_end       113 
# 
loop_
_struct_ref_seq_dif.align_id 
_struct_ref_seq_dif.pdbx_pdb_id_code 
_struct_ref_seq_dif.mon_id 
_struct_ref_seq_dif.pdbx_pdb_strand_id 
_struct_ref_seq_dif.seq_num 
_struct_ref_seq_dif.pdbx_pdb_ins_code 
_struct_ref_seq_dif.pdbx_seq_db_name 
_struct_ref_seq_dif.pdbx_seq_db_accession_code 
_struct_ref_seq_dif.db_mon_id 
_struct_ref_seq_dif.pdbx_seq_db_seq_num 
_struct_ref_seq_dif.details 
_struct_ref_seq_dif.pdbx_auth_seq_num 
_struct_ref_seq_dif.pdbx_ordinal 
1 3RHB MET A 1 ? UNP Q8GWS0 ? ? 'expression tag' 1 1 
1 3RHB ALA A 2 ? UNP Q8GWS0 ? ? 'expression tag' 2 2 
# 
loop_
_chem_comp.id 
_chem_comp.type 
_chem_comp.mon_nstd_flag 
_chem_comp.name 
_chem_comp.pdbx_synonyms 
_chem_comp.formula 
_chem_comp.formula_weight 
ALA 'L-peptide linking' y ALANINE         ? 'C3 H7 N O2'      89.093  
ARG 'L-peptide linking' y ARGININE        ? 'C6 H15 N4 O2 1'  175.209 
ASN 'L-peptide linking' y ASPARAGINE      ? 'C4 H8 N2 O3'     132.118 
ASP 'L-peptide linking' y 'ASPARTIC ACID' ? 'C4 H7 N O4'      133.103 
CYS 'L-peptide linking' y CYSTEINE        ? 'C3 H7 N O2 S'    121.158 
GLN 'L-peptide linking' y GLUTAMINE       ? 'C5 H10 N2 O3'    146.144 
GLU 'L-peptide linking' y 'GLUTAMIC ACID' ? 'C5 H9 N O4'      147.129 
GLY 'peptide linking'   y GLYCINE         ? 'C2 H5 N O2'      75.067  
GSH non-polymer         . GLUTATHIONE     ? 'C10 H17 N3 O6 S' 307.323 
HIS 'L-peptide linking' y HISTIDINE       ? 'C6 H10 N3 O2 1'  156.162 
HOH non-polymer         . WATER           ? 'H2 O'            18.015  
ILE 'L-peptide linking' y ISOLEUCINE      ? 'C6 H13 N O2'     131.173 
LEU 'L-peptide linking' y LEUCINE         ? 'C6 H13 N O2'     131.173 
LYS 'L-peptide linking' y LYSINE          ? 'C6 H15 N2 O2 1'  147.195 
MET 'L-peptide linking' y METHIONINE      ? 'C5 H11 N O2 S'   149.211 
PHE 'L-peptide linking' y PHENYLALANINE   ? 'C9 H11 N O2'     165.189 
PRO 'L-peptide linking' y PROLINE         ? 'C5 H9 N O2'      115.130 
SER 'L-peptide linking' y SERINE          ? 'C3 H7 N O3'      105.093 
SO4 non-polymer         . 'SULFATE ION'   ? 'O4 S -2'         96.063  
THR 'L-peptide linking' y THREONINE       ? 'C4 H9 N O3'      119.119 
TRP 'L-peptide linking' y TRYPTOPHAN      ? 'C11 H12 N2 O2'   204.225 
TYR 'L-peptide linking' y TYROSINE        ? 'C9 H11 N O3'     181.189 
VAL 'L-peptide linking' y VALINE          ? 'C5 H11 N O2'     117.146 
# 
_exptl.entry_id          3RHB 
_exptl.method            'X-RAY DIFFRACTION' 
_exptl.crystals_number   1 
# 
_exptl_crystal.id                    1 
_exptl_crystal.density_meas          ? 
_exptl_crystal.density_Matthews      1.86 
_exptl_crystal.density_percent_sol   34.03 
_exptl_crystal.description           ? 
_exptl_crystal.F_000                 ? 
_exptl_crystal.preparation           ? 
# 
_exptl_crystal_grow.crystal_id      1 
_exptl_crystal_grow.method          MICROBATCH 
_exptl_crystal_grow.temp            277 
_exptl_crystal_grow.temp_details    ? 
_exptl_crystal_grow.pH              ? 
_exptl_crystal_grow.pdbx_details    '1.6 M ammonium sulfate, 500 mM lithium chloride, Microbatch, temperature 277K' 
_exptl_crystal_grow.pdbx_pH_range   ? 
# 
_diffrn.id                     1 
_diffrn.ambient_temp           100 
_diffrn.ambient_temp_details   ? 
_diffrn.crystal_id             1 
# 
_diffrn_detector.diffrn_id              1 
_diffrn_detector.detector               CCD 
_diffrn_detector.type                   'ADSC QUANTUM 315r' 
_diffrn_detector.pdbx_collection_date   2010-05-25 
_diffrn_detector.details                mirrors 
# 
_diffrn_radiation.diffrn_id                        1 
_diffrn_radiation.wavelength_id                    1 
_diffrn_radiation.pdbx_monochromatic_or_laue_m_l   M 
_diffrn_radiation.monochromator                    '111 SILICON SINGLE CRYSTAL' 
_diffrn_radiation.pdbx_diffrn_protocol             'SINGLE WAVELENGTH' 
_diffrn_radiation.pdbx_scattering_type             x-ray 
# 
_diffrn_radiation_wavelength.id           1 
_diffrn_radiation_wavelength.wavelength   0.97926 
_diffrn_radiation_wavelength.wt           1.0 
# 
_diffrn_source.diffrn_id                   1 
_diffrn_source.source                      SYNCHROTRON 
_diffrn_source.type                        'ESRF BEAMLINE BM30A' 
_diffrn_source.pdbx_synchrotron_site       ESRF 
_diffrn_source.pdbx_synchrotron_beamline   BM30A 
_diffrn_source.pdbx_wavelength             ? 
_diffrn_source.pdbx_wavelength_list        0.97926 
# 
_reflns.entry_id                     3RHB 
_reflns.observed_criterion_sigma_I   0 
_reflns.observed_criterion_sigma_F   0 
_reflns.d_resolution_low             33.25 
_reflns.d_resolution_high            1.2 
_reflns.number_obs                   26715 
_reflns.number_all                   ? 
_reflns.percent_possible_obs         94 
_reflns.pdbx_Rmerge_I_obs            0.052 
_reflns.pdbx_Rsym_value              ? 
_reflns.pdbx_netI_over_sigmaI        21.9 
_reflns.B_iso_Wilson_estimate        ? 
_reflns.pdbx_redundancy              7.5 
_reflns.R_free_details               ? 
_reflns.limit_h_max                  ? 
_reflns.limit_h_min                  ? 
_reflns.limit_k_max                  ? 
_reflns.limit_k_min                  ? 
_reflns.limit_l_max                  ? 
_reflns.limit_l_min                  ? 
_reflns.observed_criterion_F_max     ? 
_reflns.observed_criterion_F_min     ? 
_reflns.pdbx_chi_squared             ? 
_reflns.pdbx_scaling_rejects         ? 
_reflns.pdbx_ordinal                 1 
_reflns.pdbx_diffrn_id               1 
# 
_refine.entry_id                                 3RHB 
_refine.ls_number_reflns_obs                     26715 
_refine.ls_number_reflns_all                     26715 
_refine.pdbx_ls_sigma_I                          ? 
_refine.pdbx_ls_sigma_F                          ? 
_refine.pdbx_data_cutoff_high_absF               ? 
_refine.pdbx_data_cutoff_low_absF                ? 
_refine.pdbx_data_cutoff_high_rms_absF           ? 
_refine.ls_d_res_low                             33.25 
_refine.ls_d_res_high                            1.20 
_refine.ls_percent_reflns_obs                    93.93 
_refine.ls_R_factor_obs                          0.15029 
_refine.ls_R_factor_all                          0.15029 
_refine.ls_R_factor_R_work                       0.15029 
_refine.ls_R_factor_R_free                       0.17585 
_refine.ls_R_factor_R_free_error                 ? 
_refine.ls_R_factor_R_free_error_details         ? 
_refine.ls_percent_reflns_R_free                 5.1 
_refine.ls_number_reflns_R_free                  1423 
_refine.ls_number_parameters                     ? 
_refine.ls_number_restraints                     ? 
_refine.occupancy_min                            ? 
_refine.occupancy_max                            ? 
_refine.correlation_coeff_Fo_to_Fc               0.968 
_refine.correlation_coeff_Fo_to_Fc_free          0.961 
_refine.B_iso_mean                               18.551 
_refine.aniso_B[1][1]                            0.03 
_refine.aniso_B[2][2]                            0.08 
_refine.aniso_B[3][3]                            -0.11 
_refine.aniso_B[1][2]                            0.00 
_refine.aniso_B[1][3]                            0.00 
_refine.aniso_B[2][3]                            0.00 
_refine.solvent_model_details                    MASK 
_refine.solvent_model_param_ksol                 ? 
_refine.solvent_model_param_bsol                 ? 
_refine.pdbx_solvent_vdw_probe_radii             1.40 
_refine.pdbx_solvent_ion_probe_radii             0.80 
_refine.pdbx_solvent_shrinkage_radii             0.80 
_refine.pdbx_ls_cross_valid_method               THROUGHOUT 
_refine.details                                  ? 
_refine.pdbx_starting_model                      'PDB ENTRY 3FZ9' 
_refine.pdbx_method_to_determine_struct          'MOLECULAR REPLACEMENT' 
_refine.pdbx_isotropic_thermal_model             ? 
_refine.pdbx_stereochemistry_target_values       'MAXIMUM LIKELIHOOD' 
_refine.pdbx_stereochem_target_val_spec_case     ? 
_refine.pdbx_R_Free_selection_details            RANDOM 
_refine.pdbx_overall_ESU_R_Free                  0.042 
_refine.overall_SU_ML                            0.022 
_refine.overall_SU_B                             1.015 
_refine.overall_SU_R_Cruickshank_DPI             ? 
_refine.ls_redundancy_reflns_obs                 ? 
_refine.B_iso_min                                ? 
_refine.B_iso_max                                ? 
_refine.overall_SU_R_free                        ? 
_refine.ls_wR_factor_R_free                      ? 
_refine.ls_wR_factor_R_work                      ? 
_refine.overall_FOM_free_R_set                   ? 
_refine.overall_FOM_work_R_set                   ? 
_refine.pdbx_overall_phase_error                 ? 
_refine.pdbx_refine_id                           'X-RAY DIFFRACTION' 
_refine.pdbx_diffrn_id                           1 
_refine.pdbx_overall_ESU_R                       ? 
_refine.pdbx_TLS_residual_ADP_flag               ? 
_refine.pdbx_overall_SU_R_free_Cruickshank_DPI   ? 
_refine.pdbx_overall_SU_R_Blow_DPI               ? 
_refine.pdbx_overall_SU_R_free_Blow_DPI          ? 
# 
_refine_hist.pdbx_refine_id                   'X-RAY DIFFRACTION' 
_refine_hist.cycle_id                         LAST 
_refine_hist.pdbx_number_atoms_protein        784 
_refine_hist.pdbx_number_atoms_nucleic_acid   0 
_refine_hist.pdbx_number_atoms_ligand         35 
_refine_hist.number_atoms_solvent             108 
_refine_hist.number_atoms_total               927 
_refine_hist.d_res_high                       1.20 
_refine_hist.d_res_low                        33.25 
# 
loop_
_refine_ls_restr.type 
_refine_ls_restr.dev_ideal 
_refine_ls_restr.dev_ideal_target 
_refine_ls_restr.weight 
_refine_ls_restr.number 
_refine_ls_restr.pdbx_restraint_function 
_refine_ls_restr.pdbx_refine_id 
r_bond_refined_d       0.025  0.022  ? 884  ? 'X-RAY DIFFRACTION' 
r_angle_refined_deg    2.209  2.017  ? 1206 ? 'X-RAY DIFFRACTION' 
r_dihedral_angle_1_deg 5.787  5.000  ? 113  ? 'X-RAY DIFFRACTION' 
r_dihedral_angle_2_deg 36.202 24.688 ? 32   ? 'X-RAY DIFFRACTION' 
r_dihedral_angle_3_deg 12.180 15.000 ? 166  ? 'X-RAY DIFFRACTION' 
r_dihedral_angle_4_deg 26.133 15.000 ? 5    ? 'X-RAY DIFFRACTION' 
r_chiral_restr         0.134  0.200  ? 142  ? 'X-RAY DIFFRACTION' 
r_gen_planes_refined   0.012  0.021  ? 641  ? 'X-RAY DIFFRACTION' 
r_mcbond_it            2.932  1.500  ? 537  ? 'X-RAY DIFFRACTION' 
r_mcangle_it           4.269  2.000  ? 889  ? 'X-RAY DIFFRACTION' 
r_scbond_it            5.790  3.000  ? 347  ? 'X-RAY DIFFRACTION' 
r_scangle_it           8.266  4.500  ? 317  ? 'X-RAY DIFFRACTION' 
r_rigid_bond_restr     2.775  3.000  ? 814  ? 'X-RAY DIFFRACTION' 
# 
_refine_ls_shell.pdbx_total_number_of_bins_used   20 
_refine_ls_shell.d_res_high                       1.200 
_refine_ls_shell.d_res_low                        1.231 
_refine_ls_shell.number_reflns_R_work             1288 
_refine_ls_shell.R_factor_R_work                  0.186 
_refine_ls_shell.percent_reflns_obs               62.18 
_refine_ls_shell.R_factor_R_free                  0.241 
_refine_ls_shell.R_factor_R_free_error            ? 
_refine_ls_shell.percent_reflns_R_free            ? 
_refine_ls_shell.number_reflns_R_free             78 
_refine_ls_shell.number_reflns_all                ? 
_refine_ls_shell.R_factor_all                     ? 
_refine_ls_shell.number_reflns_obs                ? 
_refine_ls_shell.redundancy_reflns_obs            ? 
_refine_ls_shell.pdbx_refine_id                   'X-RAY DIFFRACTION' 
# 
_struct.entry_id                  3RHB 
_struct.title                     'Crystal structure of the apo form of glutaredoxin C5 from Arabidopsis thaliana' 
_struct.pdbx_model_details        ? 
_struct.pdbx_CASP_flag            ? 
_struct.pdbx_model_type_details   ? 
# 
_struct_keywords.entry_id        3RHB 
_struct_keywords.pdbx_keywords   OXIDOREDUCTASE 
_struct_keywords.text            'Thioredoxin fold, thiol-disulfide oxidoreductase, glutaredoxin, OXIDOREDUCTASE' 
# 
loop_
_struct_asym.id 
_struct_asym.pdbx_blank_PDB_chainid_flag 
_struct_asym.pdbx_modified 
_struct_asym.entity_id 
_struct_asym.details 
A N N 1 ? 
B N N 2 ? 
C N N 3 ? 
D N N 3 ? 
E N N 3 ? 
F N N 4 ? 
# 
_struct_biol.id        1 
_struct_biol.details   'AUTHORS STATE THAT THE PROTEIN IS MONOMERIC IN SOLUTION ACCORDING TO ANALYTICAL GEL FILTRATION ANALYSES.' 
# 
loop_
_struct_conf.conf_type_id 
_struct_conf.id 
_struct_conf.pdbx_PDB_helix_id 
_struct_conf.beg_label_comp_id 
_struct_conf.beg_label_asym_id 
_struct_conf.beg_label_seq_id 
_struct_conf.pdbx_beg_PDB_ins_code 
_struct_conf.end_label_comp_id 
_struct_conf.end_label_asym_id 
_struct_conf.end_label_seq_id 
_struct_conf.pdbx_end_PDB_ins_code 
_struct_conf.beg_auth_comp_id 
_struct_conf.beg_auth_asym_id 
_struct_conf.beg_auth_seq_id 
_struct_conf.end_auth_comp_id 
_struct_conf.end_auth_asym_id 
_struct_conf.end_auth_seq_id 
_struct_conf.pdbx_PDB_helix_class 
_struct_conf.details 
_struct_conf.pdbx_PDB_helix_length 
HELX_P HELX_P1 1 SER A 6  ? ASN A 19  ? SER A 6  ASN A 19  1 ? 14 
HELX_P HELX_P2 2 CYS A 29 ? LEU A 42  ? CYS A 29 LEU A 42  1 ? 14 
HELX_P HELX_P3 3 ASP A 52 ? GLY A 55  ? ASP A 52 GLY A 55  5 ? 4  
HELX_P HELX_P4 4 PRO A 56 ? GLY A 70  ? PRO A 56 GLY A 70  1 ? 15 
HELX_P HELX_P5 5 GLY A 86 ? LYS A 96  ? GLY A 86 LYS A 96  1 ? 11 
HELX_P HELX_P6 6 GLY A 97 ? ALA A 104 ? GLY A 97 ALA A 104 1 ? 8  
# 
_struct_conf_type.id          HELX_P 
_struct_conf_type.criteria    ? 
_struct_conf_type.reference   ? 
# 
_struct_mon_prot_cis.pdbx_id                1 
_struct_mon_prot_cis.label_comp_id          VAL 
_struct_mon_prot_cis.label_seq_id           74 
_struct_mon_prot_cis.label_asym_id          A 
_struct_mon_prot_cis.label_alt_id           . 
_struct_mon_prot_cis.pdbx_PDB_ins_code      ? 
_struct_mon_prot_cis.auth_comp_id           VAL 
_struct_mon_prot_cis.auth_seq_id            74 
_struct_mon_prot_cis.auth_asym_id           A 
_struct_mon_prot_cis.pdbx_label_comp_id_2   PRO 
_struct_mon_prot_cis.pdbx_label_seq_id_2    75 
_struct_mon_prot_cis.pdbx_label_asym_id_2   A 
_struct_mon_prot_cis.pdbx_PDB_ins_code_2    ? 
_struct_mon_prot_cis.pdbx_auth_comp_id_2    PRO 
_struct_mon_prot_cis.pdbx_auth_seq_id_2     75 
_struct_mon_prot_cis.pdbx_auth_asym_id_2    A 
_struct_mon_prot_cis.pdbx_PDB_model_num     1 
_struct_mon_prot_cis.pdbx_omega_angle       3.03 
# 
_struct_sheet.id               A 
_struct_sheet.type             ? 
_struct_sheet.number_strands   4 
_struct_sheet.details          ? 
# 
loop_
_struct_sheet_order.sheet_id 
_struct_sheet_order.range_id_1 
_struct_sheet_order.range_id_2 
_struct_sheet_order.offset 
_struct_sheet_order.sense 
A 1 2 ? parallel      
A 2 3 ? anti-parallel 
A 3 4 ? anti-parallel 
# 
loop_
_struct_sheet_range.sheet_id 
_struct_sheet_range.id 
_struct_sheet_range.beg_label_comp_id 
_struct_sheet_range.beg_label_asym_id 
_struct_sheet_range.beg_label_seq_id 
_struct_sheet_range.pdbx_beg_PDB_ins_code 
_struct_sheet_range.end_label_comp_id 
_struct_sheet_range.end_label_asym_id 
_struct_sheet_range.end_label_seq_id 
_struct_sheet_range.pdbx_end_PDB_ins_code 
_struct_sheet_range.beg_auth_comp_id 
_struct_sheet_range.beg_auth_asym_id 
_struct_sheet_range.beg_auth_seq_id 
_struct_sheet_range.end_auth_comp_id 
_struct_sheet_range.end_auth_asym_id 
_struct_sheet_range.end_auth_seq_id 
A 1 LEU A 47 ? GLU A 50 ? LEU A 47 GLU A 50 
A 2 VAL A 21 ? SER A 25 ? VAL A 21 SER A 25 
A 3 ASN A 76 ? VAL A 79 ? ASN A 76 VAL A 79 
A 4 LYS A 82 ? GLY A 85 ? LYS A 82 GLY A 85 
# 
loop_
_pdbx_struct_sheet_hbond.sheet_id 
_pdbx_struct_sheet_hbond.range_id_1 
_pdbx_struct_sheet_hbond.range_id_2 
_pdbx_struct_sheet_hbond.range_1_label_atom_id 
_pdbx_struct_sheet_hbond.range_1_label_comp_id 
_pdbx_struct_sheet_hbond.range_1_label_asym_id 
_pdbx_struct_sheet_hbond.range_1_label_seq_id 
_pdbx_struct_sheet_hbond.range_1_PDB_ins_code 
_pdbx_struct_sheet_hbond.range_1_auth_atom_id 
_pdbx_struct_sheet_hbond.range_1_auth_comp_id 
_pdbx_struct_sheet_hbond.range_1_auth_asym_id 
_pdbx_struct_sheet_hbond.range_1_auth_seq_id 
_pdbx_struct_sheet_hbond.range_2_label_atom_id 
_pdbx_struct_sheet_hbond.range_2_label_comp_id 
_pdbx_struct_sheet_hbond.range_2_label_asym_id 
_pdbx_struct_sheet_hbond.range_2_label_seq_id 
_pdbx_struct_sheet_hbond.range_2_PDB_ins_code 
_pdbx_struct_sheet_hbond.range_2_auth_atom_id 
_pdbx_struct_sheet_hbond.range_2_auth_comp_id 
_pdbx_struct_sheet_hbond.range_2_auth_asym_id 
_pdbx_struct_sheet_hbond.range_2_auth_seq_id 
A 1 2 O VAL A 49 ? O VAL A 49 N SER A 25 ? N SER A 25 
A 2 3 N TYR A 24 ? N TYR A 24 O ASN A 76 ? O ASN A 76 
A 3 4 N VAL A 77 ? N VAL A 77 O ILE A 84 ? O ILE A 84 
# 
loop_
_struct_site.id 
_struct_site.pdbx_evidence_code 
_struct_site.pdbx_auth_asym_id 
_struct_site.pdbx_auth_comp_id 
_struct_site.pdbx_auth_seq_id 
_struct_site.pdbx_auth_ins_code 
_struct_site.pdbx_num_residues 
_struct_site.details 
AC1 Software A GSH 114 ? 18 'BINDING SITE FOR RESIDUE GSH A 114' 
AC2 Software A SO4 115 ? 4  'BINDING SITE FOR RESIDUE SO4 A 115' 
AC3 Software A SO4 116 ? 4  'BINDING SITE FOR RESIDUE SO4 A 116' 
AC4 Software A SO4 117 ? 6  'BINDING SITE FOR RESIDUE SO4 A 117' 
# 
loop_
_struct_site_gen.id 
_struct_site_gen.site_id 
_struct_site_gen.pdbx_num_res 
_struct_site_gen.label_comp_id 
_struct_site_gen.label_asym_id 
_struct_site_gen.label_seq_id 
_struct_site_gen.pdbx_auth_ins_code 
_struct_site_gen.auth_comp_id 
_struct_site_gen.auth_asym_id 
_struct_site_gen.auth_seq_id 
_struct_site_gen.label_atom_id 
_struct_site_gen.label_alt_id 
_struct_site_gen.symmetry 
_struct_site_gen.details 
1  AC1 18 ARG A 13 ? ARG A 13  . ? 3_556 ? 
2  AC1 18 TRP A 28 ? TRP A 28  . ? 1_555 ? 
3  AC1 18 CYS A 29 ? CYS A 29  . ? 1_555 ? 
4  AC1 18 ARG A 67 ? ARG A 67  . ? 3_556 ? 
5  AC1 18 LEU A 68 ? LEU A 68  . ? 3_556 ? 
6  AC1 18 HIS A 72 ? HIS A 72  . ? 1_555 ? 
7  AC1 18 THR A 73 ? THR A 73  . ? 1_555 ? 
8  AC1 18 VAL A 74 ? VAL A 74  . ? 1_555 ? 
9  AC1 18 PRO A 75 ? PRO A 75  . ? 1_555 ? 
10 AC1 18 HIS A 83 ? HIS A 83  . ? 3_556 ? 
11 AC1 18 GLY A 86 ? GLY A 86  . ? 1_555 ? 
12 AC1 18 CYS A 87 ? CYS A 87  . ? 1_555 ? 
13 AC1 18 THR A 88 ? THR A 88  . ? 1_555 ? 
14 AC1 18 HOH F .  ? HOH A 135 . ? 3_556 ? 
15 AC1 18 HOH F .  ? HOH A 138 . ? 1_555 ? 
16 AC1 18 HOH F .  ? HOH A 175 . ? 3_556 ? 
17 AC1 18 HOH F .  ? HOH A 178 . ? 1_555 ? 
18 AC1 18 HOH F .  ? HOH A 218 . ? 1_555 ? 
19 AC2 4  LYS A 26 ? LYS A 26  . ? 1_555 ? 
20 AC2 4  TRP A 28 ? TRP A 28  . ? 1_555 ? 
21 AC2 4  ASP A 52 ? ASP A 52  . ? 1_555 ? 
22 AC2 4  HOH F .  ? HOH A 147 . ? 1_555 ? 
23 AC3 4  SER A 6  ? SER A 6   . ? 1_555 ? 
24 AC3 4  ARG A 7  ? ARG A 7   . ? 1_555 ? 
25 AC3 4  MET A 8  ? MET A 8   . ? 1_555 ? 
26 AC3 4  GLY A 43 ? GLY A 43  . ? 1_556 ? 
27 AC4 6  ARG A 7  ? ARG A 7   . ? 2_565 ? 
28 AC4 6  LYS A 40 ? LYS A 40  . ? 1_556 ? 
29 AC4 6  ARG A 41 ? ARG A 41  . ? 1_556 ? 
30 AC4 6  GLN A 60 ? GLN A 60  . ? 1_555 ? 
31 AC4 6  LYS A 96 ? LYS A 96  . ? 3_556 ? 
32 AC4 6  HOH F .  ? HOH A 120 . ? 1_555 ? 
# 
_atom_sites.entry_id                    3RHB 
_atom_sites.fract_transf_matrix[1][1]   -0.01407585 
_atom_sites.fract_transf_matrix[1][2]   0.00626758 
_atom_sites.fract_transf_matrix[1][3]   0.00321976 
_atom_sites.fract_transf_matrix[2][1]   -0.01147147 
_atom_sites.fract_transf_matrix[2][2]   -0.02049805 
_atom_sites.fract_transf_matrix[2][3]   -0.01024841 
_atom_sites.fract_transf_matrix[3][1]   0.00011643 
_atom_sites.fract_transf_matrix[3][2]   -0.01194461 
_atom_sites.fract_transf_matrix[3][3]   0.02376033 
_atom_sites.fract_transf_vector[1]      0.154050 
_atom_sites.fract_transf_vector[2]      0.348846 
_atom_sites.fract_transf_vector[3]      0.332049 
# 
loop_
_atom_type.symbol 
C 
N 
O 
S 
# 
loop_
_atom_site.group_PDB 
_atom_site.id 
_atom_site.type_symbol 
_atom_site.label_atom_id 
_atom_site.label_alt_id 
_atom_site.label_comp_id 
_atom_site.label_asym_id 
_atom_site.label_entity_id 
_atom_site.label_seq_id 
_atom_site.pdbx_PDB_ins_code 
_atom_site.Cartn_x 
_atom_site.Cartn_y 
_atom_site.Cartn_z 
_atom_site.occupancy 
_atom_site.B_iso_or_equiv 
_atom_site.pdbx_formal_charge 
_atom_site.auth_seq_id 
_atom_site.auth_comp_id 
_atom_site.auth_asym_id 
_atom_site.auth_atom_id 
_atom_site.pdbx_PDB_model_num 
ATOM   1   N N   . SER A 1 6   ? 5.602   -5.918  18.102  1.00 29.68 ? 6   SER A N   1 
ATOM   2   C CA  . SER A 1 6   ? 6.221   -7.000  17.314  1.00 24.49 ? 6   SER A CA  1 
ATOM   3   C C   . SER A 1 6   ? 7.328   -6.587  16.308  1.00 24.00 ? 6   SER A C   1 
ATOM   4   O O   . SER A 1 6   ? 7.406   -5.471  15.787  1.00 23.17 ? 6   SER A O   1 
ATOM   5   C CB  . SER A 1 6   ? 5.171   -7.838  16.594  1.00 28.07 ? 6   SER A CB  1 
ATOM   6   O OG  . SER A 1 6   ? 4.733   -7.180  15.423  1.00 25.89 ? 6   SER A OG  1 
ATOM   7   N N   . ARG A 1 7   ? 8.195   -7.548  15.994  1.00 21.45 ? 7   ARG A N   1 
ATOM   8   C CA  . ARG A 1 7   ? 9.215   -7.367  14.949  1.00 21.24 ? 7   ARG A CA  1 
ATOM   9   C C   . ARG A 1 7   ? 8.568   -7.118  13.588  1.00 19.60 ? 7   ARG A C   1 
ATOM   10  O O   . ARG A 1 7   ? 9.027   -6.308  12.827  1.00 20.55 ? 7   ARG A O   1 
ATOM   11  C CB  . ARG A 1 7   ? 10.178  -8.536  14.845  1.00 23.41 ? 7   ARG A CB  1 
ATOM   12  C CG  . ARG A 1 7   ? 10.954  -8.726  16.103  1.00 25.78 ? 7   ARG A CG  1 
ATOM   13  C CD  . ARG A 1 7   ? 11.805  -10.017 16.016  1.00 28.43 ? 7   ARG A CD  1 
ATOM   14  N NE  . ARG A 1 7   ? 10.928  -11.192 15.802  1.00 28.00 ? 7   ARG A NE  1 
ATOM   15  C CZ  . ARG A 1 7   ? 11.313  -12.370 15.336  1.00 27.53 ? 7   ARG A CZ  1 
ATOM   16  N NH1 . ARG A 1 7   ? 12.615  -12.646 15.043  1.00 27.80 ? 7   ARG A NH1 1 
ATOM   17  N NH2 . ARG A 1 7   ? 10.370  -13.310 15.146  1.00 32.33 ? 7   ARG A NH2 1 
ATOM   18  N N   A MET A 1 8   ? 7.460   -7.792  13.288  0.60 17.58 ? 8   MET A N   1 
ATOM   19  N N   B MET A 1 8   ? 7.460   -7.812  13.358  0.40 20.43 ? 8   MET A N   1 
ATOM   20  C CA  A MET A 1 8   ? 6.733   -7.571  12.022  0.60 17.63 ? 8   MET A CA  1 
ATOM   21  C CA  B MET A 1 8   ? 6.571   -7.619  12.224  0.40 21.29 ? 8   MET A CA  1 
ATOM   22  C C   A MET A 1 8   ? 6.279   -6.076  11.946  0.60 16.71 ? 8   MET A C   1 
ATOM   23  C C   B MET A 1 8   ? 6.256   -6.149  11.990  0.40 19.76 ? 8   MET A C   1 
ATOM   24  O O   A MET A 1 8   ? 6.454   -5.426  10.916  0.60 16.78 ? 8   MET A O   1 
ATOM   25  O O   B MET A 1 8   ? 6.479   -5.606  10.910  0.40 20.25 ? 8   MET A O   1 
ATOM   26  C CB  A MET A 1 8   ? 5.537   -8.518  11.905  0.60 17.79 ? 8   MET A CB  1 
ATOM   27  C CB  B MET A 1 8   ? 5.278   -8.352  12.524  0.40 22.78 ? 8   MET A CB  1 
ATOM   28  C CG  A MET A 1 8   ? 4.856   -8.409  10.569  0.60 18.89 ? 8   MET A CG  1 
ATOM   29  C CG  B MET A 1 8   ? 4.273   -8.239  11.444  0.40 23.59 ? 8   MET A CG  1 
ATOM   30  S SD  A MET A 1 8   ? 5.878   -8.831  9.188   0.60 23.10 ? 8   MET A SD  1 
ATOM   31  S SD  B MET A 1 8   ? 3.914   -9.900  10.888  0.40 30.84 ? 8   MET A SD  1 
ATOM   32  C CE  A MET A 1 8   ? 5.361   -10.482 9.221   0.60 25.88 ? 8   MET A CE  1 
ATOM   33  C CE  B MET A 1 8   ? 5.620   -10.318 10.602  0.40 31.87 ? 8   MET A CE  1 
ATOM   34  N N   . GLU A 1 9   ? 5.778   -5.525  13.054  1.00 18.05 ? 9   GLU A N   1 
ATOM   35  C CA  . GLU A 1 9   ? 5.369   -4.100  13.036  1.00 17.69 ? 9   GLU A CA  1 
ATOM   36  C C   . GLU A 1 9   ? 6.556   -3.188  12.764  1.00 16.17 ? 9   GLU A C   1 
ATOM   37  O O   . GLU A 1 9   ? 6.473   -2.284  11.886  1.00 17.12 ? 9   GLU A O   1 
ATOM   38  C CB  . GLU A 1 9   ? 4.746   -3.716  14.393  1.00 18.98 ? 9   GLU A CB  1 
ATOM   39  C CG  . GLU A 1 9   ? 4.276   -2.386  14.477  1.00 21.43 ? 9   GLU A CG  1 
ATOM   40  C CD  . GLU A 1 9   ? 3.622   -2.014  15.777  1.00 21.53 ? 9   GLU A CD  1 
ATOM   41  O OE1 . GLU A 1 9   ? 3.011   -2.882  16.448  1.00 24.06 ? 9   GLU A OE1 1 
ATOM   42  O OE2 . GLU A 1 9   ? 3.661   -0.783  16.064  1.00 24.67 ? 9   GLU A OE2 1 
ATOM   43  N N   . GLU A 1 10  ? 7.689   -3.436  13.417  1.00 17.70 ? 10  GLU A N   1 
ATOM   44  C CA  . GLU A 1 10  ? 8.837   -2.594  13.141  1.00 19.10 ? 10  GLU A CA  1 
ATOM   45  C C   . GLU A 1 10  ? 9.319   -2.763  11.678  1.00 17.46 ? 10  GLU A C   1 
ATOM   46  O O   . GLU A 1 10  ? 9.718   -1.776  11.044  1.00 17.12 ? 10  GLU A O   1 
ATOM   47  C CB  . GLU A 1 10  ? 9.985   -2.934  14.095  1.00 22.38 ? 10  GLU A CB  1 
ATOM   48  C CG  . GLU A 1 10  ? 11.210  -1.928  13.909  1.00 33.30 ? 10  GLU A CG  1 
ATOM   49  C CD  . GLU A 1 10  ? 12.466  -2.234  14.732  1.00 47.70 ? 10  GLU A CD  1 
ATOM   50  O OE1 . GLU A 1 10  ? 12.404  -3.173  15.585  1.00 49.49 ? 10  GLU A OE1 1 
ATOM   51  O OE2 . GLU A 1 10  ? 13.513  -1.519  14.519  1.00 52.54 ? 10  GLU A OE2 1 
ATOM   52  N N   A SER A 1 11  ? 9.198   -3.968  11.122  0.50 16.33 ? 11  SER A N   1 
ATOM   53  N N   B SER A 1 11  ? 9.181   -3.963  11.122  0.50 17.87 ? 11  SER A N   1 
ATOM   54  C CA  A SER A 1 11  ? 9.601   -4.192  9.722   0.50 16.54 ? 11  SER A CA  1 
ATOM   55  C CA  B SER A 1 11  ? 9.519   -4.184  9.717   0.50 18.84 ? 11  SER A CA  1 
ATOM   56  C C   A SER A 1 11  ? 8.667   -3.447  8.733   0.50 15.72 ? 11  SER A C   1 
ATOM   57  C C   B SER A 1 11  ? 8.669   -3.353  8.783   0.50 17.54 ? 11  SER A C   1 
ATOM   58  O O   A SER A 1 11  ? 9.121   -3.002  7.671   0.50 14.59 ? 11  SER A O   1 
ATOM   59  O O   B SER A 1 11  ? 9.178   -2.783  7.803   0.50 18.11 ? 11  SER A O   1 
ATOM   60  C CB  A SER A 1 11  ? 9.678   -5.703  9.407   0.50 14.57 ? 11  SER A CB  1 
ATOM   61  C CB  B SER A 1 11  ? 9.311   -5.649  9.375   0.50 19.03 ? 11  SER A CB  1 
ATOM   62  O OG  A SER A 1 11  ? 8.365   -6.219  9.205   0.50 16.22 ? 11  SER A OG  1 
ATOM   63  O OG  B SER A 1 11  ? 10.274  -6.396  10.062  0.50 21.89 ? 11  SER A OG  1 
ATOM   64  N N   . ILE A 1 12  ? 7.362   -3.392  9.008   1.00 14.23 ? 12  ILE A N   1 
ATOM   65  C CA  . ILE A 1 12  ? 6.473   -2.635  8.115   1.00 13.78 ? 12  ILE A CA  1 
ATOM   66  C C   . ILE A 1 12  ? 6.841   -1.176  8.151   1.00 13.70 ? 12  ILE A C   1 
ATOM   67  O O   . ILE A 1 12  ? 6.891   -0.492  7.104   1.00 13.25 ? 12  ILE A O   1 
ATOM   68  C CB  . ILE A 1 12  ? 4.975   -2.873  8.478   1.00 15.22 ? 12  ILE A CB  1 
ATOM   69  C CG1 . ILE A 1 12  ? 4.567   -4.308  8.182   1.00 17.16 ? 12  ILE A CG1 1 
ATOM   70  C CG2 . ILE A 1 12  ? 4.059   -1.844  7.766   1.00 16.04 ? 12  ILE A CG2 1 
ATOM   71  C CD1 . ILE A 1 12  ? 3.314   -4.638  8.922   1.00 20.15 ? 12  ILE A CD1 1 
ATOM   72  N N   . ARG A 1 13  ? 7.081   -0.667  9.357   1.00 14.09 ? 13  ARG A N   1 
ATOM   73  C CA  . ARG A 1 13  ? 7.477   0.744   9.395   1.00 13.94 ? 13  ARG A CA  1 
ATOM   74  C C   . ARG A 1 13  ? 8.729   0.971   8.587   1.00 14.92 ? 13  ARG A C   1 
ATOM   75  O O   . ARG A 1 13  ? 8.848   2.009   7.888   1.00 15.66 ? 13  ARG A O   1 
ATOM   76  C CB  . ARG A 1 13  ? 7.688   1.137   10.837  1.00 17.18 ? 13  ARG A CB  1 
ATOM   77  C CG  . ARG A 1 13  ? 6.439   1.072   11.653  1.00 18.78 ? 13  ARG A CG  1 
ATOM   78  C CD  . ARG A 1 13  ? 6.764   1.700   13.020  1.00 23.19 ? 13  ARG A CD  1 
ATOM   79  N NE  . ARG A 1 13  ? 5.705   1.442   13.976  1.00 21.96 ? 13  ARG A NE  1 
ATOM   80  C CZ  . ARG A 1 13  ? 4.521   2.033   13.989  1.00 18.30 ? 13  ARG A CZ  1 
ATOM   81  N NH1 . ARG A 1 13  ? 4.255   2.995   13.111  1.00 21.48 ? 13  ARG A NH1 1 
ATOM   82  N NH2 . ARG A 1 13  ? 3.645   1.689   14.903  1.00 20.49 ? 13  ARG A NH2 1 
ATOM   83  N N   . LYS A 1 14  ? 9.705   0.078   8.661   1.00 14.23 ? 14  LYS A N   1 
ATOM   84  C CA  . LYS A 1 14  ? 10.915  0.289   7.867   1.00 16.02 ? 14  LYS A CA  1 
ATOM   85  C C   . LYS A 1 14  ? 10.632  0.197   6.374   1.00 14.77 ? 14  LYS A C   1 
ATOM   86  O O   . LYS A 1 14  ? 11.096  1.023   5.555   1.00 15.69 ? 14  LYS A O   1 
ATOM   87  C CB  . LYS A 1 14  ? 11.941  -0.739  8.251   1.00 17.87 ? 14  LYS A CB  1 
ATOM   88  C CG  . LYS A 1 14  ? 13.300  -0.541  7.671   1.00 24.62 ? 14  LYS A CG  1 
ATOM   89  C CD  . LYS A 1 14  ? 14.291  -1.640  8.215   1.00 30.01 ? 14  LYS A CD  1 
ATOM   90  C CE  . LYS A 1 14  ? 15.768  -1.234  7.961   1.00 35.81 ? 14  LYS A CE  1 
ATOM   91  N NZ  . LYS A 1 14  ? 16.138  -1.667  6.588   1.00 38.35 ? 14  LYS A NZ  1 
ATOM   92  N N   . THR A 1 15  ? 9.825   -0.733  5.942   1.00 13.79 ? 15  THR A N   1 
ATOM   93  C CA  . THR A 1 15  ? 9.494   -0.893  4.546   1.00 13.11 ? 15  THR A CA  1 
ATOM   94  C C   . THR A 1 15  ? 8.848   0.386   3.983   1.00 12.86 ? 15  THR A C   1 
ATOM   95  O O   . THR A 1 15  ? 9.185   0.876   2.899   1.00 13.61 ? 15  THR A O   1 
ATOM   96  C CB  . THR A 1 15  ? 8.546   -2.062  4.363   1.00 13.38 ? 15  THR A CB  1 
ATOM   97  O OG1 . THR A 1 15  ? 9.249   -3.256  4.705   1.00 14.36 ? 15  THR A OG1 1 
ATOM   98  C CG2 . THR A 1 15  ? 7.948   -2.139  3.012   1.00 13.78 ? 15  THR A CG2 1 
ATOM   99  N N   . VAL A 1 16  ? 7.859   0.943   4.708   1.00 12.61 ? 16  VAL A N   1 
ATOM   100 C CA  . VAL A 1 16  ? 7.121   2.060   4.117   1.00 12.75 ? 16  VAL A CA  1 
ATOM   101 C C   . VAL A 1 16  ? 7.935   3.360   4.200   1.00 14.62 ? 16  VAL A C   1 
ATOM   102 O O   . VAL A 1 16  ? 7.703   4.270   3.387   1.00 15.15 ? 16  VAL A O   1 
ATOM   103 C CB  . VAL A 1 16  ? 5.723   2.217   4.724   1.00 12.32 ? 16  VAL A CB  1 
ATOM   104 C CG1 . VAL A 1 16  ? 4.915   0.930   4.564   1.00 12.92 ? 16  VAL A CG1 1 
ATOM   105 C CG2 . VAL A 1 16  ? 5.738   2.645   6.182   1.00 14.47 ? 16  VAL A CG2 1 
ATOM   106 N N   A THR A 1 17  ? 8.896   3.474   5.107   0.50 16.09 ? 17  THR A N   1 
ATOM   107 N N   B THR A 1 17  ? 8.877   3.453   5.128   0.50 15.22 ? 17  THR A N   1 
ATOM   108 C CA  A THR A 1 17  ? 9.733   4.689   5.084   0.50 19.06 ? 17  THR A CA  1 
ATOM   109 C CA  B THR A 1 17  ? 9.727   4.642   5.197   0.50 17.70 ? 17  THR A CA  1 
ATOM   110 C C   A THR A 1 17  ? 10.852  4.614   4.075   0.50 19.67 ? 17  THR A C   1 
ATOM   111 C C   B THR A 1 17  ? 10.726  4.608   4.028   0.50 18.39 ? 17  THR A C   1 
ATOM   112 O O   A THR A 1 17  ? 11.478  5.645   3.759   0.50 21.66 ? 17  THR A O   1 
ATOM   113 O O   B THR A 1 17  ? 11.094  5.675   3.507   0.50 21.40 ? 17  THR A O   1 
ATOM   114 C CB  A THR A 1 17  ? 10.236  5.106   6.426   0.50 20.94 ? 17  THR A CB  1 
ATOM   115 C CB  B THR A 1 17  ? 10.372  4.816   6.564   0.50 18.93 ? 17  THR A CB  1 
ATOM   116 O OG1 A THR A 1 17  ? 11.149  4.118   6.954   0.50 23.09 ? 17  THR A OG1 1 
ATOM   117 O OG1 B THR A 1 17  ? 9.409   4.499   7.542   0.50 24.69 ? 17  THR A OG1 1 
ATOM   118 C CG2 A THR A 1 17  ? 9.049   5.353   7.269   0.50 21.76 ? 17  THR A CG2 1 
ATOM   119 C CG2 B THR A 1 17  ? 10.796  6.285   6.778   0.50 17.82 ? 17  THR A CG2 1 
ATOM   120 N N   . GLU A 1 18  ? 11.191  3.424   3.630   1.00 17.56 ? 18  GLU A N   1 
ATOM   121 C CA  . GLU A 1 18  ? 12.303  3.257   2.725   1.00 19.36 ? 18  GLU A CA  1 
ATOM   122 C C   . GLU A 1 18  ? 11.827  3.254   1.276   1.00 19.22 ? 18  GLU A C   1 
ATOM   123 O O   . GLU A 1 18  ? 12.641  3.285   0.355   1.00 23.00 ? 18  GLU A O   1 
ATOM   124 C CB  . GLU A 1 18  ? 13.134  1.995   3.046   1.00 20.76 ? 18  GLU A CB  1 
ATOM   125 C CG  . GLU A 1 18  ? 13.874  2.107   4.386   1.00 23.02 ? 18  GLU A CG  1 
ATOM   126 C CD  . GLU A 1 18  ? 14.649  0.878   4.753   1.00 27.24 ? 18  GLU A CD  1 
ATOM   127 O OE1 . GLU A 1 18  ? 14.368  -0.209  4.166   1.00 30.76 ? 18  GLU A OE1 1 
ATOM   128 O OE2 . GLU A 1 18  ? 15.536  1.008   5.665   1.00 34.00 ? 18  GLU A OE2 1 
ATOM   129 N N   . ASN A 1 19  ? 10.531  3.087   1.009   1.00 16.78 ? 19  ASN A N   1 
ATOM   130 C CA  . ASN A 1 19  ? 9.993   2.881   -0.333  1.00 16.22 ? 19  ASN A CA  1 
ATOM   131 C C   . ASN A 1 19  ? 8.893   3.910   -0.574  1.00 15.48 ? 19  ASN A C   1 
ATOM   132 O O   . ASN A 1 19  ? 7.981   4.002   0.224   1.00 17.33 ? 19  ASN A O   1 
ATOM   133 C CB  . ASN A 1 19  ? 9.450   1.422   -0.492  1.00 16.68 ? 19  ASN A CB  1 
ATOM   134 C CG  . ASN A 1 19  ? 10.559  0.465   -0.451  1.00 17.62 ? 19  ASN A CG  1 
ATOM   135 O OD1 . ASN A 1 19  ? 11.232  0.195   -1.464  1.00 24.12 ? 19  ASN A OD1 1 
ATOM   136 N ND2 . ASN A 1 19  ? 10.832  -0.081  0.726   1.00 18.68 ? 19  ASN A ND2 1 
ATOM   137 N N   . THR A 1 20  ? 8.951   4.639   -1.695  1.00 15.28 ? 20  THR A N   1 
ATOM   138 C CA  . THR A 1 20  ? 8.039   5.746   -1.905  1.00 15.02 ? 20  THR A CA  1 
ATOM   139 C C   . THR A 1 20  ? 6.620   5.278   -1.941  1.00 12.37 ? 20  THR A C   1 
ATOM   140 O O   . THR A 1 20  ? 5.783   5.889   -1.335  1.00 13.27 ? 20  THR A O   1 
ATOM   141 C CB  . THR A 1 20  ? 8.400   6.524   -3.168  1.00 18.22 ? 20  THR A CB  1 
ATOM   142 O OG1 . THR A 1 20  ? 9.737   6.991   -3.012  1.00 24.89 ? 20  THR A OG1 1 
ATOM   143 C CG2 . THR A 1 20  ? 7.517   7.706   -3.280  1.00 21.97 ? 20  THR A CG2 1 
ATOM   144 N N   . VAL A 1 21  ? 6.347   4.212   -2.655  1.00 10.79 ? 21  VAL A N   1 
ATOM   145 C CA  . VAL A 1 21  ? 4.964   3.684   -2.721  1.00 10.35 ? 21  VAL A CA  1 
ATOM   146 C C   . VAL A 1 21  ? 5.025   2.240   -2.383  1.00 9.13  ? 21  VAL A C   1 
ATOM   147 O O   . VAL A 1 21  ? 5.828   1.465   -2.968  1.00 10.32 ? 21  VAL A O   1 
ATOM   148 C CB  . VAL A 1 21  ? 4.286   3.890   -4.086  1.00 10.81 ? 21  VAL A CB  1 
ATOM   149 C CG1 . VAL A 1 21  ? 2.845   3.258   -4.047  1.00 11.97 ? 21  VAL A CG1 1 
ATOM   150 C CG2 . VAL A 1 21  ? 4.245   5.398   -4.461  1.00 13.70 ? 21  VAL A CG2 1 
ATOM   151 N N   . VAL A 1 22  ? 4.228   1.799   -1.419  1.00 9.02  ? 22  VAL A N   1 
ATOM   152 C CA  . VAL A 1 22  ? 4.148   0.396   -1.024  1.00 9.30  ? 22  VAL A CA  1 
ATOM   153 C C   . VAL A 1 22  ? 2.695   -0.022  -1.143  1.00 8.35  ? 22  VAL A C   1 
ATOM   154 O O   . VAL A 1 22  ? 1.791   0.669   -0.635  1.00 9.30  ? 22  VAL A O   1 
ATOM   155 C CB  . VAL A 1 22  ? 4.692   0.133   0.392   1.00 9.48  ? 22  VAL A CB  1 
ATOM   156 C CG1 . VAL A 1 22  ? 4.557   -1.351  0.750   1.00 10.51 ? 22  VAL A CG1 1 
ATOM   157 C CG2 . VAL A 1 22  ? 6.105   0.663   0.537   1.00 10.95 ? 22  VAL A CG2 1 
ATOM   158 N N   . ILE A 1 23  ? 2.419   -1.140  -1.791  1.00 8.40  ? 23  ILE A N   1 
ATOM   159 C CA  . ILE A 1 23  ? 1.080   -1.671  -1.904  1.00 7.99  ? 23  ILE A CA  1 
ATOM   160 C C   . ILE A 1 23  ? 1.055   -3.067  -1.294  1.00 7.53  ? 23  ILE A C   1 
ATOM   161 O O   . ILE A 1 23  ? 1.694   -3.987  -1.862  1.00 8.51  ? 23  ILE A O   1 
ATOM   162 C CB  . ILE A 1 23  ? 0.610   -1.750  -3.389  1.00 8.22  ? 23  ILE A CB  1 
ATOM   163 C CG1 . ILE A 1 23  ? 0.745   -0.397  -4.066  1.00 10.02 ? 23  ILE A CG1 1 
ATOM   164 C CG2 . ILE A 1 23  ? -0.841  -2.260  -3.404  1.00 9.46  ? 23  ILE A CG2 1 
ATOM   165 C CD1 . ILE A 1 23  ? 0.563   -0.490  -5.584  1.00 12.34 ? 23  ILE A CD1 1 
ATOM   166 N N   . TYR A 1 24  ? 0.397   -3.253  -0.167  1.00 7.64  ? 24  TYR A N   1 
ATOM   167 C CA  . TYR A 1 24  ? 0.121   -4.560  0.359   1.00 7.80  ? 24  TYR A CA  1 
ATOM   168 C C   . TYR A 1 24  ? -1.114  -5.069  -0.380  1.00 7.60  ? 24  TYR A C   1 
ATOM   169 O O   . TYR A 1 24  ? -2.163  -4.395  -0.421  1.00 8.66  ? 24  TYR A O   1 
ATOM   170 C CB  . TYR A 1 24  ? -0.068  -4.519  1.880   1.00 9.02  ? 24  TYR A CB  1 
ATOM   171 C CG  . TYR A 1 24  ? 1.200   -4.175  2.589   1.00 8.23  ? 24  TYR A CG  1 
ATOM   172 C CD1 . TYR A 1 24  ? 2.138   -5.147  2.906   1.00 9.74  ? 24  TYR A CD1 1 
ATOM   173 C CD2 . TYR A 1 24  ? 1.497   -2.853  2.963   1.00 9.34  ? 24  TYR A CD2 1 
ATOM   174 C CE1 . TYR A 1 24  ? 3.350   -4.816  3.536   1.00 10.23 ? 24  TYR A CE1 1 
ATOM   175 C CE2 . TYR A 1 24  ? 2.681   -2.505  3.577   1.00 10.19 ? 24  TYR A CE2 1 
ATOM   176 C CZ  . TYR A 1 24  ? 3.577   -3.501  3.869   1.00 10.54 ? 24  TYR A CZ  1 
ATOM   177 O OH  . TYR A 1 24  ? 4.801   -3.167  4.422   1.00 12.69 ? 24  TYR A OH  1 
ATOM   178 N N   . SER A 1 25  ? -0.964  -6.212  -1.051  1.00 7.86  ? 25  SER A N   1 
ATOM   179 C CA  . SER A 1 25  ? -1.852  -6.644  -2.108  1.00 7.73  ? 25  SER A CA  1 
ATOM   180 C C   . SER A 1 25  ? -2.210  -8.126  -1.960  1.00 7.78  ? 25  SER A C   1 
ATOM   181 O O   . SER A 1 25  ? -1.625  -8.821  -1.155  1.00 8.37  ? 25  SER A O   1 
ATOM   182 C CB  . SER A 1 25  ? -1.077  -6.360  -3.427  1.00 8.45  ? 25  SER A CB  1 
ATOM   183 O OG  . SER A 1 25  ? -1.727  -6.798  -4.601  1.00 9.13  ? 25  SER A OG  1 
ATOM   184 N N   . LYS A 1 26  ? -3.163  -8.548  -2.789  1.00 8.43  ? 26  LYS A N   1 
ATOM   185 C CA  . LYS A 1 26  ? -3.311  -10.008 -3.092  1.00 8.30  ? 26  LYS A CA  1 
ATOM   186 C C   . LYS A 1 26  ? -3.410  -10.131 -4.570  1.00 8.70  ? 26  LYS A C   1 
ATOM   187 O O   . LYS A 1 26  ? -4.015  -9.310  -5.259  1.00 9.30  ? 26  LYS A O   1 
ATOM   188 C CB  . LYS A 1 26  ? -4.508  -10.612 -2.377  1.00 9.82  ? 26  LYS A CB  1 
ATOM   189 C CG  . LYS A 1 26  ? -4.265  -10.687 -0.873  1.00 9.85  ? 26  LYS A CG  1 
ATOM   190 C CD  . LYS A 1 26  ? -5.387  -11.297 -0.120  1.00 12.17 ? 26  LYS A CD  1 
ATOM   191 C CE  . LYS A 1 26  ? -5.047  -11.338 1.347   1.00 14.62 ? 26  LYS A CE  1 
ATOM   192 N NZ  . LYS A 1 26  ? -6.169  -12.031 2.044   1.00 19.92 ? 26  LYS A NZ  1 
ATOM   193 N N   . THR A 1 27  ? -2.828  -11.209 -5.106  1.00 9.73  ? 27  THR A N   1 
ATOM   194 C CA  . THR A 1 27  ? -2.685  -11.323 -6.538  1.00 10.15 ? 27  THR A CA  1 
ATOM   195 C C   . THR A 1 27  ? -4.019  -11.412 -7.277  1.00 10.84 ? 27  THR A C   1 
ATOM   196 O O   . THR A 1 27  ? -4.108  -11.034 -8.438  1.00 12.86 ? 27  THR A O   1 
ATOM   197 C CB  . THR A 1 27  ? -1.870  -12.542 -6.927  1.00 11.28 ? 27  THR A CB  1 
ATOM   198 O OG1 . THR A 1 27  ? -2.487  -13.745 -6.468  1.00 12.75 ? 27  THR A OG1 1 
ATOM   199 C CG2 . THR A 1 27  ? -0.439  -12.458 -6.446  1.00 12.48 ? 27  THR A CG2 1 
ATOM   200 N N   . TRP A 1 28  ? -5.047  -11.964 -6.614  1.00 10.08 ? 28  TRP A N   1 
ATOM   201 C CA  . TRP A 1 28  ? -6.363  -12.156 -7.239  1.00 11.46 ? 28  TRP A CA  1 
ATOM   202 C C   . TRP A 1 28  ? -7.256  -10.972 -7.121  1.00 10.38 ? 28  TRP A C   1 
ATOM   203 O O   . TRP A 1 28  ? -8.340  -11.012 -7.668  1.00 12.38 ? 28  TRP A O   1 
ATOM   204 C CB  . TRP A 1 28  ? -7.019  -13.429 -6.623  1.00 12.94 ? 28  TRP A CB  1 
ATOM   205 C CG  . TRP A 1 28  ? -7.064  -13.367 -5.134  1.00 12.16 ? 28  TRP A CG  1 
ATOM   206 C CD1 . TRP A 1 28  ? -6.237  -14.037 -4.294  1.00 13.52 ? 28  TRP A CD1 1 
ATOM   207 C CD2 . TRP A 1 28  ? -8.006  -12.676 -4.285  1.00 11.21 ? 28  TRP A CD2 1 
ATOM   208 N NE1 . TRP A 1 28  ? -6.577  -13.792 -2.969  1.00 12.36 ? 28  TRP A NE1 1 
ATOM   209 C CE2 . TRP A 1 28  ? -7.657  -12.954 -2.946  1.00 11.54 ? 28  TRP A CE2 1 
ATOM   210 C CE3 . TRP A 1 28  ? -9.133  -11.840 -4.514  1.00 11.57 ? 28  TRP A CE3 1 
ATOM   211 C CZ2 . TRP A 1 28  ? -8.388  -12.410 -1.868  1.00 12.49 ? 28  TRP A CZ2 1 
ATOM   212 C CZ3 . TRP A 1 28  ? -9.837  -11.332 -3.450  1.00 11.62 ? 28  TRP A CZ3 1 
ATOM   213 C CH2 . TRP A 1 28  ? -9.463  -11.599 -2.138  1.00 12.94 ? 28  TRP A CH2 1 
ATOM   214 N N   . CYS A 1 29  ? -6.875  -9.946  -6.353  1.00 9.61  ? 29  CYS A N   1 
ATOM   215 C CA  . CYS A 1 29  ? -7.837  -8.868  -6.038  1.00 9.99  ? 29  CYS A CA  1 
ATOM   216 C C   . CYS A 1 29  ? -7.851  -7.786  -7.097  1.00 8.89  ? 29  CYS A C   1 
ATOM   217 O O   . CYS A 1 29  ? -6.860  -7.126  -7.398  1.00 9.91  ? 29  CYS A O   1 
ATOM   218 C CB  . CYS A 1 29  ? -7.412  -8.284  -4.710  1.00 10.49 ? 29  CYS A CB  1 
ATOM   219 S SG  . CYS A 1 29  ? -8.403  -6.827  -4.215  1.00 12.23 ? 29  CYS A SG  1 
ATOM   220 N N   . SER A 1 30  ? -9.045  -7.576  -7.676  1.00 10.38 ? 30  SER A N   1 
ATOM   221 C CA  . SER A 1 30  ? -9.221  -6.630  -8.752  1.00 11.04 ? 30  SER A CA  1 
ATOM   222 C C   . SER A 1 30  ? -8.867  -5.218  -8.301  1.00 9.31  ? 30  SER A C   1 
ATOM   223 O O   . SER A 1 30  ? -8.335  -4.449  -9.090  1.00 11.08 ? 30  SER A O   1 
ATOM   224 C CB  . SER A 1 30  ? -10.612 -6.671  -9.265  1.00 13.87 ? 30  SER A CB  1 
ATOM   225 O OG  . SER A 1 30  ? -11.564 -6.335  -8.288  1.00 18.86 ? 30  SER A OG  1 
ATOM   226 N N   . TYR A 1 31  ? -9.165  -4.872  -7.045  1.00 10.13 ? 31  TYR A N   1 
ATOM   227 C CA  . TYR A 1 31  ? -8.857  -3.517  -6.582  1.00 9.61  ? 31  TYR A CA  1 
ATOM   228 C C   . TYR A 1 31  ? -7.377  -3.283  -6.454  1.00 8.65  ? 31  TYR A C   1 
ATOM   229 O O   . TYR A 1 31  ? -6.872  -2.160  -6.615  1.00 9.40  ? 31  TYR A O   1 
ATOM   230 C CB  . TYR A 1 31  ? -9.575  -3.273  -5.193  1.00 10.94 ? 31  TYR A CB  1 
ATOM   231 C CG  . TYR A 1 31  ? -11.045 -3.121  -5.315  1.00 12.87 ? 31  TYR A CG  1 
ATOM   232 C CD1 . TYR A 1 31  ? -11.540 -1.944  -5.821  1.00 16.82 ? 31  TYR A CD1 1 
ATOM   233 C CD2 . TYR A 1 31  ? -11.893 -4.122  -4.852  1.00 13.11 ? 31  TYR A CD2 1 
ATOM   234 C CE1 . TYR A 1 31  ? -12.848 -1.730  -5.873  1.00 19.86 ? 31  TYR A CE1 1 
ATOM   235 C CE2 . TYR A 1 31  ? -13.255 -3.952  -4.975  1.00 17.77 ? 31  TYR A CE2 1 
ATOM   236 C CZ  . TYR A 1 31  ? -13.736 -2.749  -5.535  1.00 20.58 ? 31  TYR A CZ  1 
ATOM   237 O OH  . TYR A 1 31  ? -15.048 -2.472  -5.581  1.00 24.48 ? 31  TYR A OH  1 
ATOM   238 N N   . CYS A 1 32  ? -6.602  -4.344  -6.147  1.00 8.53  ? 32  CYS A N   1 
ATOM   239 C CA  . CYS A 1 32  ? -5.152  -4.284  -6.128  1.00 8.22  ? 32  CYS A CA  1 
ATOM   240 C C   . CYS A 1 32  ? -4.609  -4.094  -7.525  1.00 8.77  ? 32  CYS A C   1 
ATOM   241 O O   . CYS A 1 32  ? -3.764  -3.205  -7.747  1.00 9.64  ? 32  CYS A O   1 
ATOM   242 C CB  . CYS A 1 32  ? -4.587  -5.532  -5.499  1.00 9.57  ? 32  CYS A CB  1 
ATOM   243 S SG  . CYS A 1 32  ? -4.866  -5.691  -3.751  1.00 9.28  ? 32  CYS A SG  1 
ATOM   244 N N   . THR A 1 33  ? -5.150  -4.852  -8.508  1.00 10.08 ? 33  THR A N   1 
ATOM   245 C CA  . THR A 1 33  ? -4.724  -4.670  -9.883  1.00 10.54 ? 33  THR A CA  1 
ATOM   246 C C   . THR A 1 33  ? -4.985  -3.240  -10.329 1.00 10.36 ? 33  THR A C   1 
ATOM   247 O O   . THR A 1 33  ? -4.193  -2.585  -10.988 1.00 11.36 ? 33  THR A O   1 
ATOM   248 C CB  . THR A 1 33  ? -5.416  -5.714  -10.744 1.00 11.24 ? 33  THR A CB  1 
ATOM   249 O OG1 . THR A 1 33  ? -4.995  -6.962  -10.266 1.00 12.50 ? 33  THR A OG1 1 
ATOM   250 C CG2 . THR A 1 33  ? -5.088  -5.460  -12.229 1.00 14.37 ? 33  THR A CG2 1 
ATOM   251 N N   . GLU A 1 34  ? -6.178  -2.716  -9.988  1.00 10.96 ? 34  GLU A N   1 
ATOM   252 C CA  . GLU A 1 34  ? -6.578  -1.401  -10.353 1.00 11.44 ? 34  GLU A CA  1 
ATOM   253 C C   . GLU A 1 34  ? -5.602  -0.344  -9.810  1.00 10.27 ? 34  GLU A C   1 
ATOM   254 O O   . GLU A 1 34  ? -5.157  0.532   -10.539 1.00 12.28 ? 34  GLU A O   1 
ATOM   255 C CB  . GLU A 1 34  ? -7.993  -1.180  -9.886  1.00 13.37 ? 34  GLU A CB  1 
ATOM   256 C CG  . GLU A 1 34  ? -8.608  0.150   -10.262 1.00 16.59 ? 34  GLU A CG  1 
ATOM   257 C CD  . GLU A 1 34  ? -10.061 0.326   -9.812  1.00 15.94 ? 34  GLU A CD  1 
ATOM   258 O OE1 . GLU A 1 34  ? -10.718 -0.649  -9.408  1.00 17.09 ? 34  GLU A OE1 1 
ATOM   259 O OE2 . GLU A 1 34  ? -10.449 1.464   -9.750  1.00 19.75 ? 34  GLU A OE2 1 
ATOM   260 N N   A VAL A 1 35  ? -5.250  -0.437  -8.537  0.50 8.90  ? 35  VAL A N   1 
ATOM   261 N N   B VAL A 1 35  ? -5.247  -0.414  -8.516  0.50 10.10 ? 35  VAL A N   1 
ATOM   262 C CA  A VAL A 1 35  ? -4.365  0.554   -7.966  0.50 9.39  ? 35  VAL A CA  1 
ATOM   263 C CA  B VAL A 1 35  ? -4.282  0.550   -7.910  0.50 11.72 ? 35  VAL A CA  1 
ATOM   264 C C   A VAL A 1 35  ? -2.897  0.404   -8.488  0.50 9.16  ? 35  VAL A C   1 
ATOM   265 C C   B VAL A 1 35  ? -2.880  0.411   -8.508  0.50 10.42 ? 35  VAL A C   1 
ATOM   266 O O   A VAL A 1 35  ? -2.204  1.422   -8.679  0.50 10.39 ? 35  VAL A O   1 
ATOM   267 O O   B VAL A 1 35  ? -2.195  1.426   -8.718  0.50 11.29 ? 35  VAL A O   1 
ATOM   268 C CB  A VAL A 1 35  ? -4.496  0.594   -6.455  0.50 8.04  ? 35  VAL A CB  1 
ATOM   269 C CB  B VAL A 1 35  ? -4.170  0.405   -6.385  0.50 11.49 ? 35  VAL A CB  1 
ATOM   270 C CG1 A VAL A 1 35  ? -3.551  -0.389  -5.763  0.50 6.99  ? 35  VAL A CG1 1 
ATOM   271 C CG1 B VAL A 1 35  ? -2.953  1.227   -5.793  0.50 14.89 ? 35  VAL A CG1 1 
ATOM   272 C CG2 A VAL A 1 35  ? -4.226  2.026   -5.987  0.50 7.44  ? 35  VAL A CG2 1 
ATOM   273 C CG2 B VAL A 1 35  ? -5.362  0.939   -5.817  0.50 14.28 ? 35  VAL A CG2 1 
ATOM   274 N N   . LYS A 1 36  ? -2.437  -0.820  -8.789  1.00 9.98  ? 36  LYS A N   1 
ATOM   275 C CA  . LYS A 1 36  ? -1.186  -1.040  -9.461  1.00 10.59 ? 36  LYS A CA  1 
ATOM   276 C C   . LYS A 1 36  ? -1.143  -0.294  -10.793 1.00 10.60 ? 36  LYS A C   1 
ATOM   277 O O   . LYS A 1 36  ? -0.190  0.368   -11.131 1.00 11.91 ? 36  LYS A O   1 
ATOM   278 C CB  . LYS A 1 36  ? -0.892  -2.470  -9.616  1.00 11.19 ? 36  LYS A CB  1 
ATOM   279 C CG  . LYS A 1 36  ? -0.566  -3.247  -8.424  1.00 11.95 ? 36  LYS A CG  1 
ATOM   280 C CD  . LYS A 1 36  ? -0.739  -4.734  -8.709  1.00 13.92 ? 36  LYS A CD  1 
ATOM   281 C CE  . LYS A 1 36  ? -0.469  -5.659  -7.586  1.00 13.91 ? 36  LYS A CE  1 
ATOM   282 N NZ  . LYS A 1 36  ? -0.808  -7.076  -7.871  1.00 11.44 ? 36  LYS A NZ  1 
ATOM   283 N N   . THR A 1 37  ? -2.247  -0.430  -11.545 1.00 10.90 ? 37  THR A N   1 
ATOM   284 C CA  . THR A 1 37  ? -2.330  0.224   -12.842 1.00 12.77 ? 37  THR A CA  1 
ATOM   285 C C   . THR A 1 37  ? -2.323  1.734   -12.682 1.00 11.73 ? 37  THR A C   1 
ATOM   286 O O   . THR A 1 37  ? -1.679  2.433   -13.472 1.00 13.89 ? 37  THR A O   1 
ATOM   287 C CB  . THR A 1 37  ? -3.520  -0.314  -13.578 1.00 12.99 ? 37  THR A CB  1 
ATOM   288 O OG1 . THR A 1 37  ? -3.266  -1.679  -13.849 1.00 15.66 ? 37  THR A OG1 1 
ATOM   289 C CG2 . THR A 1 37  ? -3.813  0.421   -14.855 1.00 15.90 ? 37  THR A CG2 1 
ATOM   290 N N   A LEU A 1 38  ? -3.040  2.289   -11.690 0.50 12.09 ? 38  LEU A N   1 
ATOM   291 N N   B LEU A 1 38  ? -3.046  2.291   -11.687 0.50 12.08 ? 38  LEU A N   1 
ATOM   292 C CA  A LEU A 1 38  ? -3.053  3.731   -11.499 0.50 12.17 ? 38  LEU A CA  1 
ATOM   293 C CA  B LEU A 1 38  ? -3.056  3.741   -11.444 0.50 12.31 ? 38  LEU A CA  1 
ATOM   294 C C   A LEU A 1 38  ? -1.616  4.217   -11.262 0.50 11.84 ? 38  LEU A C   1 
ATOM   295 C C   B LEU A 1 38  ? -1.616  4.219   -11.253 0.50 11.95 ? 38  LEU A C   1 
ATOM   296 O O   A LEU A 1 38  ? -1.183  5.204   -11.893 0.50 14.04 ? 38  LEU A O   1 
ATOM   297 O O   B LEU A 1 38  ? -1.185  5.201   -11.897 0.50 14.12 ? 38  LEU A O   1 
ATOM   298 C CB  A LEU A 1 38  ? -3.958  4.047   -10.327 0.50 12.88 ? 38  LEU A CB  1 
ATOM   299 C CB  B LEU A 1 38  ? -3.903  4.022   -10.195 0.50 12.69 ? 38  LEU A CB  1 
ATOM   300 C CG  A LEU A 1 38  ? -3.974  5.530   -9.993  0.50 12.42 ? 38  LEU A CG  1 
ATOM   301 C CG  B LEU A 1 38  ? -4.069  5.475   -9.740  0.50 13.19 ? 38  LEU A CG  1 
ATOM   302 C CD1 A LEU A 1 38  ? -4.455  6.422   -11.153 0.50 15.73 ? 38  LEU A CD1 1 
ATOM   303 C CD1 B LEU A 1 38  ? -5.325  5.629   -8.937  0.50 16.35 ? 38  LEU A CD1 1 
ATOM   304 C CD2 A LEU A 1 38  ? -4.826  5.727   -8.757  0.50 16.54 ? 38  LEU A CD2 1 
ATOM   305 C CD2 B LEU A 1 38  ? -2.924  5.920   -8.868  0.50 14.67 ? 38  LEU A CD2 1 
ATOM   306 N N   . PHE A 1 39  ? -0.821  3.551   -10.407 1.00 12.57 ? 39  PHE A N   1 
ATOM   307 C CA  . PHE A 1 39  ? 0.550   3.994   -10.185 1.00 12.20 ? 39  PHE A CA  1 
ATOM   308 C C   . PHE A 1 39  ? 1.381   3.815   -11.417 1.00 12.82 ? 39  PHE A C   1 
ATOM   309 O O   . PHE A 1 39  ? 2.186   4.737   -11.748 1.00 14.88 ? 39  PHE A O   1 
ATOM   310 C CB  . PHE A 1 39  ? 1.161   3.292   -8.949  1.00 12.06 ? 39  PHE A CB  1 
ATOM   311 C CG  . PHE A 1 39  ? 0.687   3.891   -7.663  1.00 11.32 ? 39  PHE A CG  1 
ATOM   312 C CD1 . PHE A 1 39  ? 1.112   5.138   -7.245  1.00 12.59 ? 39  PHE A CD1 1 
ATOM   313 C CD2 . PHE A 1 39  ? -0.208  3.193   -6.832  1.00 12.09 ? 39  PHE A CD2 1 
ATOM   314 C CE1 . PHE A 1 39  ? 0.667   5.694   -6.084  1.00 11.96 ? 39  PHE A CE1 1 
ATOM   315 C CE2 . PHE A 1 39  ? -0.627  3.752   -5.630  1.00 11.38 ? 39  PHE A CE2 1 
ATOM   316 C CZ  . PHE A 1 39  ? -0.151  5.001   -5.246  1.00 12.53 ? 39  PHE A CZ  1 
ATOM   317 N N   . LYS A 1 40  ? 1.189   2.772   -12.204 1.00 13.39 ? 40  LYS A N   1 
ATOM   318 C CA  . LYS A 1 40  ? 1.915   2.608   -13.449 1.00 15.86 ? 40  LYS A CA  1 
ATOM   319 C C   . LYS A 1 40  ? 1.634   3.773   -14.394 1.00 14.73 ? 40  LYS A C   1 
ATOM   320 O O   . LYS A 1 40  ? 2.536   4.312   -15.037 1.00 18.07 ? 40  LYS A O   1 
ATOM   321 C CB  . LYS A 1 40  ? 1.562   1.274   -14.137 1.00 16.28 ? 40  LYS A CB  1 
ATOM   322 C CG  . LYS A 1 40  ? 2.341   1.039   -15.439 1.00 20.15 ? 40  LYS A CG  1 
ATOM   323 C CD  . LYS A 1 40  ? 2.044   -0.289  -16.096 1.00 24.62 ? 40  LYS A CD  1 
ATOM   324 C CE  . LYS A 1 40  ? 2.926   -0.281  -17.338 1.00 31.78 ? 40  LYS A CE  1 
ATOM   325 N NZ  . LYS A 1 40  ? 2.904   -1.570  -18.051 1.00 38.92 ? 40  LYS A NZ  1 
ATOM   326 N N   . ARG A 1 41  ? 0.377   4.193   -14.488 1.00 16.20 ? 41  ARG A N   1 
ATOM   327 C CA  . ARG A 1 41  ? -0.005  5.269   -15.409 1.00 19.64 ? 41  ARG A CA  1 
ATOM   328 C C   . ARG A 1 41  ? 0.661   6.573   -14.979 1.00 19.38 ? 41  ARG A C   1 
ATOM   329 O O   . ARG A 1 41  ? 0.940   7.445   -15.828 1.00 23.17 ? 41  ARG A O   1 
ATOM   330 C CB  . ARG A 1 41  ? -1.554  5.391   -15.515 1.00 20.12 ? 41  ARG A CB  1 
ATOM   331 C CG  . ARG A 1 41  ? -2.372  4.134   -15.996 1.00 26.24 ? 41  ARG A CG  1 
ATOM   332 C CD  . ARG A 1 41  ? -1.969  3.507   -17.323 1.00 29.93 ? 41  ARG A CD  1 
ATOM   333 N NE  . ARG A 1 41  ? -2.626  2.222   -17.614 1.00 27.87 ? 41  ARG A NE  1 
ATOM   334 C CZ  . ARG A 1 41  ? -2.003  1.205   -18.224 1.00 28.50 ? 41  ARG A CZ  1 
ATOM   335 N NH1 . ARG A 1 41  ? -2.588  0.016   -18.449 1.00 29.89 ? 41  ARG A NH1 1 
ATOM   336 N NH2 . ARG A 1 41  ? -0.717  1.371   -18.599 1.00 32.76 ? 41  ARG A NH2 1 
ATOM   337 N N   . LEU A 1 42  ? 0.964   6.744   -13.688 1.00 19.89 ? 42  LEU A N   1 
ATOM   338 C CA  . LEU A 1 42  ? 1.662   7.884   -13.133 1.00 21.16 ? 42  LEU A CA  1 
ATOM   339 C C   . LEU A 1 42  ? 3.187   7.813   -13.253 1.00 21.71 ? 42  LEU A C   1 
ATOM   340 O O   . LEU A 1 42  ? 3.844   8.710   -12.904 1.00 24.61 ? 42  LEU A O   1 
ATOM   341 C CB  . LEU A 1 42  ? 1.159   8.132   -11.687 1.00 21.59 ? 42  LEU A CB  1 
ATOM   342 C CG  . LEU A 1 42  ? -0.360  8.402   -11.503 1.00 23.12 ? 42  LEU A CG  1 
ATOM   343 C CD1 . LEU A 1 42  ? -0.712  8.471   -10.069 1.00 27.26 ? 42  LEU A CD1 1 
ATOM   344 C CD2 . LEU A 1 42  ? -0.809  9.686   -12.227 1.00 28.92 ? 42  LEU A CD2 1 
ATOM   345 N N   . GLY A 1 43  ? 3.752   6.717   -13.723 1.00 20.77 ? 43  GLY A N   1 
ATOM   346 C CA  . GLY A 1 43  ? 5.184   6.549   -13.832 1.00 21.25 ? 43  GLY A CA  1 
ATOM   347 C C   . GLY A 1 43  ? 5.815   6.082   -12.552 1.00 22.23 ? 43  GLY A C   1 
ATOM   348 O O   . GLY A 1 43  ? 7.003   6.241   -12.397 1.00 25.03 ? 43  GLY A O   1 
ATOM   349 N N   . VAL A 1 44  ? 5.049   5.477   -11.658 1.00 17.12 ? 44  VAL A N   1 
ATOM   350 C CA  . VAL A 1 44  ? 5.622   4.980   -10.417 1.00 18.41 ? 44  VAL A CA  1 
ATOM   351 C C   . VAL A 1 44  ? 5.836   3.492   -10.502 1.00 15.87 ? 44  VAL A C   1 
ATOM   352 O O   . VAL A 1 44  ? 4.909   2.800   -11.018 1.00 17.69 ? 44  VAL A O   1 
ATOM   353 C CB  . VAL A 1 44  ? 4.656   5.331   -9.225  1.00 18.10 ? 44  VAL A CB  1 
ATOM   354 C CG1 . VAL A 1 44  ? 5.125   4.704   -7.916  1.00 21.63 ? 44  VAL A CG1 1 
ATOM   355 C CG2 . VAL A 1 44  ? 4.569   6.846   -9.067  1.00 21.94 ? 44  VAL A CG2 1 
ATOM   356 N N   . GLN A 1 45  ? 6.861   2.952   -9.900  1.00 16.59 ? 45  GLN A N   1 
ATOM   357 C CA  . GLN A 1 45  ? 7.063   1.507   -9.765  1.00 17.27 ? 45  GLN A CA  1 
ATOM   358 C C   . GLN A 1 45  ? 6.921   1.166   -8.257  1.00 17.03 ? 45  GLN A C   1 
ATOM   359 O O   . GLN A 1 45  ? 7.927   1.236   -7.524  1.00 19.54 ? 45  GLN A O   1 
ATOM   360 C CB  . GLN A 1 45  ? 8.455   1.116   -10.230 1.00 20.72 ? 45  GLN A CB  1 
ATOM   361 C CG  . GLN A 1 45  ? 8.684   1.199   -11.799 1.00 31.73 ? 45  GLN A CG  1 
ATOM   362 C CD  . GLN A 1 45  ? 10.274  1.187   -12.193 1.00 42.74 ? 45  GLN A CD  1 
ATOM   363 O OE1 . GLN A 1 45  ? 10.756  0.277   -12.876 1.00 47.42 ? 45  GLN A OE1 1 
ATOM   364 N NE2 . GLN A 1 45  ? 11.043  2.194   -11.707 1.00 44.44 ? 45  GLN A NE2 1 
ATOM   365 N N   . PRO A 1 46  ? 5.715   0.776   -7.780  1.00 13.26 ? 46  PRO A N   1 
ATOM   366 C CA  . PRO A 1 46  ? 5.567   0.572   -6.366  1.00 11.56 ? 46  PRO A CA  1 
ATOM   367 C C   . PRO A 1 46  ? 6.304   -0.725  -5.903  1.00 10.52 ? 46  PRO A C   1 
ATOM   368 O O   . PRO A 1 46  ? 6.500   -1.674  -6.716  1.00 12.94 ? 46  PRO A O   1 
ATOM   369 C CB  . PRO A 1 46  ? 4.082   0.372   -6.217  1.00 13.40 ? 46  PRO A CB  1 
ATOM   370 C CG  . PRO A 1 46  ? 3.591   -0.123  -7.618  1.00 19.58 ? 46  PRO A CG  1 
ATOM   371 C CD  . PRO A 1 46  ? 4.509   0.585   -8.589  1.00 14.88 ? 46  PRO A CD  1 
ATOM   372 N N   . LEU A 1 47  ? 6.578   -0.810  -4.630  1.00 10.01 ? 47  LEU A N   1 
ATOM   373 C CA  . LEU A 1 47  ? 6.910   -2.098  -4.005  1.00 9.30  ? 47  LEU A CA  1 
ATOM   374 C C   . LEU A 1 47  ? 5.602   -2.775  -3.713  1.00 8.53  ? 47  LEU A C   1 
ATOM   375 O O   . LEU A 1 47  ? 4.728   -2.207  -3.051  1.00 10.21 ? 47  LEU A O   1 
ATOM   376 C CB  . LEU A 1 47  ? 7.664   -1.870  -2.717  1.00 10.51 ? 47  LEU A CB  1 
ATOM   377 C CG  . LEU A 1 47  ? 7.813   -3.107  -1.811  1.00 12.29 ? 47  LEU A CG  1 
ATOM   378 C CD1 . LEU A 1 47  ? 8.643   -4.217  -2.506  1.00 14.03 ? 47  LEU A CD1 1 
ATOM   379 C CD2 . LEU A 1 47  ? 8.546   -2.695  -0.536  1.00 16.06 ? 47  LEU A CD2 1 
ATOM   380 N N   . VAL A 1 48  ? 5.418   -4.001  -4.216  1.00 8.39  ? 48  VAL A N   1 
ATOM   381 C CA  . VAL A 1 48  ? 4.220   -4.797  -4.009  1.00 8.70  ? 48  VAL A CA  1 
ATOM   382 C C   . VAL A 1 48  ? 4.525   -5.937  -3.081  1.00 7.56  ? 48  VAL A C   1 
ATOM   383 O O   . VAL A 1 48  ? 5.515   -6.664  -3.320  1.00 8.92  ? 48  VAL A O   1 
ATOM   384 C CB  . VAL A 1 48  ? 3.652   -5.281  -5.342  1.00 9.29  ? 48  VAL A CB  1 
ATOM   385 C CG1 . VAL A 1 48  ? 2.439   -6.192  -5.117  1.00 13.20 ? 48  VAL A CG1 1 
ATOM   386 C CG2 . VAL A 1 48  ? 3.309   -4.130  -6.258  1.00 11.93 ? 48  VAL A CG2 1 
ATOM   387 N N   . VAL A 1 49  ? 3.725   -6.154  -2.080  1.00 8.45  ? 49  VAL A N   1 
ATOM   388 C CA  . VAL A 1 49  ? 3.824   -7.295  -1.173  1.00 8.71  ? 49  VAL A CA  1 
ATOM   389 C C   . VAL A 1 49  ? 2.554   -8.083  -1.294  1.00 8.24  ? 49  VAL A C   1 
ATOM   390 O O   . VAL A 1 49  ? 1.489   -7.607  -0.863  1.00 8.82  ? 49  VAL A O   1 
ATOM   391 C CB  . VAL A 1 49  ? 4.075   -6.840  0.287   1.00 9.29  ? 49  VAL A CB  1 
ATOM   392 C CG1 . VAL A 1 49  ? 4.121   -8.080  1.193   1.00 11.43 ? 49  VAL A CG1 1 
ATOM   393 C CG2 . VAL A 1 49  ? 5.361   -6.020  0.363   1.00 11.66 ? 49  VAL A CG2 1 
ATOM   394 N N   . GLU A 1 50  ? 2.619   -9.273  -1.897  1.00 8.63  ? 50  GLU A N   1 
ATOM   395 C CA  . GLU A 1 50  ? 1.436   -10.072 -2.143  1.00 9.07  ? 50  GLU A CA  1 
ATOM   396 C C   . GLU A 1 50  ? 1.168   -10.967 -0.956  1.00 9.09  ? 50  GLU A C   1 
ATOM   397 O O   . GLU A 1 50  ? 1.831   -12.006 -0.758  1.00 11.69 ? 50  GLU A O   1 
ATOM   398 C CB  . GLU A 1 50  ? 1.561   -10.911 -3.431  1.00 9.98  ? 50  GLU A CB  1 
ATOM   399 C CG  . GLU A 1 50  ? 1.735   -10.090 -4.677  1.00 9.23  ? 50  GLU A CG  1 
ATOM   400 C CD  . GLU A 1 50  ? 0.516   -9.343  -5.149  1.00 8.72  ? 50  GLU A CD  1 
ATOM   401 O OE1 . GLU A 1 50  ? -0.494  -9.230  -4.467  1.00 9.88  ? 50  GLU A OE1 1 
ATOM   402 O OE2 . GLU A 1 50  ? 0.603   -8.807  -6.289  1.00 10.27 ? 50  GLU A OE2 1 
ATOM   403 N N   . LEU A 1 51  ? 0.211   -10.579 -0.124  1.00 9.63  ? 51  LEU A N   1 
ATOM   404 C CA  . LEU A 1 51  ? -0.060  -11.257 1.131   1.00 10.35 ? 51  LEU A CA  1 
ATOM   405 C C   . LEU A 1 51  ? -0.551  -12.673 0.927   1.00 11.07 ? 51  LEU A C   1 
ATOM   406 O O   . LEU A 1 51  ? -0.481  -13.448 1.866   1.00 15.75 ? 51  LEU A O   1 
ATOM   407 C CB  . LEU A 1 51  ? -1.085  -10.433 1.948   1.00 12.43 ? 51  LEU A CB  1 
ATOM   408 C CG  . LEU A 1 51  ? -0.553  -9.022  2.397   1.00 13.61 ? 51  LEU A CG  1 
ATOM   409 C CD1 . LEU A 1 51  ? -1.721  -8.317  3.134   1.00 15.43 ? 51  LEU A CD1 1 
ATOM   410 C CD2 . LEU A 1 51  ? 0.698   -9.147  3.196   1.00 16.26 ? 51  LEU A CD2 1 
ATOM   411 N N   . ASP A 1 52  ? -1.118  -13.002 -0.221  1.00 10.62 ? 52  ASP A N   1 
ATOM   412 C CA  . ASP A 1 52  ? -1.596  -14.363 -0.506  1.00 12.80 ? 52  ASP A CA  1 
ATOM   413 C C   . ASP A 1 52  ? -0.495  -15.279 -0.922  1.00 12.83 ? 52  ASP A C   1 
ATOM   414 O O   . ASP A 1 52  ? -0.763  -16.469 -1.132  1.00 15.95 ? 52  ASP A O   1 
ATOM   415 C CB  . ASP A 1 52  ? -2.712  -14.327 -1.555  1.00 12.50 ? 52  ASP A CB  1 
ATOM   416 C CG  . ASP A 1 52  ? -2.327  -13.791 -2.916  1.00 11.35 ? 52  ASP A CG  1 
ATOM   417 O OD1 . ASP A 1 52  ? -1.574  -12.749 -2.939  1.00 11.26 ? 52  ASP A OD1 1 
ATOM   418 O OD2 . ASP A 1 52  ? -2.785  -14.307 -3.973  1.00 13.20 ? 52  ASP A OD2 1 
ATOM   419 N N   . GLN A 1 53  ? 0.738   -14.801 -1.066  1.00 13.02 ? 53  GLN A N   1 
ATOM   420 C CA  . GLN A 1 53  ? 1.877   -15.595 -1.552  1.00 13.67 ? 53  GLN A CA  1 
ATOM   421 C C   . GLN A 1 53  ? 3.023   -15.615 -0.545  1.00 15.76 ? 53  GLN A C   1 
ATOM   422 O O   . GLN A 1 53  ? 4.226   -15.681 -0.949  1.00 18.40 ? 53  GLN A O   1 
ATOM   423 C CB  . GLN A 1 53  ? 2.372   -15.082 -2.857  1.00 13.54 ? 53  GLN A CB  1 
ATOM   424 C CG  . GLN A 1 53  ? 1.395   -14.897 -3.907  1.00 14.45 ? 53  GLN A CG  1 
ATOM   425 C CD  . GLN A 1 53  ? 0.697   -16.176 -4.403  1.00 14.19 ? 53  GLN A CD  1 
ATOM   426 O OE1 . GLN A 1 53  ? 1.237   -17.254 -4.281  1.00 16.67 ? 53  GLN A OE1 1 
ATOM   427 N NE2 . GLN A 1 53  ? -0.386  -16.012 -5.135  1.00 18.09 ? 53  GLN A NE2 1 
ATOM   428 N N   . LEU A 1 54  ? 2.691   -15.620 0.737   1.00 17.45 ? 54  LEU A N   1 
ATOM   429 C CA  . LEU A 1 54  ? 3.676   -15.618 1.791   1.00 20.53 ? 54  LEU A CA  1 
ATOM   430 C C   . LEU A 1 54  ? 3.526   -16.715 2.830   1.00 21.68 ? 54  LEU A C   1 
ATOM   431 O O   . LEU A 1 54  ? 4.125   -16.622 3.944   1.00 25.49 ? 54  LEU A O   1 
ATOM   432 C CB  . LEU A 1 54  ? 3.540   -14.380 2.616   1.00 22.86 ? 54  LEU A CB  1 
ATOM   433 C CG  . LEU A 1 54  ? 3.842   -13.142 1.815   1.00 18.72 ? 54  LEU A CG  1 
ATOM   434 C CD1 . LEU A 1 54  ? 3.698   -11.882 2.673   1.00 20.09 ? 54  LEU A CD1 1 
ATOM   435 C CD2 . LEU A 1 54  ? 5.293   -13.333 1.316   1.00 25.71 ? 54  LEU A CD2 1 
ATOM   436 N N   . GLY A 1 55  ? 2.700   -17.707 2.528   1.00 23.03 ? 55  GLY A N   1 
ATOM   437 C CA  . GLY A 1 55  ? 2.423   -18.773 3.495   1.00 23.02 ? 55  GLY A CA  1 
ATOM   438 C C   . GLY A 1 55  ? 1.725   -18.184 4.709   1.00 21.88 ? 55  GLY A C   1 
ATOM   439 O O   . GLY A 1 55  ? 0.985   -17.178 4.618   1.00 20.28 ? 55  GLY A O   1 
ATOM   440 N N   . PRO A 1 56  ? 1.936   -18.806 5.875   1.00 22.39 ? 56  PRO A N   1 
ATOM   441 C CA  . PRO A 1 56  ? 1.320   -18.231 7.128   1.00 23.66 ? 56  PRO A CA  1 
ATOM   442 C C   . PRO A 1 56  ? 1.783   -16.820 7.474   1.00 21.33 ? 56  PRO A C   1 
ATOM   443 O O   . PRO A 1 56  ? 1.120   -16.101 8.256   1.00 25.38 ? 56  PRO A O   1 
ATOM   444 C CB  . PRO A 1 56  ? 1.863   -19.198 8.207   1.00 24.67 ? 56  PRO A CB  1 
ATOM   445 C CG  . PRO A 1 56  ? 2.220   -20.407 7.514   1.00 26.44 ? 56  PRO A CG  1 
ATOM   446 C CD  . PRO A 1 56  ? 2.704   -20.050 6.109   1.00 23.40 ? 56  PRO A CD  1 
ATOM   447 N N   . GLN A 1 57  ? 2.863   -16.282 6.874   1.00 24.50 ? 57  GLN A N   1 
ATOM   448 C CA  . GLN A 1 57  ? 3.272   -14.882 7.167   1.00 25.07 ? 57  GLN A CA  1 
ATOM   449 C C   . GLN A 1 57  ? 2.222   -13.927 6.627   1.00 21.44 ? 57  GLN A C   1 
ATOM   450 O O   . GLN A 1 57  ? 2.190   -12.765 7.098   1.00 23.98 ? 57  GLN A O   1 
ATOM   451 C CB  . GLN A 1 57  ? 4.638   -14.458 6.558   1.00 25.02 ? 57  GLN A CB  1 
ATOM   452 C CG  . GLN A 1 57  ? 5.161   -13.025 6.918   1.00 38.10 ? 57  GLN A CG  1 
ATOM   453 C CD  . GLN A 1 57  ? 5.399   -12.868 8.424   1.00 47.91 ? 57  GLN A CD  1 
ATOM   454 O OE1 . GLN A 1 57  ? 6.521   -13.080 8.942   1.00 52.32 ? 57  GLN A OE1 1 
ATOM   455 N NE2 . GLN A 1 57  ? 4.320   -12.528 9.149   1.00 50.88 ? 57  GLN A NE2 1 
ATOM   456 N N   . GLY A 1 58  ? 1.519   -14.300 5.563   1.00 21.70 ? 58  GLY A N   1 
ATOM   457 C CA  . GLY A 1 58  ? 0.471   -13.418 4.994   1.00 20.68 ? 58  GLY A CA  1 
ATOM   458 C C   . GLY A 1 58  ? -0.542  -12.964 6.023   1.00 18.92 ? 58  GLY A C   1 
ATOM   459 O O   . GLY A 1 58  ? -0.704  -11.772 6.263   1.00 18.26 ? 58  GLY A O   1 
ATOM   460 N N   . PRO A 1 59  ? -1.278  -13.886 6.627   1.00 18.99 ? 59  PRO A N   1 
ATOM   461 C CA  . PRO A 1 59  ? -2.294  -13.508 7.600   1.00 17.53 ? 59  PRO A CA  1 
ATOM   462 C C   . PRO A 1 59  ? -1.733  -12.822 8.883   1.00 20.46 ? 59  PRO A C   1 
ATOM   463 O O   . PRO A 1 59  ? -2.388  -11.897 9.423   1.00 20.23 ? 59  PRO A O   1 
ATOM   464 C CB  . PRO A 1 59  ? -2.966  -14.810 7.985   1.00 20.37 ? 59  PRO A CB  1 
ATOM   465 C CG  . PRO A 1 59  ? -2.861  -15.578 6.648   1.00 19.45 ? 59  PRO A CG  1 
ATOM   466 C CD  . PRO A 1 59  ? -1.436  -15.298 6.211   1.00 20.00 ? 59  PRO A CD  1 
ATOM   467 N N   . GLN A 1 60  ? -0.495  -13.173 9.263   1.00 20.78 ? 60  GLN A N   1 
ATOM   468 C CA  . GLN A 1 60  ? 0.169   -12.491 10.369  1.00 21.97 ? 60  GLN A CA  1 
ATOM   469 C C   . GLN A 1 60  ? 0.465   -11.048 10.003  1.00 19.36 ? 60  GLN A C   1 
ATOM   470 O O   . GLN A 1 60  ? 0.237   -10.131 10.811  1.00 20.39 ? 60  GLN A O   1 
ATOM   471 C CB  . GLN A 1 60  ? 1.501   -13.207 10.606  1.00 25.29 ? 60  GLN A CB  1 
ATOM   472 C CG  . GLN A 1 60  ? 1.314   -14.576 11.294  1.00 29.53 ? 60  GLN A CG  1 
ATOM   473 C CD  . GLN A 1 60  ? 2.568   -15.499 11.218  1.00 35.67 ? 60  GLN A CD  1 
ATOM   474 O OE1 . GLN A 1 60  ? 2.479   -16.726 11.509  1.00 41.26 ? 60  GLN A OE1 1 
ATOM   475 N NE2 . GLN A 1 60  ? 3.742   -14.919 10.814  1.00 33.39 ? 60  GLN A NE2 1 
ATOM   476 N N   . LEU A 1 61  ? 1.046   -10.843 8.820   1.00 19.22 ? 61  LEU A N   1 
ATOM   477 C CA  . LEU A 1 61  ? 1.217   -9.488  8.340   1.00 17.99 ? 61  LEU A CA  1 
ATOM   478 C C   . LEU A 1 61  ? -0.051  -8.691  8.263   1.00 16.22 ? 61  LEU A C   1 
ATOM   479 O O   . LEU A 1 61  ? -0.084  -7.519  8.670   1.00 15.64 ? 61  LEU A O   1 
ATOM   480 C CB  . LEU A 1 61  ? 1.835   -9.643  6.976   1.00 21.03 ? 61  LEU A CB  1 
ATOM   481 C CG  . LEU A 1 61  ? 2.810   -8.637  6.574   1.00 26.06 ? 61  LEU A CG  1 
ATOM   482 C CD1 . LEU A 1 61  ? 3.611   -9.268  5.399   1.00 27.53 ? 61  LEU A CD1 1 
ATOM   483 C CD2 . LEU A 1 61  ? 2.163   -7.329  6.299   1.00 30.62 ? 61  LEU A CD2 1 
ATOM   484 N N   . GLN A 1 62  ? -1.123  -9.295  7.757   1.00 15.05 ? 62  GLN A N   1 
ATOM   485 C CA  . GLN A 1 62  ? -2.379  -8.638  7.650   1.00 14.71 ? 62  GLN A CA  1 
ATOM   486 C C   . GLN A 1 62  ? -2.860  -8.132  9.021   1.00 13.30 ? 62  GLN A C   1 
ATOM   487 O O   . GLN A 1 62  ? -3.381  -7.038  9.187   1.00 14.25 ? 62  GLN A O   1 
ATOM   488 C CB  . GLN A 1 62  ? -3.395  -9.502  6.986   1.00 15.84 ? 62  GLN A CB  1 
ATOM   489 C CG  . GLN A 1 62  ? -4.829  -8.871  6.993   1.00 18.55 ? 62  GLN A CG  1 
ATOM   490 C CD  . GLN A 1 62  ? -4.803  -7.391  6.443   1.00 17.11 ? 62  GLN A CD  1 
ATOM   491 O OE1 . GLN A 1 62  ? -4.200  -7.222  5.403   1.00 20.83 ? 62  GLN A OE1 1 
ATOM   492 N NE2 . GLN A 1 62  ? -5.362  -6.377  7.139   1.00 20.02 ? 62  GLN A NE2 1 
ATOM   493 N N   . LYS A 1 63  ? -2.699  -8.947  10.049  1.00 15.11 ? 63  LYS A N   1 
ATOM   494 C CA  . LYS A 1 63  ? -3.097  -8.540  11.410  1.00 16.42 ? 63  LYS A CA  1 
ATOM   495 C C   . LYS A 1 63  ? -2.323  -7.309  11.866  1.00 13.23 ? 63  LYS A C   1 
ATOM   496 O O   . LYS A 1 63  ? -2.883  -6.369  12.478  1.00 14.33 ? 63  LYS A O   1 
ATOM   497 C CB  . LYS A 1 63  ? -2.775  -9.676  12.394  1.00 20.38 ? 63  LYS A CB  1 
ATOM   498 C CG  . LYS A 1 63  ? -3.761  -10.825 12.292  1.00 26.24 ? 63  LYS A CG  1 
ATOM   499 C CD  . LYS A 1 63  ? -3.517  -11.976 13.332  1.00 34.77 ? 63  LYS A CD  1 
ATOM   500 C CE  . LYS A 1 63  ? -4.465  -13.179 13.125  1.00 42.56 ? 63  LYS A CE  1 
ATOM   501 N NZ  . LYS A 1 63  ? -5.845  -13.198 13.859  1.00 48.80 ? 63  LYS A NZ  1 
ATOM   502 N N   . VAL A 1 64  ? -1.029  -7.294  11.615  1.00 13.44 ? 64  VAL A N   1 
ATOM   503 C CA  . VAL A 1 64  ? -0.230  -6.145  11.997  1.00 12.77 ? 64  VAL A CA  1 
ATOM   504 C C   . VAL A 1 64  ? -0.691  -4.934  11.170  1.00 11.76 ? 64  VAL A C   1 
ATOM   505 O O   . VAL A 1 64  ? -0.773  -3.849  11.713  1.00 11.64 ? 64  VAL A O   1 
ATOM   506 C CB  . VAL A 1 64  ? 1.244   -6.447  11.841  1.00 14.62 ? 64  VAL A CB  1 
ATOM   507 C CG1 . VAL A 1 64  ? 2.040   -5.223  12.233  1.00 17.44 ? 64  VAL A CG1 1 
ATOM   508 C CG2 . VAL A 1 64  ? 1.637   -7.638  12.723  1.00 18.30 ? 64  VAL A CG2 1 
ATOM   509 N N   . LEU A 1 65  ? -0.963  -5.105  9.870   1.00 11.10 ? 65  LEU A N   1 
ATOM   510 C CA  . LEU A 1 65  ? -1.478  -4.015  9.081   1.00 10.68 ? 65  LEU A CA  1 
ATOM   511 C C   . LEU A 1 65  ? -2.754  -3.443  9.640   1.00 10.66 ? 65  LEU A C   1 
ATOM   512 O O   . LEU A 1 65  ? -2.949  -2.229  9.638   1.00 11.74 ? 65  LEU A O   1 
ATOM   513 C CB  . LEU A 1 65  ? -1.689  -4.397  7.625   1.00 12.13 ? 65  LEU A CB  1 
ATOM   514 C CG  . LEU A 1 65  ? -0.457  -4.578  6.825   1.00 14.09 ? 65  LEU A CG  1 
ATOM   515 C CD1 . LEU A 1 65  ? -0.854  -5.249  5.445   1.00 15.50 ? 65  LEU A CD1 1 
ATOM   516 C CD2 . LEU A 1 65  ? 0.232   -3.207  6.543   1.00 16.50 ? 65  LEU A CD2 1 
ATOM   517 N N   . GLU A 1 66  ? -3.665  -4.282  10.103  1.00 11.83 ? 66  GLU A N   1 
ATOM   518 C CA  . GLU A 1 66  ? -4.860  -3.731  10.696  1.00 12.75 ? 66  GLU A CA  1 
ATOM   519 C C   . GLU A 1 66  ? -4.532  -2.935  11.952  1.00 11.07 ? 66  GLU A C   1 
ATOM   520 O O   . GLU A 1 66  ? -5.137  -1.877  12.174  1.00 13.05 ? 66  GLU A O   1 
ATOM   521 C CB  . GLU A 1 66  ? -5.821  -4.874  11.070  1.00 15.75 ? 66  GLU A CB  1 
ATOM   522 C CG  . GLU A 1 66  ? -7.116  -4.227  11.424  1.00 19.33 ? 66  GLU A CG  1 
ATOM   523 C CD  . GLU A 1 66  ? -8.277  -5.039  11.485  1.00 25.50 ? 66  GLU A CD  1 
ATOM   524 O OE1 . GLU A 1 66  ? -8.250  -6.236  11.278  1.00 26.01 ? 66  GLU A OE1 1 
ATOM   525 O OE2 . GLU A 1 66  ? -9.328  -4.408  11.858  1.00 29.74 ? 66  GLU A OE2 1 
ATOM   526 N N   . ARG A 1 67  ? -3.601  -3.420  12.775  1.00 11.57 ? 67  ARG A N   1 
ATOM   527 C CA  . ARG A 1 67  ? -3.250  -2.674  13.973  1.00 11.56 ? 67  ARG A CA  1 
ATOM   528 C C   . ARG A 1 67  ? -2.706  -1.295  13.565  1.00 10.32 ? 67  ARG A C   1 
ATOM   529 O O   . ARG A 1 67  ? -3.051  -0.289  14.195  1.00 12.43 ? 67  ARG A O   1 
ATOM   530 C CB  . ARG A 1 67  ? -2.170  -3.409  14.719  1.00 13.46 ? 67  ARG A CB  1 
ATOM   531 C CG  . ARG A 1 67  ? -1.648  -2.681  15.933  1.00 16.65 ? 67  ARG A CG  1 
ATOM   532 C CD  . ARG A 1 67  ? -0.567  -3.593  16.576  1.00 23.73 ? 67  ARG A CD  1 
ATOM   533 N NE  . ARG A 1 67  ? 0.382   -2.868  17.367  1.00 25.36 ? 67  ARG A NE  1 
ATOM   534 C CZ  . ARG A 1 67  ? 0.346   -2.849  18.677  1.00 26.14 ? 67  ARG A CZ  1 
ATOM   535 N NH1 . ARG A 1 67  ? 1.362   -2.240  19.311  1.00 29.78 ? 67  ARG A NH1 1 
ATOM   536 N NH2 . ARG A 1 67  ? -0.736  -3.378  19.339  1.00 26.47 ? 67  ARG A NH2 1 
ATOM   537 N N   . LEU A 1 68  ? -1.896  -1.213  12.525  1.00 10.23 ? 68  LEU A N   1 
ATOM   538 C CA  . LEU A 1 68  ? -1.267  0.046   12.152  1.00 10.10 ? 68  LEU A CA  1 
ATOM   539 C C   . LEU A 1 68  ? -2.178  0.968   11.391  1.00 9.28  ? 68  LEU A C   1 
ATOM   540 O O   . LEU A 1 68  ? -1.928  2.165   11.406  1.00 11.16 ? 68  LEU A O   1 
ATOM   541 C CB  . LEU A 1 68  ? -0.012  -0.223  11.344  1.00 11.90 ? 68  LEU A CB  1 
ATOM   542 C CG  . LEU A 1 68  ? 1.100   -0.870  12.125  1.00 14.81 ? 68  LEU A CG  1 
ATOM   543 C CD1 . LEU A 1 68  ? 2.277   -1.104  11.144  1.00 19.21 ? 68  LEU A CD1 1 
ATOM   544 C CD2 . LEU A 1 68  ? 1.450   -0.068  13.374  1.00 22.15 ? 68  LEU A CD2 1 
ATOM   545 N N   . THR A 1 69  ? -3.127  0.427   10.636  1.00 9.70  ? 69  THR A N   1 
ATOM   546 C CA  . THR A 1 69  ? -3.827  1.217   9.632   1.00 9.82  ? 69  THR A CA  1 
ATOM   547 C C   . THR A 1 69  ? -5.321  1.277   9.811   1.00 10.98 ? 69  THR A C   1 
ATOM   548 O O   . THR A 1 69  ? -5.965  2.089   9.160   1.00 12.25 ? 69  THR A O   1 
ATOM   549 C CB  . THR A 1 69  ? -3.537  0.738   8.184   1.00 9.80  ? 69  THR A CB  1 
ATOM   550 O OG1 . THR A 1 69  ? -4.211  -0.540  7.992   1.00 10.62 ? 69  THR A OG1 1 
ATOM   551 C CG2 . THR A 1 69  ? -2.074  0.636   7.887   1.00 11.59 ? 69  THR A CG2 1 
ATOM   552 N N   . GLY A 1 70  ? -5.907  0.353   10.627  1.00 11.12 ? 70  GLY A N   1 
ATOM   553 C CA  . GLY A 1 70  ? -7.344  0.333   10.825  1.00 12.62 ? 70  GLY A CA  1 
ATOM   554 C C   . GLY A 1 70  ? -8.071  -0.344  9.713   1.00 13.79 ? 70  GLY A C   1 
ATOM   555 O O   . GLY A 1 70  ? -9.287  -0.325  9.737   1.00 18.54 ? 70  GLY A O   1 
ATOM   556 N N   . GLN A 1 71  ? -7.384  -0.904  8.733   1.00 11.71 ? 71  GLN A N   1 
ATOM   557 C CA  . GLN A 1 71  ? -8.022  -1.474  7.547   1.00 12.46 ? 71  GLN A CA  1 
ATOM   558 C C   . GLN A 1 71  ? -7.726  -2.947  7.503   1.00 11.37 ? 71  GLN A C   1 
ATOM   559 O O   . GLN A 1 71  ? -6.609  -3.386  7.788   1.00 14.91 ? 71  GLN A O   1 
ATOM   560 C CB  . GLN A 1 71  ? -7.377  -0.707  6.351   1.00 17.61 ? 71  GLN A CB  1 
ATOM   561 C CG  . GLN A 1 71  ? -7.657  -1.089  5.006   1.00 17.13 ? 71  GLN A CG  1 
ATOM   562 C CD  . GLN A 1 71  ? -6.905  -0.346  4.060   1.00 14.15 ? 71  GLN A CD  1 
ATOM   563 O OE1 . GLN A 1 71  ? -6.640  0.866   4.199   1.00 15.40 ? 71  GLN A OE1 1 
ATOM   564 N NE2 . GLN A 1 71  ? -6.650  -1.003  3.009   1.00 11.96 ? 71  GLN A NE2 1 
ATOM   565 N N   . HIS A 1 72  ? -8.723  -3.731  7.064   1.00 12.13 ? 72  HIS A N   1 
ATOM   566 C CA  . HIS A 1 72  ? -8.538  -5.203  6.907   1.00 13.39 ? 72  HIS A CA  1 
ATOM   567 C C   . HIS A 1 72  ? -8.653  -5.629  5.466   1.00 12.11 ? 72  HIS A C   1 
ATOM   568 O O   . HIS A 1 72  ? -8.617  -6.837  5.242   1.00 15.95 ? 72  HIS A O   1 
ATOM   569 C CB  . HIS A 1 72  ? -9.591  -5.995  7.727   1.00 15.69 ? 72  HIS A CB  1 
ATOM   570 C CG  . HIS A 1 72  ? -11.009 -5.757  7.280   1.00 15.46 ? 72  HIS A CG  1 
ATOM   571 N ND1 . HIS A 1 72  ? -11.803 -4.769  7.776   1.00 19.34 ? 72  HIS A ND1 1 
ATOM   572 C CD2 . HIS A 1 72  ? -11.771 -6.406  6.356   1.00 17.30 ? 72  HIS A CD2 1 
ATOM   573 C CE1 . HIS A 1 72  ? -12.989 -4.769  7.185   1.00 21.45 ? 72  HIS A CE1 1 
ATOM   574 N NE2 . HIS A 1 72  ? -12.988 -5.747  6.279   1.00 19.03 ? 72  HIS A NE2 1 
ATOM   575 N N   . THR A 1 73  ? -8.793  -4.740  4.526   1.00 9.51  ? 73  THR A N   1 
ATOM   576 C CA  . THR A 1 73  ? -8.844  -5.063  3.116   1.00 9.65  ? 73  THR A CA  1 
ATOM   577 C C   . THR A 1 73  ? -7.566  -4.778  2.403   1.00 8.74  ? 73  THR A C   1 
ATOM   578 O O   . THR A 1 73  ? -6.750  -3.966  2.887   1.00 9.55  ? 73  THR A O   1 
ATOM   579 C CB  . THR A 1 73  ? -9.996  -4.306  2.452   1.00 9.93  ? 73  THR A CB  1 
ATOM   580 O OG1 . THR A 1 73  ? -9.809  -2.896  2.647   1.00 10.95 ? 73  THR A OG1 1 
ATOM   581 C CG2 . THR A 1 73  ? -11.356 -4.695  2.971   1.00 11.67 ? 73  THR A CG2 1 
ATOM   582 N N   . VAL A 1 74  ? -7.419  -5.347  1.237   1.00 8.36  ? 74  VAL A N   1 
ATOM   583 C CA  . VAL A 1 74  ? -6.370  -5.005  0.316   1.00 8.65  ? 74  VAL A CA  1 
ATOM   584 C C   . VAL A 1 74  ? -6.986  -4.342  -0.899  1.00 8.46  ? 74  VAL A C   1 
ATOM   585 O O   . VAL A 1 74  ? -8.134  -4.691  -1.278  1.00 9.74  ? 74  VAL A O   1 
ATOM   586 C CB  . VAL A 1 74  ? -5.480  -6.210  -0.104  1.00 8.58  ? 74  VAL A CB  1 
ATOM   587 C CG1 . VAL A 1 74  ? -4.663  -6.694  1.056   1.00 10.76 ? 74  VAL A CG1 1 
ATOM   588 C CG2 . VAL A 1 74  ? -6.346  -7.337  -0.706  1.00 11.09 ? 74  VAL A CG2 1 
ATOM   589 N N   . PRO A 1 75  ? -6.301  -3.431  -1.579  1.00 7.72  ? 75  PRO A N   1 
ATOM   590 C CA  . PRO A 1 75  ? -4.907  -3.011  -1.306  1.00 7.79  ? 75  PRO A CA  1 
ATOM   591 C C   . PRO A 1 75  ? -4.807  -2.129  -0.084  1.00 7.35  ? 75  PRO A C   1 
ATOM   592 O O   . PRO A 1 75  ? -5.771  -1.403  0.273   1.00 8.54  ? 75  PRO A O   1 
ATOM   593 C CB  . PRO A 1 75  ? -4.546  -2.193  -2.570  1.00 8.09  ? 75  PRO A CB  1 
ATOM   594 C CG  . PRO A 1 75  ? -5.876  -1.624  -3.062  1.00 9.01  ? 75  PRO A CG  1 
ATOM   595 C CD  . PRO A 1 75  ? -6.883  -2.757  -2.733  1.00 8.95  ? 75  PRO A CD  1 
ATOM   596 N N   . ASN A 1 76  ? -3.650  -2.139  0.540   1.00 7.89  ? 76  ASN A N   1 
ATOM   597 C CA  . ASN A 1 76  ? -3.338  -1.246  1.659   1.00 7.81  ? 76  ASN A CA  1 
ATOM   598 C C   . ASN A 1 76  ? -2.127  -0.456  1.224   1.00 7.41  ? 76  ASN A C   1 
ATOM   599 O O   . ASN A 1 76  ? -1.032  -1.013  1.035   1.00 8.17  ? 76  ASN A O   1 
ATOM   600 C CB  . ASN A 1 76  ? -3.139  -2.091  2.931   1.00 9.19  ? 76  ASN A CB  1 
ATOM   601 C CG  . ASN A 1 76  ? -3.292  -1.291  4.154   1.00 9.46  ? 76  ASN A CG  1 
ATOM   602 O OD1 . ASN A 1 76  ? -3.036  -0.107  4.138   1.00 13.34 ? 76  ASN A OD1 1 
ATOM   603 N ND2 . ASN A 1 76  ? -3.674  -1.922  5.237   1.00 10.23 ? 76  ASN A ND2 1 
ATOM   604 N N   . VAL A 1 77  ? -2.360  0.819   0.937   1.00 7.60  ? 77  VAL A N   1 
ATOM   605 C CA  . VAL A 1 77  ? -1.407  1.644   0.188   1.00 7.94  ? 77  VAL A CA  1 
ATOM   606 C C   . VAL A 1 77  ? -0.743  2.668   1.086   1.00 7.78  ? 77  VAL A C   1 
ATOM   607 O O   . VAL A 1 77  ? -1.418  3.360   1.866   1.00 8.64  ? 77  VAL A O   1 
ATOM   608 C CB  . VAL A 1 77  ? -2.141  2.392   -0.970  1.00 8.77  ? 77  VAL A CB  1 
ATOM   609 C CG1 . VAL A 1 77  ? -1.190  3.221   -1.770  1.00 10.79 ? 77  VAL A CG1 1 
ATOM   610 C CG2 . VAL A 1 77  ? -2.923  1.411   -1.872  1.00 10.16 ? 77  VAL A CG2 1 
ATOM   611 N N   . PHE A 1 78  ? 0.577   2.777   0.974   1.00 8.48  ? 78  PHE A N   1 
ATOM   612 C CA  . PHE A 1 78  ? 1.391   3.808   1.637   1.00 8.85  ? 78  PHE A CA  1 
ATOM   613 C C   . PHE A 1 78  ? 2.079   4.654   0.585   1.00 8.94  ? 78  PHE A C   1 
ATOM   614 O O   . PHE A 1 78  ? 2.627   4.084   -0.386  1.00 9.97  ? 78  PHE A O   1 
ATOM   615 C CB  . PHE A 1 78  ? 2.437   3.181   2.541   1.00 9.41  ? 78  PHE A CB  1 
ATOM   616 C CG  . PHE A 1 78  ? 1.878   2.497   3.762   1.00 9.28  ? 78  PHE A CG  1 
ATOM   617 C CD1 . PHE A 1 78  ? 1.957   3.088   5.005   1.00 10.17 ? 78  PHE A CD1 1 
ATOM   618 C CD2 . PHE A 1 78  ? 1.276   1.225   3.678   1.00 9.82  ? 78  PHE A CD2 1 
ATOM   619 C CE1 . PHE A 1 78  ? 1.505   2.412   6.162   1.00 12.20 ? 78  PHE A CE1 1 
ATOM   620 C CE2 . PHE A 1 78  ? 0.834   0.591   4.829   1.00 11.47 ? 78  PHE A CE2 1 
ATOM   621 C CZ  . PHE A 1 78  ? 0.952   1.171   6.043   1.00 11.69 ? 78  PHE A CZ  1 
ATOM   622 N N   . VAL A 1 79  ? 2.107   5.966   0.801   1.00 9.15  ? 79  VAL A N   1 
ATOM   623 C CA  . VAL A 1 79  ? 2.848   6.849   -0.089  1.00 10.22 ? 79  VAL A CA  1 
ATOM   624 C C   . VAL A 1 79  ? 3.707   7.768   0.800   1.00 10.61 ? 79  VAL A C   1 
ATOM   625 O O   . VAL A 1 79  ? 3.176   8.355   1.729   1.00 11.40 ? 79  VAL A O   1 
ATOM   626 C CB  . VAL A 1 79  ? 1.898   7.712   -0.954  1.00 11.74 ? 79  VAL A CB  1 
ATOM   627 C CG1 . VAL A 1 79  ? 2.673   8.755   -1.769  1.00 13.28 ? 79  VAL A CG1 1 
ATOM   628 C CG2 . VAL A 1 79  ? 1.053   6.832   -1.879  1.00 12.19 ? 79  VAL A CG2 1 
ATOM   629 N N   . CYS A 1 80  ? 5.009   7.842   0.511   1.00 12.19 ? 80  CYS A N   1 
ATOM   630 C CA  . CYS A 1 80  ? 5.913   8.645   1.322   1.00 14.13 ? 80  CYS A CA  1 
ATOM   631 C C   . CYS A 1 80  ? 5.831   8.319   2.766   1.00 12.93 ? 80  CYS A C   1 
ATOM   632 O O   . CYS A 1 80  ? 6.005   9.202   3.623   1.00 16.92 ? 80  CYS A O   1 
ATOM   633 C CB  . CYS A 1 80  ? 5.691   10.163  1.040   1.00 16.67 ? 80  CYS A CB  1 
ATOM   634 S SG  . CYS A 1 80  ? 5.893   10.576  -0.722  1.00 23.76 ? 80  CYS A SG  1 
ATOM   635 N N   . GLY A 1 81  ? 5.677   7.049   3.086   1.00 12.82 ? 81  GLY A N   1 
ATOM   636 C CA  . GLY A 1 81  ? 5.647   6.552   4.433   1.00 14.63 ? 81  GLY A CA  1 
ATOM   637 C C   . GLY A 1 81  ? 4.338   6.666   5.155   1.00 13.16 ? 81  GLY A C   1 
ATOM   638 O O   . GLY A 1 81  ? 4.237   6.198   6.319   1.00 15.15 ? 81  GLY A O   1 
ATOM   639 N N   . LYS A 1 82  ? 3.312   7.229   4.516   1.00 12.50 ? 82  LYS A N   1 
ATOM   640 C CA  . LYS A 1 82  ? 2.034   7.507   5.192   1.00 12.49 ? 82  LYS A CA  1 
ATOM   641 C C   . LYS A 1 82  ? 0.931   6.587   4.596   1.00 10.25 ? 82  LYS A C   1 
ATOM   642 O O   . LYS A 1 82  ? 0.854   6.421   3.375   1.00 10.46 ? 82  LYS A O   1 
ATOM   643 C CB  . LYS A 1 82  ? 1.639   8.952   4.909   1.00 14.48 ? 82  LYS A CB  1 
ATOM   644 C CG  . LYS A 1 82  ? 2.718   9.875   5.437   1.00 24.39 ? 82  LYS A CG  1 
ATOM   645 C CD  . LYS A 1 82  ? 2.608   11.311  4.947   1.00 27.32 ? 82  LYS A CD  1 
ATOM   646 C CE  . LYS A 1 82  ? 3.814   12.107  5.396   1.00 30.61 ? 82  LYS A CE  1 
ATOM   647 N NZ  . LYS A 1 82  ? 5.088   11.822  4.664   1.00 39.85 ? 82  LYS A NZ  1 
ATOM   648 N N   . HIS A 1 83  ? 0.146   6.019   5.473   1.00 10.44 ? 83  HIS A N   1 
ATOM   649 C CA  . HIS A 1 83  ? -1.000  5.248   4.994   1.00 10.40 ? 83  HIS A CA  1 
ATOM   650 C C   . HIS A 1 83  ? -2.023  6.088   4.301   1.00 9.72  ? 83  HIS A C   1 
ATOM   651 O O   . HIS A 1 83  ? -2.476  7.080   4.897   1.00 12.32 ? 83  HIS A O   1 
ATOM   652 C CB  . HIS A 1 83  ? -1.617  4.538   6.212   1.00 10.28 ? 83  HIS A CB  1 
ATOM   653 C CG  . HIS A 1 83  ? -2.828  3.749   5.836   1.00 9.62  ? 83  HIS A CG  1 
ATOM   654 N ND1 . HIS A 1 83  ? -4.107  4.112   6.145   1.00 10.90 ? 83  HIS A ND1 1 
ATOM   655 C CD2 . HIS A 1 83  ? -2.930  2.604   5.073   1.00 10.64 ? 83  HIS A CD2 1 
ATOM   656 C CE1 . HIS A 1 83  ? -4.952  3.196   5.674   1.00 10.37 ? 83  HIS A CE1 1 
ATOM   657 N NE2 . HIS A 1 83  ? -4.242  2.284   5.033   1.00 11.92 ? 83  HIS A NE2 1 
ATOM   658 N N   . ILE A 1 84  ? -2.416  5.709   3.100   1.00 8.91  ? 84  ILE A N   1 
ATOM   659 C CA  . ILE A 1 84  ? -3.414  6.464   2.398   1.00 10.56 ? 84  ILE A CA  1 
ATOM   660 C C   . ILE A 1 84  ? -4.720  5.735   2.305   1.00 10.89 ? 84  ILE A C   1 
ATOM   661 O O   . ILE A 1 84  ? -5.777  6.348   2.149   1.00 15.78 ? 84  ILE A O   1 
ATOM   662 C CB  . ILE A 1 84  ? -2.941  7.128   1.112   1.00 14.62 ? 84  ILE A CB  1 
ATOM   663 C CG1 . ILE A 1 84  ? -2.699  6.064   0.109   1.00 14.75 ? 84  ILE A CG1 1 
ATOM   664 C CG2 . ILE A 1 84  ? -1.761  8.237   1.318   1.00 14.44 ? 84  ILE A CG2 1 
ATOM   665 C CD1 . ILE A 1 84  ? -2.656  6.651   -1.354  1.00 18.94 ? 84  ILE A CD1 1 
ATOM   666 N N   . GLY A 1 85  ? -4.793  4.414   2.428   1.00 9.78  ? 85  GLY A N   1 
ATOM   667 C CA  . GLY A 1 85  ? -6.041  3.673   2.336   1.00 10.53 ? 85  GLY A CA  1 
ATOM   668 C C   . GLY A 1 85  ? -6.006  2.609   1.281   1.00 9.48  ? 85  GLY A C   1 
ATOM   669 O O   . GLY A 1 85  ? -4.971  2.028   0.971   1.00 10.90 ? 85  GLY A O   1 
ATOM   670 N N   . GLY A 1 86  ? -7.176  2.378   0.697   1.00 9.62  ? 86  GLY A N   1 
ATOM   671 C CA  . GLY A 1 86  ? -7.359  1.352   -0.349  1.00 9.99  ? 86  GLY A CA  1 
ATOM   672 C C   . GLY A 1 86  ? -7.434  1.982   -1.719  1.00 9.18  ? 86  GLY A C   1 
ATOM   673 O O   . GLY A 1 86  ? -6.933  3.085   -2.002  1.00 9.84  ? 86  GLY A O   1 
ATOM   674 N N   . CYS A 1 87  ? -8.005  1.225   -2.652  1.00 9.89  ? 87  CYS A N   1 
ATOM   675 C CA  . CYS A 1 87  ? -8.082  1.675   -4.031  1.00 11.31 ? 87  CYS A CA  1 
ATOM   676 C C   . CYS A 1 87  ? -8.948  2.930   -4.170  1.00 11.02 ? 87  CYS A C   1 
ATOM   677 O O   . CYS A 1 87  ? -8.515  3.919   -4.779  1.00 12.00 ? 87  CYS A O   1 
ATOM   678 C CB  . CYS A 1 87  ? -8.595  0.520   -4.924  1.00 13.71 ? 87  CYS A CB  1 
ATOM   679 S SG  . CYS A 1 87  ? -8.702  0.881   -6.666  1.00 16.31 ? 87  CYS A SG  1 
ATOM   680 N N   A THR A 1 88  ? -10.163 2.913   -3.667  0.50 13.20 ? 88  THR A N   1 
ATOM   681 N N   B THR A 1 88  ? -10.174 2.888   -3.627  0.50 13.13 ? 88  THR A N   1 
ATOM   682 C CA  A THR A 1 88  ? -10.992 4.097   -3.862  0.50 14.30 ? 88  THR A CA  1 
ATOM   683 C CA  B THR A 1 88  ? -11.089 4.064   -3.664  0.50 14.25 ? 88  THR A CA  1 
ATOM   684 C C   A THR A 1 88  ? -10.364 5.313   -3.134  0.50 13.31 ? 88  THR A C   1 
ATOM   685 C C   B THR A 1 88  ? -10.378 5.288   -3.111  0.50 13.42 ? 88  THR A C   1 
ATOM   686 O O   A THR A 1 88  ? -10.464 6.418   -3.662  0.50 14.14 ? 88  THR A O   1 
ATOM   687 O O   B THR A 1 88  ? -10.452 6.359   -3.708  0.50 13.97 ? 88  THR A O   1 
ATOM   688 C CB  A THR A 1 88  ? -12.411 3.795   -3.481  0.50 15.58 ? 88  THR A CB  1 
ATOM   689 C CB  B THR A 1 88  ? -12.423 3.848   -2.900  0.50 15.05 ? 88  THR A CB  1 
ATOM   690 O OG1 A THR A 1 88  ? -12.465 3.453   -2.097  0.50 22.27 ? 88  THR A OG1 1 
ATOM   691 O OG1 B THR A 1 88  ? -13.148 2.754   -3.469  0.50 20.04 ? 88  THR A OG1 1 
ATOM   692 C CG2 A THR A 1 88  ? -12.880 2.609   -4.250  0.50 15.42 ? 88  THR A CG2 1 
ATOM   693 C CG2 B THR A 1 88  ? -13.326 5.039   -3.052  0.50 17.83 ? 88  THR A CG2 1 
ATOM   694 N N   . ASP A 1 89  ? -9.715  5.126   -1.961  1.00 12.52 ? 89  ASP A N   1 
ATOM   695 C CA  . ASP A 1 89  ? -9.040  6.214   -1.315  1.00 12.76 ? 89  ASP A CA  1 
ATOM   696 C C   . ASP A 1 89  ? -7.972  6.804   -2.236  1.00 11.34 ? 89  ASP A C   1 
ATOM   697 O O   . ASP A 1 89  ? -7.778  8.001   -2.314  1.00 13.30 ? 89  ASP A O   1 
ATOM   698 C CB  . ASP A 1 89  ? -8.429  5.821   0.021   1.00 14.03 ? 89  ASP A CB  1 
ATOM   699 C CG  . ASP A 1 89  ? -9.447  5.377   1.046   1.00 15.44 ? 89  ASP A CG  1 
ATOM   700 O OD1 . ASP A 1 89  ? -10.522 6.022   1.219   1.00 19.10 ? 89  ASP A OD1 1 
ATOM   701 O OD2 . ASP A 1 89  ? -9.161  4.379   1.758   1.00 15.80 ? 89  ASP A OD2 1 
ATOM   702 N N   . THR A 1 90  ? -7.183  5.910   -2.890  1.00 10.44 ? 90  THR A N   1 
ATOM   703 C CA  . THR A 1 90  ? -6.120  6.322   -3.758  1.00 11.01 ? 90  THR A CA  1 
ATOM   704 C C   . THR A 1 90  ? -6.600  7.033   -4.991  1.00 10.78 ? 90  THR A C   1 
ATOM   705 O O   . THR A 1 90  ? -6.067  8.073   -5.372  1.00 12.35 ? 90  THR A O   1 
ATOM   706 C CB  . THR A 1 90  ? -5.193  5.119   -4.113  1.00 10.56 ? 90  THR A CB  1 
ATOM   707 O OG1 . THR A 1 90  ? -4.715  4.516   -2.940  1.00 11.87 ? 90  THR A OG1 1 
ATOM   708 C CG2 . THR A 1 90  ? -4.044  5.579   -4.953  1.00 12.23 ? 90  THR A CG2 1 
ATOM   709 N N   . VAL A 1 91  ? -7.702  6.521   -5.562  1.00 11.58 ? 91  VAL A N   1 
ATOM   710 C CA  . VAL A 1 91  ? -8.302  7.186   -6.693  1.00 13.25 ? 91  VAL A CA  1 
ATOM   711 C C   . VAL A 1 91  ? -8.811  8.564   -6.309  1.00 14.14 ? 91  VAL A C   1 
ATOM   712 O O   . VAL A 1 91  ? -8.604  9.526   -7.060  1.00 15.90 ? 91  VAL A O   1 
ATOM   713 C CB  . VAL A 1 91  ? -9.468  6.338   -7.257  1.00 15.09 ? 91  VAL A CB  1 
ATOM   714 C CG1 . VAL A 1 91  ? -10.346 7.128   -8.249  1.00 17.98 ? 91  VAL A CG1 1 
ATOM   715 C CG2 . VAL A 1 91  ? -8.923  5.057   -7.891  1.00 15.97 ? 91  VAL A CG2 1 
ATOM   716 N N   . LYS A 1 92  ? -9.434  8.712   -5.150  1.00 14.48 ? 92  LYS A N   1 
ATOM   717 C CA  . LYS A 1 92  ? -9.949  10.022  -4.717  1.00 16.73 ? 92  LYS A CA  1 
ATOM   718 C C   . LYS A 1 92  ? -8.753  10.957  -4.531  1.00 16.36 ? 92  LYS A C   1 
ATOM   719 O O   . LYS A 1 92  ? -8.835  12.142  -4.863  1.00 19.44 ? 92  LYS A O   1 
ATOM   720 C CB  . LYS A 1 92  ? -10.715 9.846   -3.440  1.00 19.68 ? 92  LYS A CB  1 
ATOM   721 C CG  . LYS A 1 92  ? -12.087 9.249   -3.559  1.00 22.43 ? 92  LYS A CG  1 
ATOM   722 C CD  . LYS A 1 92  ? -12.824 9.007   -2.182  1.00 26.54 ? 92  LYS A CD  1 
ATOM   723 C CE  . LYS A 1 92  ? -14.238 8.419   -2.389  1.00 31.86 ? 92  LYS A CE  1 
ATOM   724 N NZ  . LYS A 1 92  ? -14.768 8.050   -1.035  1.00 35.18 ? 92  LYS A NZ  1 
ATOM   725 N N   . LEU A 1 93  ? -7.675  10.514  -3.909  1.00 16.13 ? 93  LEU A N   1 
ATOM   726 C CA  . LEU A 1 93  ? -6.501  11.356  -3.649  1.00 16.77 ? 93  LEU A CA  1 
ATOM   727 C C   . LEU A 1 93  ? -5.909  11.801  -4.947  1.00 16.50 ? 93  LEU A C   1 
ATOM   728 O O   . LEU A 1 93  ? -5.453  12.959  -5.138  1.00 19.78 ? 93  LEU A O   1 
ATOM   729 C CB  . LEU A 1 93  ? -5.452  10.594  -2.868  1.00 17.60 ? 93  LEU A CB  1 
ATOM   730 C CG  . LEU A 1 93  ? -4.374  11.232  -1.988  1.00 24.93 ? 93  LEU A CG  1 
ATOM   731 C CD1 . LEU A 1 93  ? -5.047  11.979  -0.764  1.00 25.71 ? 93  LEU A CD1 1 
ATOM   732 C CD2 . LEU A 1 93  ? -3.338  10.124  -1.607  1.00 30.12 ? 93  LEU A CD2 1 
ATOM   733 N N   . ASN A 1 94  ? -5.906  10.917  -5.936  1.00 16.36 ? 94  ASN A N   1 
ATOM   734 C CA  . ASN A 1 94  ? -5.445  11.263  -7.244  1.00 17.66 ? 94  ASN A CA  1 
ATOM   735 C C   . ASN A 1 94  ? -6.361  12.292  -7.875  1.00 11.50 ? 94  ASN A C   1 
ATOM   736 O O   . ASN A 1 94  ? -5.843  13.261  -8.557  1.00 20.34 ? 94  ASN A O   1 
ATOM   737 C CB  . ASN A 1 94  ? -5.303  10.012  -8.132  1.00 16.72 ? 94  ASN A CB  1 
ATOM   738 C CG  . ASN A 1 94  ? -4.597  10.280  -9.382  1.00 19.92 ? 94  ASN A CG  1 
ATOM   739 O OD1 . ASN A 1 94  ? -3.472  10.768  -9.385  1.00 24.49 ? 94  ASN A OD1 1 
ATOM   740 N ND2 . ASN A 1 94  ? -5.262  10.064  -10.519 1.00 22.18 ? 94  ASN A ND2 1 
ATOM   741 N N   . ARG A 1 95  ? -7.666  12.098  -7.900  1.00 19.72 ? 95  ARG A N   1 
ATOM   742 C CA  . ARG A 1 95  ? -8.666  12.988  -8.537  1.00 19.77 ? 95  ARG A CA  1 
ATOM   743 C C   . ARG A 1 95  ? -8.422  14.457  -7.996  1.00 20.38 ? 95  ARG A C   1 
ATOM   744 O O   . ARG A 1 95  ? -8.702  15.380  -8.706  1.00 22.43 ? 95  ARG A O   1 
ATOM   745 C CB  . ARG A 1 95  ? -10.064 12.487  -8.199  1.00 21.65 ? 95  ARG A CB  1 
ATOM   746 C CG  . ARG A 1 95  ? -11.181 13.353  -8.736  1.00 28.76 ? 95  ARG A CG  1 
ATOM   747 C CD  . ARG A 1 95  ? -12.527 12.908  -8.169  1.00 40.08 ? 95  ARG A CD  1 
ATOM   748 N NE  . ARG A 1 95  ? -12.780 11.524  -8.555  1.00 46.56 ? 95  ARG A NE  1 
ATOM   749 C CZ  . ARG A 1 95  ? -13.407 10.641  -7.775  1.00 50.82 ? 95  ARG A CZ  1 
ATOM   750 N NH1 . ARG A 1 95  ? -13.617 9.396   -8.229  1.00 49.75 ? 95  ARG A NH1 1 
ATOM   751 N NH2 . ARG A 1 95  ? -13.815 11.010  -6.540  1.00 51.62 ? 95  ARG A NH2 1 
ATOM   752 N N   . LYS A 1 96  ? -8.042  14.614  -6.730  1.00 20.36 ? 96  LYS A N   1 
ATOM   753 C CA  . LYS A 1 96  ? -7.803  15.889  -6.084  1.00 22.25 ? 96  LYS A CA  1 
ATOM   754 C C   . LYS A 1 96  ? -6.433  16.457  -6.303  1.00 21.38 ? 96  LYS A C   1 
ATOM   755 O O   . LYS A 1 96  ? -6.239  17.647  -5.972  1.00 24.64 ? 96  LYS A O   1 
ATOM   756 C CB  . LYS A 1 96  ? -8.079  15.724  -4.577  1.00 24.49 ? 96  LYS A CB  1 
ATOM   757 C CG  . LYS A 1 96  ? -9.504  15.508  -4.291  1.00 31.26 ? 96  LYS A CG  1 
ATOM   758 C CD  . LYS A 1 96  ? -9.738  15.477  -2.809  1.00 38.78 ? 96  LYS A CD  1 
ATOM   759 C CE  . LYS A 1 96  ? -11.252 15.306  -2.470  1.00 45.24 ? 96  LYS A CE  1 
ATOM   760 N NZ  . LYS A 1 96  ? -12.096 16.595  -2.640  1.00 46.04 ? 96  LYS A NZ  1 
ATOM   761 N N   . GLY A 1 97  ? -5.504  15.700  -6.854  1.00 21.91 ? 97  GLY A N   1 
ATOM   762 C CA  . GLY A 1 97  ? -4.139  16.163  -7.014  1.00 21.05 ? 97  GLY A CA  1 
ATOM   763 C C   . GLY A 1 97  ? -3.275  16.019  -5.778  1.00 19.17 ? 97  GLY A C   1 
ATOM   764 O O   . GLY A 1 97  ? -2.082  16.283  -5.844  1.00 19.98 ? 97  GLY A O   1 
ATOM   765 N N   . ASP A 1 98  ? -3.861  15.539  -4.648  1.00 18.44 ? 98  ASP A N   1 
ATOM   766 C CA  . ASP A 1 98  ? -3.085  15.282  -3.468  1.00 18.12 ? 98  ASP A CA  1 
ATOM   767 C C   . ASP A 1 98  ? -2.024  14.209  -3.718  1.00 17.61 ? 98  ASP A C   1 
ATOM   768 O O   . ASP A 1 98  ? -0.976  14.277  -3.155  1.00 17.78 ? 98  ASP A O   1 
ATOM   769 C CB  . ASP A 1 98  ? -3.877  14.947  -2.205  1.00 19.94 ? 98  ASP A CB  1 
ATOM   770 C CG  . ASP A 1 98  ? -4.582  16.098  -1.621  1.00 23.19 ? 98  ASP A CG  1 
ATOM   771 O OD1 . ASP A 1 98  ? -3.944  17.070  -1.200  1.00 26.00 ? 98  ASP A OD1 1 
ATOM   772 O OD2 . ASP A 1 98  ? -5.828  16.014  -1.601  1.00 30.09 ? 98  ASP A OD2 1 
ATOM   773 N N   . LEU A 1 99  ? -2.337  13.198  -4.532  1.00 17.80 ? 99  LEU A N   1 
ATOM   774 C CA  . LEU A 1 99  ? -1.414  12.103  -4.689  1.00 17.51 ? 99  LEU A CA  1 
ATOM   775 C C   . LEU A 1 99  ? -0.173  12.626  -5.392  1.00 17.65 ? 99  LEU A C   1 
ATOM   776 O O   . LEU A 1 99  ? 0.921   12.392  -4.935  1.00 18.66 ? 99  LEU A O   1 
ATOM   777 C CB  . LEU A 1 99  ? -2.042  10.988  -5.474  1.00 17.91 ? 99  LEU A CB  1 
ATOM   778 C CG  . LEU A 1 99  ? -1.248  9.731   -5.687  1.00 17.97 ? 99  LEU A CG  1 
ATOM   779 C CD1 . LEU A 1 99  ? -0.843  9.184   -4.346  1.00 24.32 ? 99  LEU A CD1 1 
ATOM   780 C CD2 . LEU A 1 99  ? -2.060  8.682   -6.491  1.00 18.58 ? 99  LEU A CD2 1 
ATOM   781 N N   . GLU A 1 100 ? -0.345  13.384  -6.522  1.00 17.10 ? 100 GLU A N   1 
ATOM   782 C CA  . GLU A 1 100 ? 0.807   13.943  -7.180  1.00 18.58 ? 100 GLU A CA  1 
ATOM   783 C C   . GLU A 1 100 ? 1.568   14.979  -6.298  1.00 17.86 ? 100 GLU A C   1 
ATOM   784 O O   . GLU A 1 100 ? 2.786   15.054  -6.379  1.00 21.02 ? 100 GLU A O   1 
ATOM   785 C CB  . GLU A 1 100 ? 0.451   14.507  -8.529  1.00 19.64 ? 100 GLU A CB  1 
ATOM   786 C CG  . GLU A 1 100 ? 0.050   13.408  -9.468  1.00 24.15 ? 100 GLU A CG  1 
ATOM   787 C CD  . GLU A 1 100 ? 0.138   13.699  -10.926 1.00 36.19 ? 100 GLU A CD  1 
ATOM   788 O OE1 . GLU A 1 100 ? 1.288   13.801  -11.468 1.00 42.14 ? 100 GLU A OE1 1 
ATOM   789 O OE2 . GLU A 1 100 ? -0.981  13.787  -11.543 1.00 36.19 ? 100 GLU A OE2 1 
ATOM   790 N N   . LEU A 1 101 ? 0.855   15.782  -5.477  1.00 19.78 ? 101 LEU A N   1 
ATOM   791 C CA  . LEU A 1 101 ? 1.562   16.699  -4.558  1.00 19.76 ? 101 LEU A CA  1 
ATOM   792 C C   . LEU A 1 101 ? 2.406   15.906  -3.592  1.00 21.27 ? 101 LEU A C   1 
ATOM   793 O O   . LEU A 1 101 ? 3.522   16.319  -3.288  1.00 23.15 ? 101 LEU A O   1 
ATOM   794 C CB  . LEU A 1 101 ? 0.597   17.549  -3.748  1.00 21.41 ? 101 LEU A CB  1 
ATOM   795 C CG  . LEU A 1 101 ? 0.054   18.674  -4.443  1.00 21.05 ? 101 LEU A CG  1 
ATOM   796 C CD1 . LEU A 1 101 ? -1.030  19.287  -3.567  1.00 21.54 ? 101 LEU A CD1 1 
ATOM   797 C CD2 . LEU A 1 101 ? 1.117   19.711  -4.771  1.00 20.97 ? 101 LEU A CD2 1 
ATOM   798 N N   A MET A 1 102 ? 1.880   14.797  -3.080  0.50 19.51 ? 102 MET A N   1 
ATOM   799 N N   B MET A 1 102 ? 1.880   14.786  -3.083  0.50 19.45 ? 102 MET A N   1 
ATOM   800 C CA  A MET A 1 102 ? 2.699   14.004  -2.181  0.50 21.70 ? 102 MET A CA  1 
ATOM   801 C CA  B MET A 1 102 ? 2.670   13.941  -2.175  0.50 22.03 ? 102 MET A CA  1 
ATOM   802 C C   A MET A 1 102 ? 3.949   13.507  -2.893  0.50 22.00 ? 102 MET A C   1 
ATOM   803 C C   B MET A 1 102 ? 3.942   13.447  -2.869  0.50 21.97 ? 102 MET A C   1 
ATOM   804 O O   A MET A 1 102 ? 5.062   13.629  -2.342  0.50 23.76 ? 102 MET A O   1 
ATOM   805 O O   B MET A 1 102 ? 5.057   13.505  -2.291  0.50 22.94 ? 102 MET A O   1 
ATOM   806 C CB  A MET A 1 102 ? 1.918   12.826  -1.624  0.50 21.45 ? 102 MET A CB  1 
ATOM   807 C CB  B MET A 1 102 ? 1.846   12.736  -1.678  0.50 22.53 ? 102 MET A CB  1 
ATOM   808 C CG  A MET A 1 102 ? 1.036   13.177  -0.483  0.50 20.98 ? 102 MET A CG  1 
ATOM   809 C CG  B MET A 1 102 ? 0.605   13.108  -0.916  0.50 24.49 ? 102 MET A CG  1 
ATOM   810 S SD  A MET A 1 102 ? 0.164   11.692  -0.148  0.50 23.29 ? 102 MET A SD  1 
ATOM   811 S SD  B MET A 1 102 ? -0.575  11.807  -0.624  0.50 34.09 ? 102 MET A SD  1 
ATOM   812 C CE  A MET A 1 102 ? 1.097   10.897  1.206   0.50 18.16 ? 102 MET A CE  1 
ATOM   813 C CE  B MET A 1 102 ? -1.497  12.632  0.632   0.50 28.43 ? 102 MET A CE  1 
ATOM   814 N N   . LEU A 1 103 ? 3.768   12.926  -4.087  1.00 20.20 ? 103 LEU A N   1 
ATOM   815 C CA  . LEU A 1 103 ? 4.890   12.342  -4.843  1.00 21.52 ? 103 LEU A CA  1 
ATOM   816 C C   . LEU A 1 103 ? 5.921   13.398  -5.190  1.00 24.16 ? 103 LEU A C   1 
ATOM   817 O O   . LEU A 1 103 ? 7.103   13.117  -5.219  1.00 26.51 ? 103 LEU A O   1 
ATOM   818 C CB  . LEU A 1 103 ? 4.377   11.661  -6.085  1.00 22.62 ? 103 LEU A CB  1 
ATOM   819 C CG  . LEU A 1 103 ? 3.576   10.414  -5.714  1.00 22.21 ? 103 LEU A CG  1 
ATOM   820 C CD1 . LEU A 1 103 ? 2.781   9.988   -6.970  1.00 24.33 ? 103 LEU A CD1 1 
ATOM   821 C CD2 . LEU A 1 103 ? 4.514   9.295   -5.169  1.00 22.87 ? 103 LEU A CD2 1 
ATOM   822 N N   . ALA A 1 104 ? 5.481   14.634  -5.408  1.00 24.96 ? 104 ALA A N   1 
ATOM   823 C CA  . ALA A 1 104 ? 6.329   15.786  -5.777  1.00 28.89 ? 104 ALA A CA  1 
ATOM   824 C C   . ALA A 1 104 ? 7.147   16.336  -4.580  1.00 31.83 ? 104 ALA A C   1 
ATOM   825 O O   . ALA A 1 104 ? 7.932   17.308  -4.754  1.00 32.41 ? 104 ALA A O   1 
ATOM   826 C CB  . ALA A 1 104 ? 5.484   16.881  -6.327  1.00 27.09 ? 104 ALA A CB  1 
ATOM   827 N N   . GLU A 1 105 ? 6.951   15.797  -3.375  1.00 35.66 ? 105 GLU A N   1 
ATOM   828 C CA  . GLU A 1 105 ? 7.583   16.333  -2.155  1.00 38.64 ? 105 GLU A CA  1 
ATOM   829 C C   . GLU A 1 105 ? 8.211   15.237  -1.315  1.00 40.27 ? 105 GLU A C   1 
ATOM   830 O O   . GLU A 1 105 ? 9.251   14.646  -1.695  1.00 42.29 ? 105 GLU A O   1 
ATOM   831 C CB  . GLU A 1 105 ? 6.566   17.147  -1.351  1.00 40.80 ? 105 GLU A CB  1 
ATOM   832 C CG  . GLU A 1 105 ? 6.092   18.419  -2.093  1.00 43.59 ? 105 GLU A CG  1 
ATOM   833 C CD  . GLU A 1 105 ? 4.627   18.874  -1.819  1.00 50.04 ? 105 GLU A CD  1 
ATOM   834 O OE1 . GLU A 1 105 ? 4.030   18.564  -0.754  1.00 56.09 ? 105 GLU A OE1 1 
ATOM   835 O OE2 . GLU A 1 105 ? 4.050   19.569  -2.690  1.00 49.48 ? 105 GLU A OE2 1 
HETATM 836 N N1  . GSH B 2 .   ? -13.138 -0.162  -0.850  1.00 23.83 ? 114 GSH A N1  1 
HETATM 837 C CA1 . GSH B 2 .   ? -11.903 -0.996  -0.891  1.00 15.06 ? 114 GSH A CA1 1 
HETATM 838 C C1  . GSH B 2 .   ? -10.875 -0.377  -1.729  1.00 12.67 ? 114 GSH A C1  1 
HETATM 839 O O11 . GSH B 2 .   ? -9.691  -0.825  -1.680  1.00 12.36 ? 114 GSH A O11 1 
HETATM 840 O O12 . GSH B 2 .   ? -11.223 0.552   -2.441  1.00 19.14 ? 114 GSH A O12 1 
HETATM 841 C CB1 . GSH B 2 .   ? -12.245 -2.390  -1.288  1.00 16.48 ? 114 GSH A CB1 1 
HETATM 842 C CG1 . GSH B 2 .   ? -11.201 -3.440  -1.228  1.00 12.76 ? 114 GSH A CG1 1 
HETATM 843 C CD1 . GSH B 2 .   ? -11.628 -4.877  -1.155  1.00 11.45 ? 114 GSH A CD1 1 
HETATM 844 O OE1 . GSH B 2 .   ? -12.879 -5.148  -1.043  1.00 13.19 ? 114 GSH A OE1 1 
HETATM 845 N N2  . GSH B 2 .   ? -10.719 -5.792  -1.130  1.00 9.62  ? 114 GSH A N2  1 
HETATM 846 C CA2 . GSH B 2 .   ? -10.984 -7.189  -0.943  1.00 9.21  ? 114 GSH A CA2 1 
HETATM 847 C C2  . GSH B 2 .   ? -10.672 -7.639  0.442   1.00 9.12  ? 114 GSH A C2  1 
HETATM 848 O O2  . GSH B 2 .   ? -9.616  -7.196  1.035   1.00 11.03 ? 114 GSH A O2  1 
HETATM 849 C CB2 . GSH B 2 .   ? -10.181 -8.004  -1.969  1.00 11.33 ? 114 GSH A CB2 1 
HETATM 850 S SG2 . GSH B 2 .   ? -10.370 -7.676  -3.713  1.00 13.82 ? 114 GSH A SG2 1 
HETATM 851 N N3  . GSH B 2 .   ? -11.429 -8.546  1.003   1.00 10.19 ? 114 GSH A N3  1 
HETATM 852 C CA3 . GSH B 2 .   ? -11.174 -9.108  2.294   1.00 11.26 ? 114 GSH A CA3 1 
HETATM 853 C C3  . GSH B 2 .   ? -12.237 -8.891  3.326   1.00 11.99 ? 114 GSH A C3  1 
HETATM 854 O O31 . GSH B 2 .   ? -13.293 -8.309  2.961   1.00 16.91 ? 114 GSH A O31 1 
HETATM 855 O O32 . GSH B 2 .   ? -12.037 -9.219  4.491   1.00 14.02 ? 114 GSH A O32 1 
HETATM 856 S S   . SO4 C 3 .   ? -5.823  -15.478 0.528   0.60 18.01 ? 115 SO4 A S   1 
HETATM 857 O O1  . SO4 C 3 .   ? -6.834  -14.621 1.022   0.60 19.92 ? 115 SO4 A O1  1 
HETATM 858 O O2  . SO4 C 3 .   ? -5.847  -15.667 -0.813  0.60 15.95 ? 115 SO4 A O2  1 
HETATM 859 O O3  . SO4 C 3 .   ? -4.637  -14.755 1.000   0.60 19.86 ? 115 SO4 A O3  1 
HETATM 860 O O4  . SO4 C 3 .   ? -5.838  -16.725 1.282   0.60 22.49 ? 115 SO4 A O4  1 
HETATM 861 S S   . SO4 D 3 .   ? 7.167   -11.039 15.849  0.40 17.02 ? 116 SO4 A S   1 
HETATM 862 O O1  . SO4 D 3 .   ? 5.979   -11.096 16.648  0.40 20.47 ? 116 SO4 A O1  1 
HETATM 863 O O2  . SO4 D 3 .   ? 6.837   -10.357 14.630  0.40 18.03 ? 116 SO4 A O2  1 
HETATM 864 O O3  . SO4 D 3 .   ? 8.145   -10.315 16.711  0.40 19.87 ? 116 SO4 A O3  1 
HETATM 865 O O4  . SO4 D 3 .   ? 7.670   -12.301 15.450  0.40 21.32 ? 116 SO4 A O4  1 
HETATM 866 S S   . SO4 E 3 .   ? -0.096  -18.769 13.138  0.70 45.81 ? 117 SO4 A S   1 
HETATM 867 O O1  . SO4 E 3 .   ? 0.525   -17.534 13.613  0.70 47.75 ? 117 SO4 A O1  1 
HETATM 868 O O2  . SO4 E 3 .   ? -0.104  -18.873 11.687  0.70 46.26 ? 117 SO4 A O2  1 
HETATM 869 O O3  . SO4 E 3 .   ? -1.492  -18.742 13.590  0.70 49.06 ? 117 SO4 A O3  1 
HETATM 870 O O4  . SO4 E 3 .   ? 0.628   -19.866 13.789  0.70 44.90 ? 117 SO4 A O4  1 
HETATM 871 O O   . HOH F 4 .   ? -2.264  -7.563  -10.843 1.00 25.09 ? 118 HOH A O   1 
HETATM 872 O O   . HOH F 4 .   ? -1.662  -3.834  -12.770 1.00 28.74 ? 119 HOH A O   1 
HETATM 873 O O   . HOH F 4 .   ? -1.010  -17.260 9.846   1.00 37.76 ? 120 HOH A O   1 
HETATM 874 O O   . HOH F 4 .   ? -3.904  -16.846 -4.102  1.00 24.44 ? 121 HOH A O   1 
HETATM 875 O O   . HOH F 4 .   ? 12.654  -2.724  4.672   1.00 25.38 ? 122 HOH A O   1 
HETATM 876 O O   . HOH F 4 .   ? -11.339 -12.591 -7.238  1.00 20.76 ? 123 HOH A O   1 
HETATM 877 O O   . HOH F 4 .   ? -11.132 -9.467  -7.087  1.00 16.06 ? 124 HOH A O   1 
HETATM 878 O O   . HOH F 4 .   ? 2.258   -0.985  -11.160 1.00 19.78 ? 125 HOH A O   1 
HETATM 879 O O   . HOH F 4 .   ? 4.380   0.379   -12.176 1.00 20.40 ? 126 HOH A O   1 
HETATM 880 O O   . HOH F 4 .   ? 5.683   -2.715  -9.111  1.00 15.51 ? 127 HOH A O   1 
HETATM 881 O O   . HOH F 4 .   ? 4.494   -12.578 -1.496  1.00 20.12 ? 128 HOH A O   1 
HETATM 882 O O   . HOH F 4 .   ? 0.256   -15.992 2.225   1.00 22.00 ? 129 HOH A O   1 
HETATM 883 O O   . HOH F 4 .   ? -2.892  -13.530 3.720   1.00 29.02 ? 130 HOH A O   1 
HETATM 884 O O   . HOH F 4 .   ? -9.497  -13.066 3.321   1.00 27.80 ? 131 HOH A O   1 
HETATM 885 O O   . HOH F 4 .   ? -4.646  -4.590  4.702   1.00 14.36 ? 132 HOH A O   1 
HETATM 886 O O   . HOH F 4 .   ? -8.333  3.205   8.442   1.00 26.18 ? 133 HOH A O   1 
HETATM 887 O O   . HOH F 4 .   ? -7.167  -7.577  9.214   1.00 21.58 ? 134 HOH A O   1 
HETATM 888 O O   . HOH F 4 .   ? -2.203  7.987   7.838   1.00 23.01 ? 135 HOH A O   1 
HETATM 889 O O   . HOH F 4 .   ? -10.248 2.633   -0.343  1.00 16.72 ? 136 HOH A O   1 
HETATM 890 O O   . HOH F 4 .   ? 7.149   -8.708  -2.079  1.00 9.64  ? 137 HOH A O   1 
HETATM 891 O O   . HOH F 4 .   ? -14.712 -1.281  1.357   1.00 32.13 ? 138 HOH A O   1 
HETATM 892 O O   . HOH F 4 .   ? 2.895   -5.729  -10.247 1.00 23.85 ? 139 HOH A O   1 
HETATM 893 O O   . HOH F 4 .   ? 2.994   -3.026  -9.512  1.00 20.19 ? 140 HOH A O   1 
HETATM 894 O O   . HOH F 4 .   ? 10.921  6.823   0.088   1.00 33.37 ? 141 HOH A O   1 
HETATM 895 O O   . HOH F 4 .   ? -6.279  -12.449 6.901   1.00 31.17 ? 142 HOH A O   1 
HETATM 896 O O   . HOH F 4 .   ? 0.977   -2.782  -13.215 1.00 33.59 ? 143 HOH A O   1 
HETATM 897 O O   . HOH F 4 .   ? 4.096   14.548  -8.746  1.00 32.31 ? 144 HOH A O   1 
HETATM 898 O O   . HOH F 4 .   ? 6.450   -1.660  -11.540 1.00 30.93 ? 145 HOH A O   1 
HETATM 899 O O   . HOH F 4 .   ? -3.271  -4.416  18.637  1.00 41.66 ? 146 HOH A O   1 
HETATM 900 O O   . HOH F 4 .   ? -7.549  -15.089 3.868   1.00 39.60 ? 147 HOH A O   1 
HETATM 901 O O   . HOH F 4 .   ? -0.144  -13.976 -9.310  1.00 35.96 ? 148 HOH A O   1 
HETATM 902 O O   . HOH F 4 .   ? 6.105   -7.967  -5.648  0.50 12.19 ? 149 HOH A O   1 
HETATM 903 O O   . HOH F 4 .   ? -7.726  -8.864  3.550   1.00 22.61 ? 150 HOH A O   1 
HETATM 904 O O   . HOH F 4 .   ? 8.357   -5.462  6.323   1.00 23.87 ? 151 HOH A O   1 
HETATM 905 O O   . HOH F 4 .   ? -5.003  -9.302  3.682   1.00 21.51 ? 152 HOH A O   1 
HETATM 906 O O   . HOH F 4 .   ? -4.718  -11.964 4.631   1.00 21.59 ? 153 HOH A O   1 
HETATM 907 O O   . HOH F 4 .   ? -6.060  -9.720  10.702  1.00 24.87 ? 154 HOH A O   1 
HETATM 908 O O   . HOH F 4 .   ? -7.487  14.379  -0.567  1.00 37.30 ? 155 HOH A O   1 
HETATM 909 O O   . HOH F 4 .   ? 11.402  2.554   10.848  1.00 41.47 ? 156 HOH A O   1 
HETATM 910 O O   . HOH F 4 .   ? -10.998 -2.363  6.080   1.00 21.55 ? 157 HOH A O   1 
HETATM 911 O O   . HOH F 4 .   ? 11.385  4.001   -3.247  1.00 26.62 ? 158 HOH A O   1 
HETATM 912 O O   . HOH F 4 .   ? 8.850   4.798   -8.966  1.00 30.72 ? 159 HOH A O   1 
HETATM 913 O O   . HOH F 4 .   ? -8.287  -10.389 1.160   1.00 24.66 ? 160 HOH A O   1 
HETATM 914 O O   . HOH F 4 .   ? -4.345  4.651   9.310   1.00 19.89 ? 161 HOH A O   1 
HETATM 915 O O   . HOH F 4 .   ? -10.858 -3.087  9.780   1.00 23.19 ? 162 HOH A O   1 
HETATM 916 O O   . HOH F 4 .   ? -5.192  -12.040 9.350   1.00 24.24 ? 163 HOH A O   1 
HETATM 917 O O   . HOH F 4 .   ? -13.041 1.386   -8.497  1.00 38.24 ? 164 HOH A O   1 
HETATM 918 O O   . HOH F 4 .   ? -1.727  -10.003 -9.781  1.00 22.66 ? 165 HOH A O   1 
HETATM 919 O O   . HOH F 4 .   ? -9.511  2.530   3.958   1.00 34.74 ? 166 HOH A O   1 
HETATM 920 O O   . HOH F 4 .   ? 1.022   -11.544 -9.727  1.00 29.01 ? 167 HOH A O   1 
HETATM 921 O O   . HOH F 4 .   ? 7.287   -5.447  -6.031  1.00 12.51 ? 168 HOH A O   1 
HETATM 922 O O   . HOH F 4 .   ? 2.218   -9.578  -8.258  1.00 14.71 ? 169 HOH A O   1 
HETATM 923 O O   . HOH F 4 .   ? 6.925   -5.186  -8.755  1.00 14.89 ? 170 HOH A O   1 
HETATM 924 O O   . HOH F 4 .   ? -11.450 -3.378  -9.503  1.00 29.88 ? 171 HOH A O   1 
HETATM 925 O O   . HOH F 4 .   ? -8.207  9.503   -10.019 1.00 33.83 ? 172 HOH A O   1 
HETATM 926 O O   . HOH F 4 .   ? 5.398   4.324   10.558  1.00 28.65 ? 173 HOH A O   1 
HETATM 927 O O   . HOH F 4 .   ? 10.419  1.321   -4.149  1.00 31.53 ? 174 HOH A O   1 
HETATM 928 O O   . HOH F 4 .   ? 3.484   5.134   8.681   1.00 17.26 ? 175 HOH A O   1 
HETATM 929 O O   . HOH F 4 .   ? 7.098   -0.333  15.715  1.00 36.41 ? 176 HOH A O   1 
HETATM 930 O O   . HOH F 4 .   ? -1.999  -15.020 11.853  1.00 31.35 ? 177 HOH A O   1 
HETATM 931 O O   . HOH F 4 .   ? -14.282 -6.830  0.858   1.00 23.23 ? 178 HOH A O   1 
HETATM 932 O O   . HOH F 4 .   ? -3.972  10.722  2.803   1.00 30.61 ? 179 HOH A O   1 
HETATM 933 O O   . HOH F 4 .   ? 7.620   4.168   9.117   1.00 25.06 ? 180 HOH A O   1 
HETATM 934 O O   . HOH F 4 .   ? 13.668  -0.882  1.452   1.00 27.46 ? 181 HOH A O   1 
HETATM 935 O O   . HOH F 4 .   ? 6.653   6.378   7.801   1.00 20.75 ? 182 HOH A O   1 
HETATM 936 O O   . HOH F 4 .   ? 11.885  -5.792  12.900  1.00 29.70 ? 183 HOH A O   1 
HETATM 937 O O   . HOH F 4 .   ? 15.272  2.861   7.410   1.00 38.16 ? 184 HOH A O   1 
HETATM 938 O O   . HOH F 4 .   ? -4.815  -6.510  14.409  1.00 35.97 ? 185 HOH A O   1 
HETATM 939 O O   . HOH F 4 .   ? -0.813  7.622   -18.166 1.00 35.50 ? 186 HOH A O   1 
HETATM 940 O O   . HOH F 4 .   ? 13.010  -3.652  11.354  1.00 36.48 ? 187 HOH A O   1 
HETATM 941 O O   . HOH F 4 .   ? -6.302  -4.271  15.081  1.00 30.35 ? 188 HOH A O   1 
HETATM 942 O O   . HOH F 4 .   ? -9.461  -1.392  13.199  1.00 29.62 ? 189 HOH A O   1 
HETATM 943 O O   . HOH F 4 .   ? -10.544 8.748   1.002   1.00 33.84 ? 190 HOH A O   1 
HETATM 944 O O   . HOH F 4 .   ? -6.430  -13.965 11.016  1.00 31.53 ? 191 HOH A O   1 
HETATM 945 O O   . HOH F 4 .   ? 14.905  0.769   15.817  0.50 48.64 ? 192 HOH A O   1 
HETATM 946 O O   . HOH F 4 .   ? 1.676   16.645  -0.024  1.00 40.43 ? 193 HOH A O   1 
HETATM 947 O O   . HOH F 4 .   ? 9.210   8.170   3.933   1.00 31.43 ? 194 HOH A O   1 
HETATM 948 O O   . HOH F 4 .   ? -14.939 -0.296  -3.417  1.00 39.44 ? 195 HOH A O   1 
HETATM 949 O O   . HOH F 4 .   ? -9.168  -9.871  -10.135 1.00 32.05 ? 196 HOH A O   1 
HETATM 950 O O   . HOH F 4 .   ? -12.328 -10.029 -9.481  1.00 27.60 ? 197 HOH A O   1 
HETATM 951 O O   . HOH F 4 .   ? 8.356   8.099   6.550   1.00 34.71 ? 198 HOH A O   1 
HETATM 952 O O   . HOH F 4 .   ? -2.707  13.588  -7.930  1.00 24.63 ? 199 HOH A O   1 
HETATM 953 O O   . HOH F 4 .   ? -10.846 2.135   -6.552  1.00 28.16 ? 200 HOH A O   1 
HETATM 954 O O   . HOH F 4 .   ? -3.860  -15.433 -8.094  1.00 32.01 ? 201 HOH A O   1 
HETATM 955 O O   . HOH F 4 .   ? -3.343  12.800  -11.694 1.00 38.80 ? 202 HOH A O   1 
HETATM 956 O O   . HOH F 4 .   ? 5.768   -18.026 -1.603  1.00 25.86 ? 203 HOH A O   1 
HETATM 957 O O   . HOH F 4 .   ? -1.474  16.788  -0.065  1.00 45.40 ? 204 HOH A O   1 
HETATM 958 O O   . HOH F 4 .   ? -17.305 6.870   -0.778  1.00 48.81 ? 205 HOH A O   1 
HETATM 959 O O   . HOH F 4 .   ? -3.115  15.486  -10.082 1.00 32.90 ? 206 HOH A O   1 
HETATM 960 O O   . HOH F 4 .   ? -8.338  9.534   -0.047  1.00 24.72 ? 207 HOH A O   1 
HETATM 961 O O   . HOH F 4 .   ? -11.663 -1.275  3.695   1.00 25.74 ? 208 HOH A O   1 
HETATM 962 O O   . HOH F 4 .   ? 10.050  -0.151  -6.442  1.00 34.51 ? 209 HOH A O   1 
HETATM 963 O O   . HOH F 4 .   ? -2.784  9.912   4.927   1.00 44.29 ? 210 HOH A O   1 
HETATM 964 O O   . HOH F 4 .   ? -14.424 -2.237  3.622   1.00 32.17 ? 211 HOH A O   1 
HETATM 965 O O   . HOH F 4 .   ? -6.257  9.052   2.022   1.00 26.07 ? 212 HOH A O   1 
HETATM 966 O O   . HOH F 4 .   ? 11.685  -6.614  6.380   1.00 20.55 ? 213 HOH A O   1 
HETATM 967 O O   . HOH F 4 .   ? -11.218 0.364   11.826  1.00 31.26 ? 214 HOH A O   1 
HETATM 968 O O   . HOH F 4 .   ? -2.923  -17.879 0.306   1.00 40.54 ? 215 HOH A O   1 
HETATM 969 O O   . HOH F 4 .   ? 0.320   10.145  -16.561 1.00 35.31 ? 216 HOH A O   1 
HETATM 970 O O   . HOH F 4 .   ? -7.871  3.707   5.795   1.00 25.53 ? 217 HOH A O   1 
HETATM 971 O O   . HOH F 4 .   ? -8.513  -1.854  0.541   1.00 10.85 ? 218 HOH A O   1 
HETATM 972 O O   . HOH F 4 .   ? 11.105  0.227   12.097  1.00 30.88 ? 219 HOH A O   1 
HETATM 973 O O   . HOH F 4 .   ? 11.570  -3.935  6.671   1.00 21.73 ? 220 HOH A O   1 
HETATM 974 O O   . HOH F 4 .   ? 5.498   4.658   1.578   1.00 12.46 ? 221 HOH A O   1 
HETATM 975 O O   . HOH F 4 .   ? 8.704   6.682   1.718   1.00 21.57 ? 222 HOH A O   1 
HETATM 976 O O   . HOH F 4 .   ? 8.124   3.112   -4.775  1.00 21.91 ? 223 HOH A O   1 
HETATM 977 O O   . HOH F 4 .   ? -3.515  -7.793  -7.787  1.00 11.97 ? 224 HOH A O   1 
HETATM 978 O O   . HOH F 4 .   ? 1.104   -7.706  -9.975  1.00 16.10 ? 225 HOH A O   1 
# 
loop_
_atom_site_anisotrop.id 
_atom_site_anisotrop.type_symbol 
_atom_site_anisotrop.pdbx_label_atom_id 
_atom_site_anisotrop.pdbx_label_alt_id 
_atom_site_anisotrop.pdbx_label_comp_id 
_atom_site_anisotrop.pdbx_label_asym_id 
_atom_site_anisotrop.pdbx_label_seq_id 
_atom_site_anisotrop.pdbx_PDB_ins_code 
_atom_site_anisotrop.U[1][1] 
_atom_site_anisotrop.U[2][2] 
_atom_site_anisotrop.U[3][3] 
_atom_site_anisotrop.U[1][2] 
_atom_site_anisotrop.U[1][3] 
_atom_site_anisotrop.U[2][3] 
_atom_site_anisotrop.pdbx_auth_seq_id 
_atom_site_anisotrop.pdbx_auth_comp_id 
_atom_site_anisotrop.pdbx_auth_asym_id 
_atom_site_anisotrop.pdbx_auth_atom_id 
1   N N   . SER A 6   ? 0.3728 0.3977 0.3571 0.0566  0.0747  0.0395  6   SER A N   
2   C CA  . SER A 6   ? 0.3115 0.3450 0.2738 0.0829  0.0577  0.0608  6   SER A CA  
3   C C   . SER A 6   ? 0.3020 0.3247 0.2851 0.0903  0.0509  0.0482  6   SER A C   
4   O O   . SER A 6   ? 0.3580 0.2977 0.2243 0.1101  0.0382  0.0190  6   SER A O   
5   C CB  . SER A 6   ? 0.3449 0.4047 0.3168 0.0571  0.0709  0.0495  6   SER A CB  
6   O OG  . SER A 6   ? 0.3207 0.2784 0.3845 0.0417  0.0515  0.0665  6   SER A OG  
7   N N   . ARG A 7   ? 0.2448 0.3192 0.2508 0.0998  0.0514  0.0437  7   ARG A N   
8   C CA  . ARG A 7   ? 0.2383 0.2831 0.2855 0.0786  0.0379  0.0513  7   ARG A CA  
9   C C   . ARG A 7   ? 0.2344 0.2389 0.2714 0.0796  0.0461  0.0331  7   ARG A C   
10  O O   . ARG A 7   ? 0.2528 0.2177 0.3100 0.0628  0.0354  0.0583  7   ARG A O   
11  C CB  . ARG A 7   ? 0.2501 0.3095 0.3297 0.0941  0.0244  0.0508  7   ARG A CB  
12  C CG  . ARG A 7   ? 0.3537 0.3087 0.3168 0.0682  -0.0155 0.0277  7   ARG A CG  
13  C CD  . ARG A 7   ? 0.3990 0.2859 0.3951 0.0930  -0.0058 0.0268  7   ARG A CD  
14  N NE  . ARG A 7   ? 0.4444 0.2418 0.3776 0.1460  0.0273  0.0484  7   ARG A NE  
15  C CZ  . ARG A 7   ? 0.4040 0.2978 0.3443 0.1415  0.0553  0.0527  7   ARG A CZ  
16  N NH1 . ARG A 7   ? 0.3509 0.3702 0.3349 0.1159  0.0644  0.0028  7   ARG A NH1 
17  N NH2 . ARG A 7   ? 0.4947 0.3864 0.3470 0.0607  0.0397  0.0664  7   ARG A NH2 
18  N N   A MET A 8   ? 0.2394 0.1767 0.2516 0.0450  0.0493  0.0278  8   MET A N   
19  N N   B MET A 8   ? 0.2544 0.2377 0.2840 0.0512  0.0405  0.0311  8   MET A N   
20  C CA  A MET A 8   ? 0.2626 0.1395 0.2678 -0.0023 0.0220  -0.0019 8   MET A CA  
21  C CA  B MET A 8   ? 0.2763 0.2373 0.2952 0.0317  0.0252  0.0114  8   MET A CA  
22  C C   A MET A 8   ? 0.2290 0.1663 0.2396 0.0274  0.0354  0.0026  8   MET A C   
23  C C   B MET A 8   ? 0.2550 0.2280 0.2678 0.0432  0.0312  0.0079  8   MET A C   
24  O O   A MET A 8   ? 0.2509 0.1609 0.2255 0.0327  0.0508  -0.0142 8   MET A O   
25  O O   B MET A 8   ? 0.2651 0.2317 0.2724 0.0450  0.0166  0.0161  8   MET A O   
26  C CB  A MET A 8   ? 0.2407 0.1767 0.2583 -0.0267 0.0420  -0.0245 8   MET A CB  
27  C CB  B MET A 8   ? 0.2853 0.2721 0.3081 0.0211  0.0250  0.0089  8   MET A CB  
28  C CG  A MET A 8   ? 0.2321 0.2022 0.2833 0.0182  -0.0208 -0.0262 8   MET A CG  
29  C CG  B MET A 8   ? 0.2924 0.2956 0.3084 0.0139  0.0118  -0.0224 8   MET A CG  
30  S SD  A MET A 8   ? 0.3226 0.2547 0.3001 -0.0048 0.0019  -0.0207 8   MET A SD  
31  S SD  B MET A 8   ? 0.3609 0.3751 0.4356 -0.0030 -0.0341 -0.0815 8   MET A SD  
34  N N   . GLU A 9   ? 0.2393 0.1946 0.2517 0.0406  0.0220  -0.0070 9   GLU A N   
35  C CA  . GLU A 9   ? 0.2674 0.2049 0.1997 0.0546  0.0346  -0.0192 9   GLU A CA  
36  C C   . GLU A 9   ? 0.2407 0.1949 0.1785 0.0447  -0.0109 -0.0412 9   GLU A C   
37  O O   . GLU A 9   ? 0.2412 0.2083 0.2009 0.0712  0.0117  -0.0130 9   GLU A O   
38  C CB  . GLU A 9   ? 0.2802 0.2175 0.2233 0.0457  -0.0070 -0.0019 9   GLU A CB  
39  C CG  . GLU A 9   ? 0.3518 0.2056 0.2567 0.1021  0.0402  0.0142  9   GLU A CG  
40  C CD  . GLU A 9   ? 0.3054 0.2967 0.2158 0.0943  0.0182  -0.0006 9   GLU A CD  
41  O OE1 . GLU A 9   ? 0.3383 0.3290 0.2467 0.0491  0.0338  0.0043  9   GLU A OE1 
42  O OE2 . GLU A 9   ? 0.3880 0.2836 0.2658 0.1289  0.0833  -0.0002 9   GLU A OE2 
43  N N   . GLU A 10  ? 0.2404 0.2079 0.2240 0.0408  -0.0160 -0.0247 10  GLU A N   
44  C CA  . GLU A 10  ? 0.2608 0.2217 0.2430 0.0110  -0.0360 -0.0076 10  GLU A CA  
45  C C   . GLU A 10  ? 0.2345 0.1886 0.2401 0.0388  -0.0459 -0.0133 10  GLU A C   
46  O O   . GLU A 10  ? 0.2249 0.2003 0.2250 0.0392  -0.0348 -0.0037 10  GLU A O   
47  C CB  . GLU A 10  ? 0.2977 0.2956 0.2569 0.0217  -0.0466 0.0006  10  GLU A CB  
52  N N   A SER A 11  ? 0.1944 0.1681 0.2578 0.0595  -0.0024 -0.0224 11  SER A N   
53  N N   B SER A 11  ? 0.2258 0.1914 0.2618 0.0501  -0.0014 -0.0282 11  SER A N   
54  C CA  A SER A 11  ? 0.2076 0.1808 0.2399 0.0592  0.0061  -0.0140 11  SER A CA  
55  C CA  B SER A 11  ? 0.2475 0.2158 0.2526 0.0510  0.0091  -0.0211 11  SER A CA  
56  C C   A SER A 11  ? 0.1871 0.1734 0.2368 0.0371  0.0084  -0.0352 11  SER A C   
57  C C   B SER A 11  ? 0.2158 0.2001 0.2505 0.0443  0.0178  -0.0375 11  SER A C   
58  O O   A SER A 11  ? 0.2068 0.1462 0.2012 0.0438  0.0191  -0.0654 11  SER A O   
59  O O   B SER A 11  ? 0.2111 0.2027 0.2742 0.0888  0.0391  -0.0340 11  SER A O   
60  C CB  A SER A 11  ? 0.1562 0.1377 0.2595 0.0904  -0.0093 0.0203  11  SER A CB  
61  C CB  B SER A 11  ? 0.2586 0.2210 0.2434 0.0405  0.0097  -0.0271 11  SER A CB  
62  O OG  A SER A 11  ? 0.2090 0.1600 0.2474 0.0627  0.0173  -0.0071 11  SER A OG  
63  O OG  B SER A 11  ? 0.3295 0.2110 0.2912 0.0561  -0.0078 -0.0263 11  SER A OG  
64  N N   . ILE A 12  ? 0.1988 0.1439 0.1979 0.0418  0.0166  -0.0307 12  ILE A N   
65  C CA  . ILE A 12  ? 0.1895 0.1496 0.1844 0.0345  0.0074  -0.0425 12  ILE A CA  
66  C C   . ILE A 12  ? 0.1888 0.1611 0.1706 0.0429  -0.0233 -0.0449 12  ILE A C   
67  O O   . ILE A 12  ? 0.1711 0.1486 0.1838 0.0366  -0.0147 -0.0528 12  ILE A O   
68  C CB  . ILE A 12  ? 0.2097 0.1870 0.1813 0.0270  -0.0077 -0.0308 12  ILE A CB  
69  C CG1 . ILE A 12  ? 0.2526 0.1847 0.2144 -0.0090 0.0058  -0.0057 12  ILE A CG1 
70  C CG2 . ILE A 12  ? 0.1976 0.2412 0.1707 0.0657  -0.0155 -0.0403 12  ILE A CG2 
71  C CD1 . ILE A 12  ? 0.2336 0.3203 0.2119 -0.0213 0.0106  0.0283  12  ILE A CD1 
72  N N   . ARG A 13  ? 0.1899 0.1668 0.1785 0.0350  -0.0391 -0.0643 13  ARG A N   
73  C CA  . ARG A 13  ? 0.1831 0.1673 0.1792 0.0209  -0.0482 -0.0658 13  ARG A CA  
74  C C   . ARG A 13  ? 0.1917 0.1565 0.2184 0.0064  -0.0482 -0.0713 13  ARG A C   
75  O O   . ARG A 13  ? 0.2160 0.1446 0.2341 0.0174  -0.0688 -0.0648 13  ARG A O   
76  C CB  . ARG A 13  ? 0.2466 0.2104 0.1957 0.0386  -0.0142 -0.0742 13  ARG A CB  
77  C CG  . ARG A 13  ? 0.3056 0.2183 0.1893 0.0326  -0.0377 -0.0762 13  ARG A CG  
78  C CD  . ARG A 13  ? 0.3331 0.3184 0.2296 0.1360  -0.0035 -0.0858 13  ARG A CD  
79  N NE  . ARG A 13  ? 0.2338 0.3196 0.2808 0.0876  -0.0142 -0.1026 13  ARG A NE  
80  C CZ  . ARG A 13  ? 0.2151 0.2299 0.2504 0.0324  -0.0219 -0.0937 13  ARG A CZ  
81  N NH1 . ARG A 13  ? 0.2553 0.2015 0.3591 0.0188  -0.0158 -0.0481 13  ARG A NH1 
82  N NH2 . ARG A 13  ? 0.1774 0.2675 0.3333 0.0593  0.0151  -0.0474 13  ARG A NH2 
83  N N   . LYS A 14  ? 0.1528 0.1723 0.2154 0.0246  -0.0454 -0.0452 14  LYS A N   
84  C CA  . LYS A 14  ? 0.1701 0.2049 0.2334 0.0160  -0.0521 -0.0391 14  LYS A CA  
85  C C   . LYS A 14  ? 0.1622 0.1835 0.2153 0.0021  -0.0296 -0.0449 14  LYS A C   
86  O O   . LYS A 14  ? 0.1627 0.1844 0.2490 -0.0162 -0.0474 -0.0269 14  LYS A O   
87  C CB  . LYS A 14  ? 0.1864 0.2346 0.2580 0.0248  -0.0693 -0.0234 14  LYS A CB  
88  C CG  . LYS A 14  ? 0.1951 0.3477 0.3923 0.0495  -0.0272 0.0323  14  LYS A CG  
92  N N   . THR A 15  ? 0.1641 0.1555 0.2042 0.0287  -0.0434 -0.0581 15  THR A N   
93  C CA  . THR A 15  ? 0.1710 0.1318 0.1951 0.0126  -0.0276 -0.0347 15  THR A CA  
94  C C   . THR A 15  ? 0.1666 0.1443 0.1773 0.0130  -0.0233 -0.0692 15  THR A C   
95  O O   . THR A 15  ? 0.1509 0.1700 0.1962 -0.0007 -0.0139 -0.0522 15  THR A O   
96  C CB  . THR A 15  ? 0.1476 0.1317 0.2291 -0.0188 -0.0006 -0.0477 15  THR A CB  
97  O OG1 . THR A 15  ? 0.1963 0.1226 0.2265 0.0086  0.0241  -0.0433 15  THR A OG1 
98  C CG2 . THR A 15  ? 0.1700 0.1624 0.1912 -0.0211 -0.0222 -0.0586 15  THR A CG2 
99  N N   . VAL A 16  ? 0.1662 0.1290 0.1836 0.0229  -0.0266 -0.0624 16  VAL A N   
100 C CA  . VAL A 16  ? 0.1613 0.1180 0.2051 0.0140  -0.0260 -0.0516 16  VAL A CA  
101 C C   . VAL A 16  ? 0.1781 0.1538 0.2236 0.0081  -0.0463 -0.0453 16  VAL A C   
102 O O   . VAL A 16  ? 0.2003 0.1557 0.2195 -0.0115 -0.0337 -0.0406 16  VAL A O   
103 C CB  . VAL A 16  ? 0.1522 0.1279 0.1879 0.0180  -0.0227 -0.0518 16  VAL A CB  
104 C CG1 . VAL A 16  ? 0.1672 0.1309 0.1927 -0.0035 -0.0271 -0.0328 16  VAL A CG1 
105 C CG2 . VAL A 16  ? 0.2206 0.1740 0.1549 -0.0120 -0.0410 -0.0522 16  VAL A CG2 
106 N N   A THR A 17  ? 0.1896 0.1521 0.2696 -0.0197 -0.0546 -0.0684 17  THR A N   
107 N N   B THR A 17  ? 0.1807 0.1388 0.2584 -0.0127 -0.0514 -0.0713 17  THR A N   
108 C CA  A THR A 17  ? 0.2480 0.1686 0.3075 -0.0299 -0.0676 -0.0620 17  THR A CA  
109 C CA  B THR A 17  ? 0.2292 0.1519 0.2911 -0.0111 -0.0680 -0.0586 17  THR A CA  
110 C C   A THR A 17  ? 0.2375 0.1820 0.3280 -0.0441 -0.0564 -0.0645 17  THR A C   
111 C C   B THR A 17  ? 0.2178 0.1708 0.3102 -0.0339 -0.0609 -0.0726 17  THR A C   
112 O O   A THR A 17  ? 0.2568 0.1873 0.3789 -0.0734 -0.0458 -0.0504 17  THR A O   
113 O O   B THR A 17  ? 0.2651 0.1872 0.3608 -0.0139 -0.0421 -0.0526 17  THR A O   
114 C CB  A THR A 17  ? 0.2805 0.1872 0.3278 -0.0179 -0.0679 -0.0708 17  THR A CB  
115 C CB  B THR A 17  ? 0.2625 0.1522 0.3043 -0.0054 -0.0689 -0.0633 17  THR A CB  
116 O OG1 A THR A 17  ? 0.3674 0.1692 0.3406 -0.0253 -0.0618 -0.0422 17  THR A OG1 
117 O OG1 B THR A 17  ? 0.3731 0.2011 0.3637 0.0423  -0.0437 -0.0425 17  THR A OG1 
118 C CG2 A THR A 17  ? 0.3723 0.1418 0.3125 -0.0142 -0.0705 -0.1169 17  THR A CG2 
119 C CG2 B THR A 17  ? 0.2703 0.1127 0.2939 -0.0180 -0.0691 -0.0659 17  THR A CG2 
120 N N   . GLU A 18  ? 0.1782 0.1832 0.3056 -0.0313 -0.0556 -0.0684 18  GLU A N   
121 C CA  . GLU A 18  ? 0.1980 0.2213 0.3161 -0.0233 -0.0481 -0.0647 18  GLU A CA  
122 C C   . GLU A 18  ? 0.1816 0.2539 0.2946 -0.0519 -0.0160 -0.0526 18  GLU A C   
123 O O   . GLU A 18  ? 0.1838 0.3381 0.3518 -0.0671 -0.0134 -0.0250 18  GLU A O   
124 C CB  . GLU A 18  ? 0.2262 0.2377 0.3248 0.0024  -0.0347 -0.0588 18  GLU A CB  
125 C CG  . GLU A 18  ? 0.2427 0.2719 0.3599 -0.0109 -0.0962 -0.0366 18  GLU A CG  
126 C CD  . GLU A 18  ? 0.4018 0.2497 0.3831 0.0186  -0.0784 -0.0549 18  GLU A CD  
129 N N   . ASN A 19  ? 0.1536 0.2124 0.2714 -0.0529 -0.0176 -0.0474 19  ASN A N   
130 C CA  . ASN A 19  ? 0.1484 0.2211 0.2468 -0.0368 0.0268  -0.0596 19  ASN A CA  
131 C C   . ASN A 19  ? 0.1609 0.1928 0.2346 -0.0588 0.0182  -0.0626 19  ASN A C   
132 O O   . ASN A 19  ? 0.1705 0.2628 0.2251 -0.0505 0.0314  -0.0562 19  ASN A O   
133 C CB  . ASN A 19  ? 0.1564 0.2134 0.2637 -0.0264 0.0343  -0.0520 19  ASN A CB  
134 C CG  . ASN A 19  ? 0.1699 0.2022 0.2970 -0.0189 0.0909  -0.0674 19  ASN A CG  
135 O OD1 . ASN A 19  ? 0.2523 0.2992 0.3647 -0.0357 0.1111  -0.0959 19  ASN A OD1 
136 N ND2 . ASN A 19  ? 0.1921 0.1801 0.3375 0.0117  0.0264  -0.0519 19  ASN A ND2 
137 N N   . THR A 20  ? 0.1435 0.1865 0.2503 -0.0669 0.0364  -0.0565 20  THR A N   
138 C CA  . THR A 20  ? 0.1511 0.1739 0.2458 -0.0673 0.0212  -0.0345 20  THR A CA  
139 C C   . THR A 20  ? 0.1531 0.1088 0.2079 -0.0342 0.0617  -0.0291 20  THR A C   
140 O O   . THR A 20  ? 0.1546 0.1288 0.2205 -0.0458 0.0286  -0.0563 20  THR A O   
141 C CB  . THR A 20  ? 0.1621 0.1986 0.3313 -0.0811 0.0397  0.0200  20  THR A CB  
142 O OG1 . THR A 20  ? 0.1943 0.2643 0.4872 -0.0899 0.0489  0.0408  20  THR A OG1 
143 C CG2 . THR A 20  ? 0.2548 0.1842 0.3959 -0.0792 0.0232  0.0067  20  THR A CG2 
144 N N   . VAL A 21  ? 0.1244 0.1093 0.1762 -0.0336 0.0174  -0.0141 21  VAL A N   
145 C CA  . VAL A 21  ? 0.1357 0.0967 0.1608 -0.0213 0.0235  -0.0212 21  VAL A CA  
146 C C   . VAL A 21  ? 0.1291 0.0840 0.1335 -0.0209 0.0114  -0.0347 21  VAL A C   
147 O O   . VAL A 21  ? 0.1200 0.1106 0.1614 -0.0169 0.0216  -0.0391 21  VAL A O   
148 C CB  . VAL A 21  ? 0.1435 0.1239 0.1432 -0.0155 0.0042  -0.0181 21  VAL A CB  
149 C CG1 . VAL A 21  ? 0.1382 0.1430 0.1733 -0.0117 -0.0294 -0.0216 21  VAL A CG1 
150 C CG2 . VAL A 21  ? 0.2258 0.0983 0.1964 -0.0053 0.0334  -0.0150 21  VAL A CG2 
151 N N   . VAL A 22  ? 0.1150 0.0938 0.1338 -0.0259 0.0113  -0.0157 22  VAL A N   
152 C CA  . VAL A 22  ? 0.1004 0.0980 0.1549 -0.0175 0.0068  -0.0147 22  VAL A CA  
153 C C   . VAL A 22  ? 0.1017 0.0861 0.1295 0.0165  0.0216  -0.0332 22  VAL A C   
154 O O   . VAL A 22  ? 0.1040 0.0943 0.1550 -0.0116 0.0123  -0.0364 22  VAL A O   
155 C CB  . VAL A 22  ? 0.1334 0.0929 0.1337 -0.0064 -0.0040 -0.0115 22  VAL A CB  
156 C CG1 . VAL A 22  ? 0.1195 0.1262 0.1535 0.0060  -0.0066 -0.0091 22  VAL A CG1 
157 C CG2 . VAL A 22  ? 0.1009 0.1436 0.1716 -0.0171 -0.0125 -0.0291 22  VAL A CG2 
158 N N   . ILE A 23  ? 0.0863 0.0929 0.1399 -0.0191 0.0064  -0.0252 23  ILE A N   
159 C CA  . ILE A 23  ? 0.0924 0.0853 0.1257 -0.0237 0.0040  -0.0128 23  ILE A CA  
160 C C   . ILE A 23  ? 0.0993 0.0716 0.1151 0.0008  0.0020  -0.0241 23  ILE A C   
161 O O   . ILE A 23  ? 0.1020 0.0923 0.1288 -0.0017 0.0132  -0.0230 23  ILE A O   
162 C CB  . ILE A 23  ? 0.0929 0.0968 0.1223 -0.0033 0.0010  -0.0195 23  ILE A CB  
163 C CG1 . ILE A 23  ? 0.1323 0.1065 0.1416 -0.0079 0.0030  0.0152  23  ILE A CG1 
164 C CG2 . ILE A 23  ? 0.0911 0.1097 0.1586 -0.0137 -0.0216 -0.0141 23  ILE A CG2 
165 C CD1 . ILE A 23  ? 0.1521 0.1479 0.1685 -0.0126 -0.0145 0.0331  23  ILE A CD1 
166 N N   . TYR A 24  ? 0.1053 0.0837 0.1010 -0.0096 -0.0022 -0.0184 24  TYR A N   
167 C CA  . TYR A 24  ? 0.1044 0.0862 0.1056 -0.0216 -0.0016 -0.0196 24  TYR A CA  
168 C C   . TYR A 24  ? 0.1008 0.0760 0.1115 -0.0093 0.0100  -0.0150 24  TYR A C   
169 O O   . TYR A 24  ? 0.1000 0.0896 0.1393 0.0023  -0.0012 -0.0433 24  TYR A O   
170 C CB  . TYR A 24  ? 0.1228 0.1087 0.1113 -0.0140 -0.0035 -0.0150 24  TYR A CB  
171 C CG  . TYR A 24  ? 0.0989 0.1048 0.1091 -0.0079 -0.0031 -0.0316 24  TYR A CG  
172 C CD1 . TYR A 24  ? 0.1338 0.1201 0.1160 0.0198  -0.0120 -0.0314 24  TYR A CD1 
173 C CD2 . TYR A 24  ? 0.1337 0.1133 0.1076 -0.0122 -0.0012 -0.0238 24  TYR A CD2 
174 C CE1 . TYR A 24  ? 0.1204 0.1560 0.1120 -0.0020 -0.0135 -0.0381 24  TYR A CE1 
175 C CE2 . TYR A 24  ? 0.1198 0.1346 0.1325 -0.0048 -0.0241 -0.0424 24  TYR A CE2 
176 C CZ  . TYR A 24  ? 0.1196 0.1627 0.1179 -0.0149 -0.0052 -0.0479 24  TYR A CZ  
177 O OH  . TYR A 24  ? 0.1211 0.2082 0.1526 -0.0058 -0.0234 -0.0542 24  TYR A OH  
178 N N   . SER A 25  ? 0.1091 0.0782 0.1111 -0.0131 0.0019  -0.0276 25  SER A N   
179 C CA  . SER A 25  ? 0.0900 0.0790 0.1246 -0.0120 -0.0102 -0.0254 25  SER A CA  
180 C C   . SER A 25  ? 0.0888 0.0889 0.1176 -0.0066 0.0047  -0.0346 25  SER A C   
181 O O   . SER A 25  ? 0.1001 0.0903 0.1275 -0.0175 -0.0090 -0.0131 25  SER A O   
182 C CB  . SER A 25  ? 0.1108 0.1026 0.1073 -0.0269 -0.0017 -0.0326 25  SER A CB  
183 O OG  . SER A 25  ? 0.1074 0.1080 0.1313 -0.0130 -0.0040 -0.0258 25  SER A OG  
184 N N   . LYS A 26  ? 0.0875 0.1067 0.1261 -0.0044 0.0022  -0.0343 26  LYS A N   
185 C CA  . LYS A 26  ? 0.1184 0.0744 0.1223 -0.0281 0.0018  -0.0383 26  LYS A CA  
186 C C   . LYS A 26  ? 0.1022 0.0908 0.1373 -0.0190 -0.0100 -0.0269 26  LYS A C   
187 O O   . LYS A 26  ? 0.1120 0.1024 0.1389 -0.0267 -0.0008 -0.0386 26  LYS A O   
188 C CB  . LYS A 26  ? 0.1353 0.0998 0.1379 -0.0309 -0.0029 -0.0318 26  LYS A CB  
189 C CG  . LYS A 26  ? 0.1088 0.1105 0.1550 -0.0299 0.0094  -0.0199 26  LYS A CG  
190 C CD  . LYS A 26  ? 0.1585 0.1443 0.1595 -0.0460 0.0192  -0.0001 26  LYS A CD  
191 C CE  . LYS A 26  ? 0.1544 0.2265 0.1746 -0.0716 0.0272  0.0098  26  LYS A CE  
192 N NZ  . LYS A 26  ? 0.2296 0.3130 0.2139 -0.1148 0.0172  0.0355  26  LYS A NZ  
193 N N   . THR A 27  ? 0.1176 0.1035 0.1485 -0.0235 0.0067  -0.0517 27  THR A N   
194 C CA  . THR A 27  ? 0.1182 0.1090 0.1583 -0.0199 -0.0057 -0.0487 27  THR A CA  
195 C C   . THR A 27  ? 0.1588 0.1178 0.1351 -0.0288 0.0102  -0.0476 27  THR A C   
196 O O   . THR A 27  ? 0.1686 0.1781 0.1417 -0.0266 0.0049  -0.0325 27  THR A O   
197 C CB  . THR A 27  ? 0.1403 0.1158 0.1724 -0.0186 0.0136  -0.0474 27  THR A CB  
198 O OG1 . THR A 27  ? 0.1564 0.1101 0.2178 -0.0167 0.0152  -0.0583 27  THR A OG1 
199 C CG2 . THR A 27  ? 0.1354 0.1368 0.2019 -0.0079 0.0117  -0.0564 27  THR A CG2 
200 N N   . TRP A 28  ? 0.1142 0.1108 0.1580 -0.0166 0.0037  -0.0509 28  TRP A N   
201 C CA  . TRP A 28  ? 0.1316 0.1229 0.1809 -0.0356 -0.0192 -0.0418 28  TRP A CA  
202 C C   . TRP A 28  ? 0.0947 0.1391 0.1603 -0.0247 -0.0271 -0.0274 28  TRP A C   
203 O O   . TRP A 28  ? 0.1366 0.1619 0.1718 -0.0395 -0.0228 -0.0542 28  TRP A O   
204 C CB  . TRP A 28  ? 0.1798 0.1282 0.1835 -0.0470 -0.0139 -0.0459 28  TRP A CB  
205 C CG  . TRP A 28  ? 0.1309 0.1054 0.2257 -0.0346 -0.0037 -0.0447 28  TRP A CG  
206 C CD1 . TRP A 28  ? 0.1751 0.1135 0.2248 -0.0676 -0.0055 -0.0198 28  TRP A CD1 
207 C CD2 . TRP A 28  ? 0.1247 0.0988 0.2021 -0.0604 0.0104  -0.0225 28  TRP A CD2 
208 N NE1 . TRP A 28  ? 0.1206 0.1117 0.2372 -0.0330 0.0078  -0.0033 28  TRP A NE1 
209 C CE2 . TRP A 28  ? 0.1172 0.1151 0.2058 -0.0397 0.0197  -0.0142 28  TRP A CE2 
210 C CE3 . TRP A 28  ? 0.1111 0.1111 0.2173 -0.0494 0.0227  -0.0053 28  TRP A CE3 
211 C CZ2 . TRP A 28  ? 0.1275 0.1283 0.2187 -0.0604 -0.0136 0.0044  28  TRP A CZ2 
212 C CZ3 . TRP A 28  ? 0.1120 0.1328 0.1964 -0.0317 0.0141  -0.0131 28  TRP A CZ3 
213 C CH2 . TRP A 28  ? 0.1237 0.1330 0.2347 -0.0551 -0.0142 0.0021  28  TRP A CH2 
214 N N   . CYS A 29  ? 0.1184 0.1018 0.1447 -0.0260 -0.0036 -0.0350 29  CYS A N   
215 C CA  . CYS A 29  ? 0.1230 0.1335 0.1230 -0.0436 -0.0164 -0.0216 29  CYS A CA  
216 C C   . CYS A 29  ? 0.1192 0.1150 0.1033 -0.0253 -0.0012 -0.0219 29  CYS A C   
217 O O   . CYS A 29  ? 0.1193 0.1252 0.1319 -0.0416 0.0033  -0.0139 29  CYS A O   
218 C CB  . CYS A 29  ? 0.1214 0.1281 0.1489 -0.0018 -0.0016 -0.0296 29  CYS A CB  
219 S SG  . CYS A 29  ? 0.1613 0.1496 0.1537 0.0079  -0.0112 -0.0406 29  CYS A SG  
220 N N   . SER A 30  ? 0.1212 0.1418 0.1313 -0.0163 -0.0206 -0.0186 30  SER A N   
221 C CA  . SER A 30  ? 0.1176 0.1571 0.1444 -0.0337 -0.0342 -0.0175 30  SER A CA  
222 C C   . SER A 30  ? 0.0871 0.1499 0.1164 -0.0120 -0.0220 0.0063  30  SER A C   
223 O O   . SER A 30  ? 0.1237 0.1801 0.1169 -0.0277 -0.0153 -0.0034 30  SER A O   
224 C CB  . SER A 30  ? 0.1260 0.2092 0.1918 -0.0345 -0.0353 -0.0195 30  SER A CB  
225 O OG  . SER A 30  ? 0.1556 0.2543 0.3066 -0.0735 -0.0546 0.0183  30  SER A OG  
226 N N   . TYR A 31  ? 0.1034 0.1552 0.1263 -0.0215 -0.0145 -0.0061 31  TYR A N   
227 C CA  . TYR A 31  ? 0.0713 0.1519 0.1418 -0.0119 -0.0058 -0.0250 31  TYR A CA  
228 C C   . TYR A 31  ? 0.0906 0.1352 0.1029 -0.0067 -0.0061 -0.0047 31  TYR A C   
229 O O   . TYR A 31  ? 0.0913 0.1269 0.1388 -0.0186 -0.0133 -0.0140 31  TYR A O   
230 C CB  . TYR A 31  ? 0.0880 0.1636 0.1640 0.0058  0.0129  -0.0044 31  TYR A CB  
231 C CG  . TYR A 31  ? 0.1021 0.1794 0.2073 -0.0131 0.0193  -0.0009 31  TYR A CG  
232 C CD1 . TYR A 31  ? 0.1137 0.2130 0.3123 0.0108  -0.0089 0.0451  31  TYR A CD1 
233 C CD2 . TYR A 31  ? 0.1073 0.1747 0.2161 -0.0314 0.0164  -0.0184 31  TYR A CD2 
234 C CE1 . TYR A 31  ? 0.1327 0.2938 0.3278 0.0118  0.0232  0.0543  31  TYR A CE1 
235 C CE2 . TYR A 31  ? 0.1082 0.2861 0.2807 -0.0214 -0.0040 0.0281  31  TYR A CE2 
236 C CZ  . TYR A 31  ? 0.1017 0.2957 0.3844 -0.0021 -0.0010 0.0798  31  TYR A CZ  
237 O OH  . TYR A 31  ? 0.1326 0.3837 0.4136 0.0142  0.0018  0.0654  31  TYR A OH  
238 N N   . CYS A 32  ? 0.0909 0.1251 0.1081 -0.0054 -0.0093 0.0029  32  CYS A N   
239 C CA  . CYS A 32  ? 0.0648 0.1463 0.1010 -0.0077 0.0029  0.0100  32  CYS A CA  
240 C C   . CYS A 32  ? 0.1089 0.1160 0.1081 -0.0052 -0.0114 -0.0081 32  CYS A C   
241 O O   . CYS A 32  ? 0.0999 0.1305 0.1355 -0.0192 -0.0008 0.0047  32  CYS A O   
242 C CB  . CYS A 32  ? 0.1229 0.1332 0.1074 -0.0108 -0.0141 -0.0171 32  CYS A CB  
243 S SG  . CYS A 32  ? 0.1180 0.1104 0.1241 -0.0098 -0.0043 -0.0197 32  CYS A SG  
244 N N   . THR A 33  ? 0.1155 0.1693 0.0982 -0.0230 -0.0045 -0.0201 33  THR A N   
245 C CA  . THR A 33  ? 0.1044 0.1794 0.1167 -0.0161 -0.0002 -0.0074 33  THR A CA  
246 C C   . THR A 33  ? 0.1064 0.1753 0.1118 -0.0282 -0.0006 -0.0148 33  THR A C   
247 O O   . THR A 33  ? 0.1308 0.1767 0.1240 -0.0307 0.0046  -0.0080 33  THR A O   
248 C CB  . THR A 33  ? 0.1517 0.1842 0.0913 0.0008  -0.0222 -0.0315 33  THR A CB  
249 O OG1 . THR A 33  ? 0.1746 0.1667 0.1334 -0.0244 -0.0056 -0.0254 33  THR A OG1 
250 C CG2 . THR A 33  ? 0.1646 0.2537 0.1273 -0.0210 -0.0153 -0.0368 33  THR A CG2 
251 N N   . GLU A 34  ? 0.1179 0.1728 0.1255 -0.0201 -0.0169 -0.0002 34  GLU A N   
252 C CA  . GLU A 34  ? 0.1215 0.1805 0.1327 -0.0073 -0.0012 -0.0070 34  GLU A CA  
253 C C   . GLU A 34  ? 0.1206 0.1598 0.1099 0.0091  0.0058  0.0007  34  GLU A C   
254 O O   . GLU A 34  ? 0.1543 0.1847 0.1275 0.0054  0.0104  0.0207  34  GLU A O   
255 C CB  . GLU A 34  ? 0.1337 0.2124 0.1615 0.0139  -0.0138 0.0150  34  GLU A CB  
256 C CG  . GLU A 34  ? 0.1788 0.2695 0.1820 0.0303  -0.0111 0.0126  34  GLU A CG  
257 C CD  . GLU A 34  ? 0.1989 0.2143 0.1924 0.0513  -0.0252 0.0036  34  GLU A CD  
258 O OE1 . GLU A 34  ? 0.1521 0.2608 0.2364 0.0111  -0.0410 -0.0216 34  GLU A OE1 
259 O OE2 . GLU A 34  ? 0.2246 0.2803 0.2453 0.0650  -0.0363 0.0130  34  GLU A OE2 
260 N N   A VAL A 35  ? 0.1065 0.1241 0.1076 -0.0087 0.0017  -0.0128 35  VAL A N   
261 N N   B VAL A 35  ? 0.1212 0.1410 0.1214 -0.0050 0.0031  -0.0157 35  VAL A N   
262 C CA  A VAL A 35  ? 0.1209 0.1296 0.1061 -0.0082 0.0091  -0.0144 35  VAL A CA  
263 C CA  B VAL A 35  ? 0.1470 0.1644 0.1339 -0.0011 0.0116  -0.0224 35  VAL A CA  
264 C C   A VAL A 35  ? 0.1184 0.1244 0.1052 -0.0035 0.0057  0.0019  35  VAL A C   
265 C C   B VAL A 35  ? 0.1341 0.1402 0.1216 -0.0037 0.0072  -0.0041 35  VAL A C   
266 O O   A VAL A 35  ? 0.1423 0.1249 0.1274 -0.0287 0.0105  -0.0002 35  VAL A O   
267 O O   B VAL A 35  ? 0.1557 0.1343 0.1389 -0.0284 0.0124  -0.0004 35  VAL A O   
268 C CB  A VAL A 35  ? 0.1103 0.1064 0.0886 0.0105  0.0108  -0.0135 35  VAL A CB  
269 C CB  B VAL A 35  ? 0.1495 0.1573 0.1295 0.0000  0.0066  -0.0306 35  VAL A CB  
270 C CG1 A VAL A 35  ? 0.0712 0.0924 0.1020 -0.0199 0.0042  0.0007  35  VAL A CG1 
271 C CG1 B VAL A 35  ? 0.1582 0.2041 0.2031 -0.0199 0.0509  -0.0552 35  VAL A CG1 
272 C CG2 A VAL A 35  ? 0.0888 0.0841 0.1095 -0.0148 0.0170  -0.0096 35  VAL A CG2 
273 C CG2 B VAL A 35  ? 0.1457 0.2308 0.1661 0.0457  -0.0066 -0.0025 35  VAL A CG2 
274 N N   . LYS A 36  ? 0.1236 0.1275 0.1281 -0.0035 0.0023  -0.0148 36  LYS A N   
275 C CA  . LYS A 36  ? 0.1074 0.1302 0.1648 -0.0126 0.0263  -0.0132 36  LYS A CA  
276 C C   . LYS A 36  ? 0.1131 0.1378 0.1516 -0.0158 0.0232  -0.0059 36  LYS A C   
277 O O   . LYS A 36  ? 0.1250 0.1560 0.1715 -0.0218 0.0251  0.0032  36  LYS A O   
278 C CB  . LYS A 36  ? 0.1295 0.1174 0.1781 -0.0051 0.0186  -0.0215 36  LYS A CB  
279 C CG  . LYS A 36  ? 0.1383 0.1331 0.1826 0.0017  0.0113  -0.0105 36  LYS A CG  
280 C CD  . LYS A 36  ? 0.1931 0.1384 0.1973 0.0045  0.0471  0.0034  36  LYS A CD  
281 C CE  . LYS A 36  ? 0.2026 0.1607 0.1651 -0.0141 0.0231  -0.0149 36  LYS A CE  
282 N NZ  . LYS A 36  ? 0.1459 0.1171 0.1714 -0.0053 0.0099  -0.0149 36  LYS A NZ  
283 N N   . THR A 37  ? 0.1332 0.1487 0.1321 0.0023  0.0131  -0.0091 37  THR A N   
284 C CA  . THR A 37  ? 0.1419 0.1921 0.1509 -0.0108 0.0097  -0.0165 37  THR A CA  
285 C C   . THR A 37  ? 0.1625 0.1548 0.1282 0.0021  0.0054  -0.0022 37  THR A C   
286 O O   . THR A 37  ? 0.1791 0.1940 0.1546 -0.0140 0.0240  0.0214  37  THR A O   
287 C CB  . THR A 37  ? 0.1644 0.1840 0.1450 0.0060  0.0051  -0.0002 37  THR A CB  
288 O OG1 . THR A 37  ? 0.2131 0.2269 0.1550 0.0019  0.0115  -0.0191 37  THR A OG1 
289 C CG2 . THR A 37  ? 0.2388 0.2112 0.1538 -0.0071 -0.0174 -0.0117 37  THR A CG2 
290 N N   A LEU A 38  ? 0.1571 0.1593 0.1428 0.0051  0.0025  -0.0022 38  LEU A N   
291 N N   B LEU A 38  ? 0.1538 0.1613 0.1439 0.0042  0.0001  -0.0022 38  LEU A N   
292 C CA  A LEU A 38  ? 0.1610 0.1434 0.1579 0.0026  0.0148  -0.0046 38  LEU A CA  
293 C CA  B LEU A 38  ? 0.1566 0.1462 0.1646 0.0034  0.0121  0.0000  38  LEU A CA  
294 C C   A LEU A 38  ? 0.1606 0.1518 0.1374 -0.0006 0.0171  0.0162  38  LEU A C   
295 C C   B LEU A 38  ? 0.1585 0.1541 0.1413 -0.0019 0.0154  0.0167  38  LEU A C   
296 O O   A LEU A 38  ? 0.1802 0.1726 0.1806 0.0023  0.0120  0.0447  38  LEU A O   
297 O O   B LEU A 38  ? 0.1800 0.1738 0.1825 0.0016  0.0111  0.0454  38  LEU A O   
298 C CB  A LEU A 38  ? 0.1563 0.1564 0.1766 0.0062  0.0148  -0.0056 38  LEU A CB  
299 C CB  B LEU A 38  ? 0.1265 0.1689 0.1865 -0.0057 0.0034  -0.0123 38  LEU A CB  
300 C CG  A LEU A 38  ? 0.1946 0.1117 0.1655 0.0258  -0.0178 -0.0245 38  LEU A CG  
301 C CG  B LEU A 38  ? 0.1735 0.1326 0.1951 0.0230  -0.0266 0.0092  38  LEU A CG  
302 C CD1 A LEU A 38  ? 0.2112 0.1561 0.2300 0.0446  0.0084  -0.0304 38  LEU A CD1 
303 C CD1 B LEU A 38  ? 0.1630 0.2513 0.2066 0.0294  -0.0555 -0.0614 38  LEU A CD1 
304 C CD2 A LEU A 38  ? 0.1960 0.1833 0.2491 -0.0079 0.0046  -0.0580 38  LEU A CD2 
305 C CD2 B LEU A 38  ? 0.1479 0.1792 0.2303 -0.0055 0.0131  0.0050  38  LEU A CD2 
306 N N   . PHE A 39  ? 0.1677 0.1622 0.1476 -0.0098 0.0068  0.0094  39  PHE A N   
307 C CA  . PHE A 39  ? 0.1462 0.1583 0.1588 -0.0228 0.0167  0.0145  39  PHE A CA  
308 C C   . PHE A 39  ? 0.1630 0.1509 0.1732 -0.0358 0.0313  0.0204  39  PHE A C   
309 O O   . PHE A 39  ? 0.1663 0.1696 0.2295 -0.0242 0.0420  0.0286  39  PHE A O   
310 C CB  . PHE A 39  ? 0.1483 0.1493 0.1605 -0.0057 0.0261  0.0116  39  PHE A CB  
311 C CG  . PHE A 39  ? 0.1098 0.1401 0.1802 -0.0084 0.0166  0.0157  39  PHE A CG  
312 C CD1 . PHE A 39  ? 0.1500 0.1338 0.1945 0.0066  -0.0031 -0.0043 39  PHE A CD1 
313 C CD2 . PHE A 39  ? 0.1298 0.1677 0.1618 -0.0078 -0.0072 0.0146  39  PHE A CD2 
314 C CE1 . PHE A 39  ? 0.1555 0.1386 0.1602 0.0056  -0.0043 -0.0043 39  PHE A CE1 
315 C CE2 . PHE A 39  ? 0.1144 0.1753 0.1424 -0.0128 0.0067  -0.0128 39  PHE A CE2 
316 C CZ  . PHE A 39  ? 0.1554 0.1482 0.1725 -0.0051 -0.0097 -0.0038 39  PHE A CZ  
317 N N   . LYS A 40  ? 0.1653 0.1879 0.1556 -0.0103 0.0547  0.0012  40  LYS A N   
318 C CA  . LYS A 40  ? 0.2371 0.1801 0.1854 0.0090  0.0641  0.0106  40  LYS A CA  
319 C C   . LYS A 40  ? 0.1954 0.1823 0.1820 0.0024  0.0729  0.0160  40  LYS A C   
320 O O   . LYS A 40  ? 0.2387 0.2407 0.2072 -0.0022 0.0840  0.0177  40  LYS A O   
321 C CB  . LYS A 40  ? 0.2468 0.2006 0.1712 0.0078  0.0535  -0.0139 40  LYS A CB  
322 C CG  . LYS A 40  ? 0.3080 0.2271 0.2303 0.0221  0.1008  -0.0083 40  LYS A CG  
323 C CD  . LYS A 40  ? 0.3609 0.3125 0.2618 0.0338  0.1065  -0.0530 40  LYS A CD  
326 N N   . ARG A 41  ? 0.2370 0.1811 0.1971 0.0380  0.0602  0.0136  41  ARG A N   
327 C CA  . ARG A 41  ? 0.2958 0.2353 0.2150 0.0354  0.0503  0.0443  41  ARG A CA  
328 C C   . ARG A 41  ? 0.3175 0.2225 0.1962 0.0289  0.0697  0.0548  41  ARG A C   
329 O O   . ARG A 41  ? 0.4535 0.2063 0.2206 0.0297  0.0630  0.0586  41  ARG A O   
330 C CB  . ARG A 41  ? 0.3005 0.2438 0.2201 0.0290  0.0209  0.0408  41  ARG A CB  
331 C CG  . ARG A 41  ? 0.3745 0.3646 0.2578 -0.0263 -0.0058 -0.0117 41  ARG A CG  
332 C CD  . ARG A 41  ? 0.3870 0.4258 0.3244 -0.0613 0.0187  -0.0662 41  ARG A CD  
333 N NE  . ARG A 41  ? 0.3379 0.4559 0.2649 -0.0734 0.0536  -0.0924 41  ARG A NE  
334 C CZ  . ARG A 41  ? 0.3367 0.4990 0.2471 -0.0769 0.0728  -0.0920 41  ARG A CZ  
335 N NH1 . ARG A 41  ? 0.3474 0.4921 0.2961 -0.0883 0.0077  -0.0959 41  ARG A NH1 
337 N N   . LEU A 42  ? 0.3615 0.1848 0.2095 0.0300  0.0664  0.0183  42  LEU A N   
338 C CA  . LEU A 42  ? 0.3577 0.2076 0.2385 0.0023  0.0661  0.0258  42  LEU A CA  
339 C C   . LEU A 42  ? 0.3643 0.1933 0.2674 -0.0336 0.0681  0.0336  42  LEU A C   
340 O O   . LEU A 42  ? 0.3787 0.2243 0.3317 -0.0739 0.0588  0.0092  42  LEU A O   
341 C CB  . LEU A 42  ? 0.3578 0.2200 0.2425 0.0328  0.0763  0.0146  42  LEU A CB  
342 C CG  . LEU A 42  ? 0.3713 0.2372 0.2699 0.0209  0.0538  -0.0160 42  LEU A CG  
343 C CD1 . LEU A 42  ? 0.4621 0.2794 0.2941 0.0335  0.0674  -0.0321 42  LEU A CD1 
344 C CD2 . LEU A 42  ? 0.4274 0.3090 0.3624 0.1040  -0.0072 -0.0067 42  LEU A CD2 
345 N N   . GLY A 43  ? 0.3335 0.2155 0.2397 -0.0237 0.0822  0.0619  43  GLY A N   
346 C CA  . GLY A 43  ? 0.2883 0.2588 0.2603 -0.0685 0.0650  0.0584  43  GLY A CA  
347 C C   . GLY A 43  ? 0.2831 0.2717 0.2897 -0.0482 0.0599  0.0480  43  GLY A C   
348 O O   . GLY A 43  ? 0.2755 0.3703 0.3052 -0.0938 0.0739  0.0681  43  GLY A O   
349 N N   . VAL A 44  ? 0.2123 0.2003 0.2375 -0.0341 0.0632  0.0408  44  VAL A N   
350 C CA  . VAL A 44  ? 0.2338 0.2219 0.2435 -0.0278 0.0635  0.0210  44  VAL A CA  
351 C C   . VAL A 44  ? 0.2185 0.1971 0.1874 -0.0609 0.0532  0.0428  44  VAL A C   
352 O O   . VAL A 44  ? 0.2640 0.1880 0.2201 -0.0393 0.0077  0.0154  44  VAL A O   
353 C CB  . VAL A 44  ? 0.2400 0.1964 0.2513 -0.0255 0.0416  0.0029  44  VAL A CB  
354 C CG1 . VAL A 44  ? 0.2659 0.3060 0.2498 -0.0341 0.0379  -0.0151 44  VAL A CG1 
355 C CG2 . VAL A 44  ? 0.2829 0.2171 0.3336 -0.0500 0.0015  -0.0604 44  VAL A CG2 
359 O O   . GLN A 45  ? 0.2203 0.2847 0.2375 -0.0603 0.0304  0.0217  45  GLN A O   
365 N N   . PRO A 46  ? 0.1720 0.1565 0.1750 -0.0112 0.0242  0.0285  46  PRO A N   
366 C CA  . PRO A 46  ? 0.1518 0.1430 0.1444 0.0021  0.0255  0.0016  46  PRO A CA  
367 C C   . PRO A 46  ? 0.1464 0.1033 0.1499 -0.0173 0.0244  -0.0132 46  PRO A C   
368 O O   . PRO A 46  ? 0.1742 0.1491 0.1682 0.0015  0.0192  -0.0379 46  PRO A O   
369 C CB  . PRO A 46  ? 0.1687 0.1830 0.1574 0.0361  0.0111  -0.0270 46  PRO A CB  
370 C CG  . PRO A 46  ? 0.2183 0.3146 0.2107 0.0031  0.0352  0.0291  46  PRO A CG  
371 C CD  . PRO A 46  ? 0.1623 0.2322 0.1708 0.0065  0.0173  0.0391  46  PRO A CD  
372 N N   . LEU A 47  ? 0.1131 0.1230 0.1438 -0.0213 0.0179  -0.0196 47  LEU A N   
373 C CA  . LEU A 47  ? 0.0861 0.1237 0.1436 -0.0228 0.0030  -0.0239 47  LEU A CA  
374 C C   . LEU A 47  ? 0.0864 0.1076 0.1299 0.0008  0.0149  -0.0290 47  LEU A C   
375 O O   . LEU A 47  ? 0.1010 0.1130 0.1737 -0.0047 0.0320  -0.0375 47  LEU A O   
376 C CB  . LEU A 47  ? 0.1035 0.1379 0.1578 -0.0073 -0.0125 -0.0432 47  LEU A CB  
377 C CG  . LEU A 47  ? 0.1412 0.1468 0.1787 0.0404  -0.0226 -0.0549 47  LEU A CG  
378 C CD1 . LEU A 47  ? 0.1507 0.1646 0.2177 0.0603  -0.0226 -0.0803 47  LEU A CD1 
379 C CD2 . LEU A 47  ? 0.2346 0.2103 0.1650 0.0704  -0.0455 -0.0833 47  LEU A CD2 
380 N N   . VAL A 48  ? 0.1016 0.0920 0.1250 -0.0172 -0.0031 -0.0140 48  VAL A N   
381 C CA  . VAL A 48  ? 0.1044 0.1048 0.1214 -0.0242 0.0093  -0.0124 48  VAL A CA  
382 C C   . VAL A 48  ? 0.0800 0.0826 0.1244 -0.0036 0.0073  -0.0248 48  VAL A C   
383 O O   . VAL A 48  ? 0.0950 0.1061 0.1375 0.0083  0.0125  -0.0325 48  VAL A O   
384 C CB  . VAL A 48  ? 0.1052 0.1116 0.1361 -0.0134 -0.0211 -0.0198 48  VAL A CB  
385 C CG1 . VAL A 48  ? 0.1375 0.1671 0.1968 -0.0668 -0.0394 0.0225  48  VAL A CG1 
386 C CG2 . VAL A 48  ? 0.1489 0.1577 0.1465 -0.0006 -0.0152 0.0193  48  VAL A CG2 
387 N N   . VAL A 49  ? 0.0979 0.0953 0.1276 -0.0001 0.0071  -0.0197 49  VAL A N   
388 C CA  . VAL A 49  ? 0.1025 0.0979 0.1304 -0.0029 -0.0051 -0.0001 49  VAL A CA  
389 C C   . VAL A 49  ? 0.0902 0.0866 0.1361 0.0124  0.0133  -0.0176 49  VAL A C   
390 O O   . VAL A 49  ? 0.0968 0.0902 0.1479 0.0056  0.0059  -0.0211 49  VAL A O   
391 C CB  . VAL A 49  ? 0.1210 0.1163 0.1155 0.0017  0.0062  -0.0304 49  VAL A CB  
392 C CG1 . VAL A 49  ? 0.1458 0.1473 0.1409 -0.0022 -0.0191 -0.0043 49  VAL A CG1 
393 C CG2 . VAL A 49  ? 0.1428 0.1447 0.1554 -0.0317 -0.0162 -0.0474 49  VAL A CG2 
394 N N   . GLU A 50  ? 0.1001 0.0908 0.1366 0.0024  0.0079  -0.0183 50  GLU A N   
395 C CA  . GLU A 50  ? 0.1127 0.0820 0.1498 -0.0158 0.0030  -0.0116 50  GLU A CA  
396 C C   . GLU A 50  ? 0.1121 0.0830 0.1501 0.0174  0.0058  -0.0104 50  GLU A C   
397 O O   . GLU A 50  ? 0.1224 0.1234 0.1982 0.0232  0.0327  0.0208  50  GLU A O   
398 C CB  . GLU A 50  ? 0.1219 0.1008 0.1564 -0.0197 0.0155  -0.0259 50  GLU A CB  
399 C CG  . GLU A 50  ? 0.0991 0.0983 0.1530 -0.0036 0.0074  -0.0300 50  GLU A CG  
400 C CD  . GLU A 50  ? 0.1009 0.0995 0.1309 -0.0001 -0.0011 -0.0389 50  GLU A CD  
401 O OE1 . GLU A 50  ? 0.1074 0.1046 0.1634 -0.0038 0.0000  -0.0431 50  GLU A OE1 
402 O OE2 . GLU A 50  ? 0.1172 0.1304 0.1424 0.0170  -0.0003 -0.0316 50  GLU A OE2 
403 N N   . LEU A 51  ? 0.1390 0.0902 0.1365 0.0016  0.0166  -0.0112 51  LEU A N   
404 C CA  . LEU A 51  ? 0.1374 0.1019 0.1537 0.0038  0.0120  -0.0033 51  LEU A CA  
405 C C   . LEU A 51  ? 0.1485 0.1059 0.1661 0.0087  0.0103  0.0242  51  LEU A C   
406 O O   . LEU A 51  ? 0.2368 0.1418 0.2195 -0.0400 0.0052  0.0367  51  LEU A O   
407 C CB  . LEU A 51  ? 0.1548 0.1572 0.1602 0.0220  0.0181  -0.0082 51  LEU A CB  
408 C CG  . LEU A 51  ? 0.1788 0.1841 0.1541 0.0505  -0.0319 -0.0708 51  LEU A CG  
409 C CD1 . LEU A 51  ? 0.1758 0.1860 0.2243 0.0314  0.0141  -0.0683 51  LEU A CD1 
410 C CD2 . LEU A 51  ? 0.2214 0.1684 0.2280 0.0086  -0.0208 -0.0191 51  LEU A CD2 
411 N N   . ASP A 52  ? 0.1300 0.1004 0.1730 0.0085  0.0316  -0.0149 52  ASP A N   
412 C CA  . ASP A 52  ? 0.1818 0.0960 0.2084 -0.0068 0.0414  -0.0221 52  ASP A CA  
413 C C   . ASP A 52  ? 0.2012 0.0962 0.1899 -0.0040 0.0553  -0.0257 52  ASP A C   
414 O O   . ASP A 52  ? 0.2419 0.1119 0.2522 0.0076  0.0417  -0.0172 52  ASP A O   
415 C CB  . ASP A 52  ? 0.1678 0.1027 0.2044 -0.0367 0.0518  -0.0268 52  ASP A CB  
416 C CG  . ASP A 52  ? 0.1179 0.0991 0.2141 -0.0039 0.0346  -0.0327 52  ASP A CG  
417 O OD1 . ASP A 52  ? 0.1481 0.0982 0.1814 -0.0077 0.0204  -0.0225 52  ASP A OD1 
418 O OD2 . ASP A 52  ? 0.1590 0.1177 0.2247 -0.0236 0.0164  -0.0466 52  ASP A OD2 
419 N N   . GLN A 53  ? 0.1849 0.1132 0.1962 0.0436  0.0640  -0.0067 53  GLN A N   
420 C CA  . GLN A 53  ? 0.1938 0.1260 0.1992 0.0288  0.0435  -0.0020 53  GLN A CA  
421 C C   . GLN A 53  ? 0.2408 0.1460 0.2119 0.0821  0.0467  -0.0190 53  GLN A C   
422 O O   . GLN A 53  ? 0.2426 0.2300 0.2263 0.0728  0.0351  -0.0283 53  GLN A O   
423 C CB  . GLN A 53  ? 0.1641 0.1469 0.2034 0.0260  0.0127  -0.0130 53  GLN A CB  
424 C CG  . GLN A 53  ? 0.1752 0.1797 0.1938 0.0162  0.0417  -0.0222 53  GLN A CG  
425 C CD  . GLN A 53  ? 0.1012 0.1944 0.2433 0.0588  0.0265  -0.0352 53  GLN A CD  
426 O OE1 . GLN A 53  ? 0.1857 0.1779 0.2695 0.0570  -0.0176 -0.0793 53  GLN A OE1 
427 N NE2 . GLN A 53  ? 0.1645 0.2122 0.3105 0.0423  -0.0084 -0.0745 53  GLN A NE2 
428 N N   . LEU A 54  ? 0.3219 0.1669 0.1740 0.0727  0.0288  -0.0122 54  LEU A N   
429 C CA  . LEU A 54  ? 0.3733 0.2049 0.2015 0.0963  -0.0017 -0.0148 54  LEU A CA  
430 C C   . LEU A 54  ? 0.4000 0.2268 0.1969 0.1231  0.0189  -0.0207 54  LEU A C   
431 O O   . LEU A 54  ? 0.4944 0.2497 0.2240 0.1338  -0.0028 -0.0172 54  LEU A O   
432 C CB  . LEU A 54  ? 0.3810 0.2465 0.2409 0.1053  -0.0027 -0.0267 54  LEU A CB  
433 C CG  . LEU A 54  ? 0.2338 0.2134 0.2641 0.0266  -0.0605 -0.0420 54  LEU A CG  
434 C CD1 . LEU A 54  ? 0.2763 0.1718 0.3150 0.0511  -0.0943 -0.0624 54  LEU A CD1 
435 C CD2 . LEU A 54  ? 0.2936 0.2773 0.4057 0.0874  -0.0116 -0.1095 54  LEU A CD2 
436 N N   . GLY A 55  ? 0.4396 0.1924 0.2429 0.1197  0.0574  0.0104  55  GLY A N   
437 C CA  . GLY A 55  ? 0.4427 0.1913 0.2404 0.0913  0.0595  0.0206  55  GLY A CA  
438 C C   . GLY A 55  ? 0.4245 0.1692 0.2376 0.0664  0.0382  0.0062  55  GLY A C   
439 O O   . GLY A 55  ? 0.3933 0.1772 0.2000 0.0500  0.0364  0.0113  55  GLY A O   
440 N N   . PRO A 56  ? 0.4178 0.1973 0.2354 0.0882  0.0320  0.0185  56  PRO A N   
441 C CA  . PRO A 56  ? 0.4270 0.2459 0.2259 0.0967  0.0477  0.0389  56  PRO A CA  
442 C C   . PRO A 56  ? 0.3721 0.2336 0.2046 0.1183  0.0532  0.0060  56  PRO A C   
443 O O   . PRO A 56  ? 0.4726 0.2587 0.2328 0.1088  0.0589  0.0164  56  PRO A O   
444 C CB  . PRO A 56  ? 0.4467 0.2267 0.2640 0.1248  0.0286  0.0404  56  PRO A CB  
445 C CG  . PRO A 56  ? 0.5150 0.2164 0.2729 0.0911  0.0239  0.0386  56  PRO A CG  
446 C CD  . PRO A 56  ? 0.4235 0.2142 0.2512 0.0870  0.0001  0.0312  56  PRO A CD  
447 N N   . GLN A 57  ? 0.3584 0.2801 0.2924 0.1016  0.0456  -0.0274 57  GLN A N   
448 C CA  . GLN A 57  ? 0.3443 0.2863 0.3219 0.0754  0.0240  -0.0379 57  GLN A CA  
449 C C   . GLN A 57  ? 0.3115 0.2178 0.2853 0.0763  0.0252  -0.0560 57  GLN A C   
450 O O   . GLN A 57  ? 0.3312 0.2739 0.3060 0.0595  0.0252  -0.0939 57  GLN A O   
451 C CB  . GLN A 57  ? 0.3123 0.2871 0.3511 0.0800  0.0139  -0.0279 57  GLN A CB  
456 N N   . GLY A 58  ? 0.3428 0.2008 0.2808 0.0728  0.0072  -0.0641 58  GLY A N   
457 C CA  . GLY A 58  ? 0.3278 0.1710 0.2869 0.1006  0.0235  -0.0506 58  GLY A CA  
458 C C   . GLY A 58  ? 0.3179 0.1608 0.2399 0.0972  0.0004  -0.0403 58  GLY A C   
459 O O   . GLY A 58  ? 0.3313 0.1532 0.2090 0.0636  -0.0133 -0.0519 58  GLY A O   
460 N N   . PRO A 59  ? 0.3461 0.1342 0.2411 0.0537  -0.0106 -0.0452 59  PRO A N   
461 C CA  . PRO A 59  ? 0.2911 0.1582 0.2166 0.0405  0.0196  -0.0207 59  PRO A CA  
462 C C   . PRO A 59  ? 0.3705 0.1366 0.2702 0.0329  -0.0277 -0.0362 59  PRO A C   
463 O O   . PRO A 59  ? 0.3970 0.1382 0.2331 0.0051  0.0052  -0.0116 59  PRO A O   
464 C CB  . PRO A 59  ? 0.3672 0.1452 0.2615 0.0314  -0.0130 -0.0033 59  PRO A CB  
465 C CG  . PRO A 59  ? 0.3620 0.1096 0.2673 -0.0146 0.0052  -0.0284 59  PRO A CG  
466 C CD  . PRO A 59  ? 0.3391 0.1499 0.2708 0.0563  0.0128  -0.0456 59  PRO A CD  
467 N N   . GLN A 60  ? 0.3862 0.1701 0.2328 0.0251  -0.0342 -0.0079 60  GLN A N   
468 C CA  . GLN A 60  ? 0.4071 0.1990 0.2285 0.0347  -0.0638 -0.0198 60  GLN A CA  
469 C C   . GLN A 60  ? 0.3621 0.1775 0.1960 0.0200  -0.0123 -0.0316 60  GLN A C   
470 O O   . GLN A 60  ? 0.3964 0.1994 0.1790 0.0018  -0.0222 -0.0445 60  GLN A O   
471 C CB  . GLN A 60  ? 0.4475 0.2429 0.2703 0.0538  -0.0579 -0.0179 60  GLN A CB  
472 C CG  . GLN A 60  ? 0.4656 0.3204 0.3357 0.0829  -0.0352 0.0209  60  GLN A CG  
476 N N   . LEU A 61  ? 0.3018 0.2066 0.2216 0.0410  -0.0315 -0.0470 61  LEU A N   
477 C CA  . LEU A 61  ? 0.2712 0.2101 0.2020 0.0338  0.0133  -0.0598 61  LEU A CA  
478 C C   . LEU A 61  ? 0.2716 0.1896 0.1551 0.0343  0.0182  -0.0568 61  LEU A C   
479 O O   . LEU A 61  ? 0.2731 0.1408 0.1804 0.0020  0.0538  -0.0657 61  LEU A O   
480 C CB  . LEU A 61  ? 0.2885 0.2845 0.2257 0.0348  0.0367  -0.0978 61  LEU A CB  
481 C CG  . LEU A 61  ? 0.3908 0.3517 0.2473 -0.0504 0.0117  -0.0997 61  LEU A CG  
482 C CD1 . LEU A 61  ? 0.3608 0.4318 0.2533 -0.0585 0.0617  -0.0952 61  LEU A CD1 
484 N N   . GLN A 62  ? 0.2739 0.1345 0.1632 0.0195  0.0037  -0.0272 62  GLN A N   
485 C CA  . GLN A 62  ? 0.2467 0.1451 0.1671 0.0013  0.0027  -0.0370 62  GLN A CA  
486 C C   . GLN A 62  ? 0.2303 0.1014 0.1736 -0.0234 0.0086  -0.0254 62  GLN A C   
487 O O   . GLN A 62  ? 0.2149 0.1158 0.2106 -0.0235 0.0226  -0.0536 62  GLN A O   
488 C CB  . GLN A 62  ? 0.2652 0.1367 0.1996 -0.0054 0.0034  -0.0474 62  GLN A CB  
489 C CG  . GLN A 62  ? 0.2297 0.1725 0.3024 -0.0310 -0.0006 -0.0215 62  GLN A CG  
490 C CD  . GLN A 62  ? 0.2107 0.2133 0.2261 0.0277  0.0349  -0.0320 62  GLN A CD  
491 O OE1 . GLN A 62  ? 0.2283 0.3519 0.2111 0.0151  0.0264  -0.0162 62  GLN A OE1 
492 N NE2 . GLN A 62  ? 0.2304 0.3243 0.2060 0.0275  -0.0050 -0.0217 62  GLN A NE2 
493 N N   . LYS A 63  ? 0.2586 0.1277 0.1878 -0.0300 0.0207  -0.0317 63  LYS A N   
494 C CA  . LYS A 63  ? 0.3060 0.1325 0.1852 -0.0593 0.0576  -0.0059 63  LYS A CA  
495 C C   . LYS A 63  ? 0.2396 0.1110 0.1520 -0.0095 0.0243  0.0073  63  LYS A C   
496 O O   . LYS A 63  ? 0.2276 0.1385 0.1781 -0.0069 0.0503  -0.0331 63  LYS A O   
497 C CB  . LYS A 63  ? 0.4017 0.1470 0.2256 -0.0573 0.0385  0.0062  63  LYS A CB  
498 C CG  . LYS A 63  ? 0.4545 0.2554 0.2869 -0.0457 0.0608  -0.0554 63  LYS A CG  
502 N N   . VAL A 64  ? 0.2244 0.1398 0.1464 -0.0023 0.0100  -0.0174 64  VAL A N   
503 C CA  . VAL A 64  ? 0.2080 0.1420 0.1351 -0.0036 0.0059  -0.0320 64  VAL A CA  
504 C C   . VAL A 64  ? 0.2001 0.1171 0.1297 0.0039  0.0048  -0.0338 64  VAL A C   
505 O O   . VAL A 64  ? 0.1781 0.1213 0.1429 0.0058  0.0072  -0.0437 64  VAL A O   
506 C CB  . VAL A 64  ? 0.1847 0.1753 0.1955 0.0370  -0.0122 -0.0350 64  VAL A CB  
507 C CG1 . VAL A 64  ? 0.1966 0.2091 0.2566 0.0125  -0.0183 -0.0273 64  VAL A CG1 
508 C CG2 . VAL A 64  ? 0.2512 0.2219 0.2219 0.0572  -0.0541 -0.0339 64  VAL A CG2 
509 N N   . LEU A 65  ? 0.1833 0.1119 0.1264 -0.0108 0.0114  -0.0324 65  LEU A N   
510 C CA  . LEU A 65  ? 0.1835 0.1161 0.1061 -0.0419 -0.0082 -0.0303 65  LEU A CA  
511 C C   . LEU A 65  ? 0.1815 0.0893 0.1342 -0.0051 -0.0142 -0.0444 65  LEU A C   
512 O O   . LEU A 65  ? 0.2112 0.1047 0.1300 -0.0084 -0.0221 -0.0440 65  LEU A O   
513 C CB  . LEU A 65  ? 0.1871 0.1455 0.1282 -0.0380 0.0043  -0.0297 65  LEU A CB  
514 C CG  . LEU A 65  ? 0.2116 0.1701 0.1537 -0.0202 0.0193  -0.0231 65  LEU A CG  
515 C CD1 . LEU A 65  ? 0.2460 0.2148 0.1281 -0.0708 0.0218  -0.0586 65  LEU A CD1 
516 C CD2 . LEU A 65  ? 0.1853 0.2834 0.1582 -0.0722 0.0189  -0.0003 65  LEU A CD2 
517 N N   . GLU A 66  ? 0.1874 0.1268 0.1352 -0.0341 0.0037  -0.0420 66  GLU A N   
518 C CA  . GLU A 66  ? 0.1860 0.1435 0.1548 -0.0321 0.0030  -0.0538 66  GLU A CA  
519 C C   . GLU A 66  ? 0.1462 0.1261 0.1483 -0.0093 -0.0063 -0.0445 66  GLU A C   
520 O O   . GLU A 66  ? 0.1878 0.1436 0.1644 0.0010  0.0181  -0.0367 66  GLU A O   
521 C CB  . GLU A 66  ? 0.1720 0.2047 0.2218 -0.0638 0.0235  -0.0844 66  GLU A CB  
522 C CG  . GLU A 66  ? 0.2176 0.3069 0.2099 -0.0400 0.0203  -0.0354 66  GLU A CG  
523 C CD  . GLU A 66  ? 0.2124 0.3901 0.3663 0.0275  0.0712  -0.0447 66  GLU A CD  
524 O OE1 . GLU A 66  ? 0.3127 0.3468 0.3288 -0.0995 0.0167  -0.0255 66  GLU A OE1 
526 N N   . ARG A 67  ? 0.1856 0.1270 0.1267 -0.0263 0.0046  -0.0156 67  ARG A N   
527 C CA  . ARG A 67  ? 0.1862 0.1244 0.1283 -0.0180 0.0011  -0.0299 67  ARG A CA  
528 C C   . ARG A 67  ? 0.1480 0.1169 0.1271 0.0009  0.0031  -0.0457 67  ARG A C   
529 O O   . ARG A 67  ? 0.2012 0.1238 0.1473 0.0021  0.0056  -0.0435 67  ARG A O   
530 C CB  . ARG A 67  ? 0.2103 0.1627 0.1383 0.0146  -0.0220 -0.0164 67  ARG A CB  
531 C CG  . ARG A 67  ? 0.2810 0.1844 0.1669 0.0116  -0.0150 -0.0014 67  ARG A CG  
532 C CD  . ARG A 67  ? 0.3494 0.3353 0.2168 0.0476  -0.0882 -0.0994 67  ARG A CD  
533 N NE  . ARG A 67  ? 0.3976 0.3066 0.2591 0.0698  -0.0346 -0.0847 67  ARG A NE  
534 C CZ  . ARG A 67  ? 0.3242 0.4558 0.2133 0.1073  -0.0241 -0.1132 67  ARG A CZ  
535 N NH1 . ARG A 67  ? 0.3840 0.4066 0.3407 0.1466  -0.1816 -0.1286 67  ARG A NH1 
536 N NH2 . ARG A 67  ? 0.2960 0.3167 0.3931 0.0680  -0.0167 -0.1198 67  ARG A NH2 
537 N N   . LEU A 68  ? 0.1533 0.1266 0.1088 -0.0127 -0.0145 -0.0276 68  LEU A N   
538 C CA  . LEU A 68  ? 0.1480 0.0961 0.1393 -0.0090 -0.0234 -0.0367 68  LEU A CA  
539 C C   . LEU A 68  ? 0.1413 0.0992 0.1121 -0.0127 -0.0128 -0.0277 68  LEU A C   
540 O O   . LEU A 68  ? 0.1632 0.0934 0.1675 0.0001  -0.0223 -0.0331 68  LEU A O   
541 C CB  . LEU A 68  ? 0.1075 0.1526 0.1919 0.0161  -0.0124 -0.0464 68  LEU A CB  
542 C CG  . LEU A 68  ? 0.1460 0.1694 0.2473 0.0135  -0.0338 -0.0575 68  LEU A CG  
543 C CD1 . LEU A 68  ? 0.1641 0.2516 0.3139 0.0649  0.0018  -0.0121 68  LEU A CD1 
544 C CD2 . LEU A 68  ? 0.2625 0.2470 0.3318 0.0296  -0.1250 -0.0960 68  LEU A CD2 
545 N N   . THR A 69  ? 0.1514 0.1045 0.1125 -0.0081 -0.0215 -0.0296 69  THR A N   
546 C CA  . THR A 69  ? 0.1343 0.1238 0.1148 -0.0100 -0.0185 -0.0290 69  THR A CA  
547 C C   . THR A 69  ? 0.1704 0.1162 0.1305 0.0079  -0.0167 -0.0388 69  THR A C   
548 O O   . THR A 69  ? 0.1512 0.1544 0.1599 0.0172  -0.0228 -0.0281 69  THR A O   
549 C CB  . THR A 69  ? 0.1441 0.1086 0.1196 -0.0326 -0.0118 -0.0152 69  THR A CB  
550 O OG1 . THR A 69  ? 0.1336 0.1479 0.1218 -0.0215 -0.0013 -0.0455 69  THR A OG1 
551 C CG2 . THR A 69  ? 0.1465 0.1547 0.1392 -0.0168 -0.0012 0.0017  69  THR A CG2 
552 N N   . GLY A 70  ? 0.1562 0.1316 0.1345 -0.0216 0.0013  -0.0488 70  GLY A N   
553 C CA  . GLY A 70  ? 0.1307 0.1924 0.1564 -0.0266 -0.0023 -0.0805 70  GLY A CA  
554 C C   . GLY A 70  ? 0.1588 0.2111 0.1537 -0.0303 0.0122  -0.0751 70  GLY A C   
555 O O   . GLY A 70  ? 0.1694 0.3487 0.1862 -0.0341 0.0119  -0.1245 70  GLY A O   
556 N N   . GLN A 71  ? 0.1619 0.1742 0.1088 -0.0349 -0.0016 -0.0642 71  GLN A N   
557 C CA  . GLN A 71  ? 0.1879 0.1528 0.1328 -0.0069 -0.0034 -0.0462 71  GLN A CA  
558 C C   . GLN A 71  ? 0.1563 0.1476 0.1278 0.0137  -0.0203 -0.0553 71  GLN A C   
559 O O   . GLN A 71  ? 0.2056 0.1833 0.1773 0.0121  -0.0500 -0.0636 71  GLN A O   
560 C CB  . GLN A 71  ? 0.3115 0.2328 0.1248 0.0030  -0.0118 -0.0098 71  GLN A CB  
561 C CG  . GLN A 71  ? 0.2955 0.1744 0.1810 -0.0353 0.0798  -0.0557 71  GLN A CG  
562 C CD  . GLN A 71  ? 0.2435 0.1264 0.1675 -0.0692 0.0707  -0.0315 71  GLN A CD  
563 O OE1 . GLN A 71  ? 0.2431 0.1572 0.1846 -0.0490 0.0473  -0.0326 71  GLN A OE1 
564 N NE2 . GLN A 71  ? 0.1265 0.1550 0.1727 -0.0480 0.0252  -0.0673 71  GLN A NE2 
565 N N   . HIS A 72  ? 0.1665 0.1593 0.1353 -0.0253 -0.0011 -0.0398 72  HIS A N   
566 C CA  . HIS A 72  ? 0.2315 0.1504 0.1267 -0.0177 -0.0075 -0.0243 72  HIS A CA  
567 C C   . HIS A 72  ? 0.1854 0.1352 0.1394 0.0035  -0.0027 -0.0526 72  HIS A C   
568 O O   . HIS A 72  ? 0.2790 0.1579 0.1688 0.0118  -0.0261 -0.0410 72  HIS A O   
569 C CB  . HIS A 72  ? 0.2210 0.2030 0.1718 -0.0591 0.0220  -0.0218 72  HIS A CB  
570 C CG  . HIS A 72  ? 0.1992 0.2077 0.1805 -0.0582 0.0261  -0.0457 72  HIS A CG  
571 N ND1 . HIS A 72  ? 0.1700 0.2774 0.2871 -0.0745 0.0259  -0.0737 72  HIS A ND1 
572 C CD2 . HIS A 72  ? 0.2088 0.2514 0.1970 -0.0873 -0.0123 0.0207  72  HIS A CD2 
573 C CE1 . HIS A 72  ? 0.1617 0.3014 0.3518 -0.0555 0.0101  -0.0336 72  HIS A CE1 
574 N NE2 . HIS A 72  ? 0.1983 0.2500 0.2745 -0.0745 0.0036  -0.0350 72  HIS A NE2 
575 N N   . THR A 73  ? 0.1165 0.1343 0.1107 -0.0283 0.0093  -0.0332 73  THR A N   
576 C CA  . THR A 73  ? 0.1166 0.1303 0.1196 -0.0320 0.0119  -0.0364 73  THR A CA  
577 C C   . THR A 73  ? 0.1082 0.0944 0.1292 -0.0273 0.0034  -0.0223 73  THR A C   
578 O O   . THR A 73  ? 0.1205 0.1075 0.1349 -0.0275 0.0018  -0.0301 73  THR A O   
579 C CB  . THR A 73  ? 0.1168 0.1062 0.1540 -0.0263 0.0134  -0.0306 73  THR A CB  
580 O OG1 . THR A 73  ? 0.1175 0.1292 0.1692 -0.0097 0.0092  -0.0424 73  THR A OG1 
581 C CG2 . THR A 73  ? 0.1000 0.1621 0.1810 -0.0425 0.0180  -0.0252 73  THR A CG2 
582 N N   . VAL A 74  ? 0.1205 0.0966 0.1004 -0.0238 0.0145  -0.0229 74  VAL A N   
583 C CA  . VAL A 74  ? 0.1119 0.1089 0.1076 -0.0178 0.0102  -0.0133 74  VAL A CA  
584 C C   . VAL A 74  ? 0.1173 0.0974 0.1066 -0.0276 0.0082  -0.0227 74  VAL A C   
585 O O   . VAL A 74  ? 0.1018 0.1219 0.1463 -0.0311 -0.0008 -0.0202 74  VAL A O   
586 C CB  . VAL A 74  ? 0.1016 0.1033 0.1207 -0.0156 0.0066  -0.0301 74  VAL A CB  
587 C CG1 . VAL A 74  ? 0.1331 0.1254 0.1501 -0.0128 -0.0018 -0.0085 74  VAL A CG1 
588 C CG2 . VAL A 74  ? 0.1598 0.1181 0.1432 -0.0308 0.0145  -0.0203 74  VAL A CG2 
589 N N   . PRO A 75  ? 0.1010 0.0854 0.1067 -0.0053 0.0037  -0.0213 75  PRO A N   
590 C CA  . PRO A 75  ? 0.0789 0.1146 0.1025 -0.0315 -0.0191 -0.0208 75  PRO A CA  
591 C C   . PRO A 75  ? 0.0806 0.0752 0.1234 -0.0128 0.0091  -0.0189 75  PRO A C   
592 O O   . PRO A 75  ? 0.0922 0.0978 0.1345 -0.0102 -0.0036 -0.0215 75  PRO A O   
593 C CB  . PRO A 75  ? 0.1017 0.1017 0.1038 -0.0191 0.0002  -0.0124 75  PRO A CB  
594 C CG  . PRO A 75  ? 0.1078 0.1069 0.1277 -0.0238 0.0055  -0.0184 75  PRO A CG  
595 C CD  . PRO A 75  ? 0.1201 0.1057 0.1141 -0.0127 -0.0120 -0.0056 75  PRO A CD  
596 N N   . ASN A 76  ? 0.1048 0.0948 0.1002 -0.0236 -0.0076 -0.0224 76  ASN A N   
597 C CA  . ASN A 76  ? 0.0970 0.0948 0.1048 -0.0166 -0.0004 -0.0260 76  ASN A CA  
598 C C   . ASN A 76  ? 0.0959 0.0835 0.1023 -0.0035 -0.0060 -0.0181 76  ASN A C   
599 O O   . ASN A 76  ? 0.0950 0.0860 0.1293 0.0004  -0.0002 -0.0296 76  ASN A O   
600 C CB  . ASN A 76  ? 0.1419 0.1020 0.1051 -0.0016 0.0010  -0.0234 76  ASN A CB  
601 C CG  . ASN A 76  ? 0.1504 0.0974 0.1114 -0.0093 -0.0019 -0.0178 76  ASN A CG  
602 O OD1 . ASN A 76  ? 0.2735 0.1073 0.1260 -0.0241 -0.0061 -0.0271 76  ASN A OD1 
603 N ND2 . ASN A 76  ? 0.1523 0.1248 0.1114 -0.0011 0.0121  -0.0250 76  ASN A ND2 
604 N N   . VAL A 77  ? 0.1017 0.0690 0.1178 -0.0018 -0.0041 -0.0157 77  VAL A N   
605 C CA  . VAL A 77  ? 0.1179 0.0860 0.0975 -0.0201 0.0019  -0.0144 77  VAL A CA  
606 C C   . VAL A 77  ? 0.1161 0.0559 0.1234 0.0097  0.0184  -0.0100 77  VAL A C   
607 O O   . VAL A 77  ? 0.1126 0.0850 0.1304 -0.0090 0.0148  -0.0196 77  VAL A O   
608 C CB  . VAL A 77  ? 0.1341 0.0896 0.1094 -0.0003 0.0120  -0.0182 77  VAL A CB  
609 C CG1 . VAL A 77  ? 0.1758 0.1210 0.1131 -0.0321 0.0070  -0.0148 77  VAL A CG1 
610 C CG2 . VAL A 77  ? 0.1434 0.1017 0.1408 -0.0193 -0.0294 -0.0304 77  VAL A CG2 
611 N N   . PHE A 78  ? 0.1100 0.0816 0.1305 -0.0209 -0.0054 -0.0208 78  PHE A N   
612 C CA  . PHE A 78  ? 0.1221 0.0883 0.1259 -0.0260 0.0013  -0.0274 78  PHE A CA  
613 C C   . PHE A 78  ? 0.1242 0.0985 0.1168 -0.0166 0.0137  -0.0209 78  PHE A C   
614 O O   . PHE A 78  ? 0.1403 0.0959 0.1423 -0.0267 0.0150  -0.0272 78  PHE A O   
615 C CB  . PHE A 78  ? 0.1297 0.1005 0.1272 -0.0267 -0.0162 -0.0093 78  PHE A CB  
616 C CG  . PHE A 78  ? 0.1089 0.1053 0.1380 -0.0073 0.0049  -0.0359 78  PHE A CG  
617 C CD1 . PHE A 78  ? 0.1235 0.1167 0.1460 0.0251  0.0030  -0.0324 78  PHE A CD1 
618 C CD2 . PHE A 78  ? 0.1309 0.0944 0.1475 -0.0073 -0.0007 -0.0093 78  PHE A CD2 
619 C CE1 . PHE A 78  ? 0.1700 0.1413 0.1521 0.0288  0.0034  -0.0203 78  PHE A CE1 
620 C CE2 . PHE A 78  ? 0.1338 0.1225 0.1794 -0.0094 0.0160  0.0095  78  PHE A CE2 
621 C CZ  . PHE A 78  ? 0.1425 0.1403 0.1613 0.0141  0.0120  0.0014  78  PHE A CZ  
622 N N   . VAL A 79  ? 0.1341 0.0660 0.1473 -0.0200 0.0105  -0.0293 79  VAL A N   
623 C CA  . VAL A 79  ? 0.1441 0.0936 0.1506 -0.0351 0.0150  -0.0083 79  VAL A CA  
624 C C   . VAL A 79  ? 0.1777 0.0772 0.1480 -0.0238 0.0183  -0.0377 79  VAL A C   
625 O O   . VAL A 79  ? 0.1765 0.1003 0.1562 -0.0257 0.0118  -0.0296 79  VAL A O   
626 C CB  . VAL A 79  ? 0.1826 0.1093 0.1539 -0.0203 0.0261  -0.0085 79  VAL A CB  
627 C CG1 . VAL A 79  ? 0.1929 0.1255 0.1859 -0.0270 0.0265  0.0177  79  VAL A CG1 
628 C CG2 . VAL A 79  ? 0.1694 0.1379 0.1557 -0.0322 0.0001  -0.0204 79  VAL A CG2 
629 N N   . CYS A 80  ? 0.1501 0.1179 0.1949 -0.0542 0.0042  -0.0149 80  CYS A N   
630 C CA  . CYS A 80  ? 0.1972 0.1058 0.2336 -0.0818 -0.0012 -0.0382 80  CYS A CA  
631 C C   . CYS A 80  ? 0.1704 0.1286 0.1921 -0.0443 -0.0144 -0.0507 80  CYS A C   
632 O O   . CYS A 80  ? 0.2196 0.1622 0.2610 -0.0637 -0.0195 -0.0799 80  CYS A O   
633 C CB  . CYS A 80  ? 0.2138 0.1532 0.2661 -0.1013 0.0066  -0.0264 80  CYS A CB  
634 S SG  . CYS A 80  ? 0.3681 0.1810 0.3533 -0.1020 0.0027  0.0328  80  CYS A SG  
635 N N   . GLY A 81  ? 0.1604 0.1430 0.1837 -0.0107 -0.0054 -0.0404 81  GLY A N   
636 C CA  . GLY A 81  ? 0.1902 0.1803 0.1854 -0.0332 0.0075  -0.0381 81  GLY A CA  
637 C C   . GLY A 81  ? 0.1950 0.1499 0.1549 -0.0160 0.0115  -0.0383 81  GLY A C   
638 O O   . GLY A 81  ? 0.2431 0.1713 0.1610 -0.0099 0.0101  -0.0271 81  GLY A O   
639 N N   . LYS A 82  ? 0.1614 0.1545 0.1590 -0.0325 0.0046  -0.0482 82  LYS A N   
640 C CA  . LYS A 82  ? 0.1813 0.1338 0.1592 -0.0251 0.0036  -0.0415 82  LYS A CA  
641 C C   . LYS A 82  ? 0.1626 0.0929 0.1336 -0.0041 0.0021  -0.0234 82  LYS A C   
642 O O   . LYS A 82  ? 0.1577 0.1094 0.1302 -0.0175 0.0071  -0.0287 82  LYS A O   
643 C CB  . LYS A 82  ? 0.2077 0.1272 0.2151 -0.0104 0.0358  -0.0689 82  LYS A CB  
644 C CG  . LYS A 82  ? 0.3858 0.2270 0.3136 -0.0612 -0.0004 -0.0729 82  LYS A CG  
645 C CD  . LYS A 82  ? 0.4016 0.2244 0.4119 -0.0608 -0.0302 -0.0924 82  LYS A CD  
648 N N   . HIS A 83  ? 0.1622 0.1129 0.1214 -0.0236 0.0059  -0.0325 83  HIS A N   
649 C CA  . HIS A 83  ? 0.1538 0.1124 0.1290 -0.0111 0.0036  -0.0171 83  HIS A CA  
650 C C   . HIS A 83  ? 0.1553 0.0846 0.1293 0.0133  0.0084  -0.0154 83  HIS A C   
651 O O   . HIS A 83  ? 0.2134 0.1068 0.1479 0.0295  -0.0086 -0.0413 83  HIS A O   
652 C CB  . HIS A 83  ? 0.1378 0.1284 0.1241 0.0030  0.0059  -0.0134 83  HIS A CB  
653 C CG  . HIS A 83  ? 0.1431 0.1098 0.1125 -0.0045 -0.0045 -0.0161 83  HIS A CG  
654 N ND1 . HIS A 83  ? 0.1582 0.1197 0.1362 0.0005  0.0091  -0.0327 83  HIS A ND1 
655 C CD2 . HIS A 83  ? 0.1765 0.1118 0.1160 -0.0110 0.0153  0.0031  83  HIS A CD2 
656 C CE1 . HIS A 83  ? 0.1488 0.1215 0.1237 -0.0169 0.0121  -0.0257 83  HIS A CE1 
657 N NE2 . HIS A 83  ? 0.2001 0.1149 0.1379 -0.0221 0.0255  -0.0088 83  HIS A NE2 
658 N N   . ILE A 84  ? 0.1332 0.0878 0.1174 0.0028  0.0082  -0.0039 84  ILE A N   
659 C CA  . ILE A 84  ? 0.1386 0.1133 0.1493 -0.0105 -0.0111 0.0038  84  ILE A CA  
660 C C   . ILE A 84  ? 0.1523 0.1126 0.1486 0.0233  -0.0108 -0.0215 84  ILE A C   
661 O O   . ILE A 84  ? 0.1583 0.1209 0.3204 0.0070  -0.0213 -0.0305 84  ILE A O   
662 C CB  . ILE A 84  ? 0.1955 0.1923 0.1677 0.0120  -0.0202 0.0246  84  ILE A CB  
663 C CG1 . ILE A 84  ? 0.1852 0.1462 0.2288 -0.0161 -0.0527 0.0058  84  ILE A CG1 
664 C CG2 . ILE A 84  ? 0.1871 0.1572 0.2043 -0.0311 -0.0148 -0.0305 84  ILE A CG2 
665 C CD1 . ILE A 84  ? 0.2984 0.2183 0.2025 0.0272  0.0087  0.0140  84  ILE A CD1 
666 N N   . GLY A 85  ? 0.1395 0.1030 0.1288 -0.0043 0.0088  -0.0099 85  GLY A N   
667 C CA  . GLY A 85  ? 0.1428 0.1166 0.1408 -0.0138 -0.0018 -0.0142 85  GLY A CA  
668 C C   . GLY A 85  ? 0.1241 0.1120 0.1240 -0.0016 -0.0089 -0.0022 85  GLY A C   
669 O O   . GLY A 85  ? 0.1110 0.1156 0.1874 0.0085  -0.0171 -0.0201 85  GLY A O   
670 N N   . GLY A 86  ? 0.1095 0.1176 0.1381 -0.0042 0.0008  -0.0066 86  GLY A N   
671 C CA  . GLY A 86  ? 0.1384 0.1102 0.1308 -0.0013 -0.0078 -0.0255 86  GLY A CA  
672 C C   . GLY A 86  ? 0.0971 0.1006 0.1511 -0.0042 -0.0148 -0.0128 86  GLY A C   
673 O O   . GLY A 86  ? 0.1255 0.1024 0.1457 -0.0123 -0.0026 -0.0088 86  GLY A O   
674 N N   . CYS A 87  ? 0.1270 0.1076 0.1410 -0.0054 -0.0306 -0.0105 87  CYS A N   
675 C CA  . CYS A 87  ? 0.1691 0.1078 0.1525 -0.0095 -0.0424 -0.0089 87  CYS A CA  
676 C C   . CYS A 87  ? 0.1283 0.1284 0.1618 0.0052  -0.0450 -0.0008 87  CYS A C   
677 O O   . CYS A 87  ? 0.1838 0.1063 0.1659 -0.0203 -0.0395 0.0116  87  CYS A O   
678 C CB  . CYS A 87  ? 0.2159 0.1410 0.1639 -0.0407 -0.0644 -0.0033 87  CYS A CB  
679 S SG  . CYS A 87  ? 0.2694 0.1650 0.1851 -0.0143 -0.0834 -0.0161 87  CYS A SG  
680 N N   A THR A 88  ? 0.1297 0.1527 0.2189 -0.0040 -0.0435 0.0121  88  THR A N   
681 N N   B THR A 88  ? 0.1254 0.1611 0.2121 0.0002  -0.0459 0.0202  88  THR A N   
682 C CA  A THR A 88  ? 0.1175 0.1679 0.2580 0.0034  -0.0246 -0.0063 88  THR A CA  
683 C CA  B THR A 88  ? 0.1023 0.1824 0.2564 0.0081  -0.0259 0.0154  88  THR A CA  
684 C C   A THR A 88  ? 0.1409 0.1519 0.2127 0.0149  -0.0150 -0.0167 88  THR A C   
685 C C   B THR A 88  ? 0.1376 0.1634 0.2087 0.0181  -0.0167 -0.0069 88  THR A C   
686 O O   A THR A 88  ? 0.1567 0.1414 0.2389 0.0313  -0.0081 0.0321  88  THR A O   
687 O O   B THR A 88  ? 0.1488 0.1519 0.2301 0.0261  -0.0100 0.0272  88  THR A O   
688 C CB  A THR A 88  ? 0.1301 0.2058 0.2562 -0.0240 -0.0315 -0.0109 88  THR A CB  
689 C CB  B THR A 88  ? 0.1241 0.2211 0.2262 -0.0044 -0.0313 0.0397  88  THR A CB  
690 O OG1 A THR A 88  ? 0.2394 0.3063 0.3002 0.0315  0.0105  0.0406  88  THR A OG1 
691 O OG1 B THR A 88  ? 0.1796 0.2575 0.3242 -0.0399 -0.0352 0.0333  88  THR A OG1 
692 C CG2 A THR A 88  ? 0.0927 0.2227 0.2703 -0.0288 -0.0399 -0.0221 88  THR A CG2 
693 C CG2 B THR A 88  ? 0.0651 0.2384 0.3737 0.0314  -0.0340 0.0283  88  THR A CG2 
694 N N   . ASP A 89  ? 0.1307 0.1422 0.2027 -0.0012 -0.0020 0.0050  89  ASP A N   
695 C CA  . ASP A 89  ? 0.1549 0.1373 0.1924 0.0187  -0.0127 0.0001  89  ASP A CA  
696 C C   . ASP A 89  ? 0.1431 0.1037 0.1841 0.0231  0.0053  -0.0047 89  ASP A C   
697 O O   . ASP A 89  ? 0.1968 0.1003 0.2080 0.0110  0.0165  0.0009  89  ASP A O   
698 C CB  . ASP A 89  ? 0.1909 0.1727 0.1694 0.0196  0.0103  0.0125  89  ASP A CB  
699 C CG  . ASP A 89  ? 0.1922 0.1588 0.2356 0.0026  0.0220  -0.0069 89  ASP A CG  
700 O OD1 . ASP A 89  ? 0.2313 0.2152 0.2789 0.0574  0.0624  0.0021  89  ASP A OD1 
701 O OD2 . ASP A 89  ? 0.1533 0.2103 0.2366 0.0124  0.0349  0.0173  89  ASP A OD2 
702 N N   . THR A 90  ? 0.1218 0.1132 0.1613 -0.0062 -0.0101 0.0002  90  THR A N   
703 C CA  . THR A 90  ? 0.1378 0.1270 0.1535 -0.0010 -0.0131 0.0097  90  THR A CA  
704 C C   . THR A 90  ? 0.1518 0.0945 0.1633 -0.0095 -0.0028 -0.0067 90  THR A C   
705 O O   . THR A 90  ? 0.1907 0.1158 0.1627 -0.0231 0.0005  0.0059  90  THR A O   
706 C CB  . THR A 90  ? 0.1248 0.1130 0.1633 -0.0009 -0.0031 -0.0121 90  THR A CB  
707 O OG1 . THR A 90  ? 0.1449 0.1251 0.1808 -0.0097 -0.0203 0.0021  90  THR A OG1 
708 C CG2 . THR A 90  ? 0.1305 0.1469 0.1872 0.0160  0.0224  -0.0105 90  THR A CG2 
709 N N   . VAL A 91  ? 0.1468 0.1239 0.1690 0.0043  -0.0189 0.0054  91  VAL A N   
710 C CA  . VAL A 91  ? 0.1796 0.1237 0.2002 -0.0059 -0.0363 0.0170  91  VAL A CA  
711 C C   . VAL A 91  ? 0.1981 0.1446 0.1947 0.0112  -0.0201 0.0424  91  VAL A C   
712 O O   . VAL A 91  ? 0.2234 0.1552 0.2254 0.0011  -0.0372 0.0528  91  VAL A O   
713 C CB  . VAL A 91  ? 0.2121 0.1605 0.2005 -0.0252 -0.0533 0.0106  91  VAL A CB  
714 C CG1 . VAL A 91  ? 0.2281 0.2328 0.2220 -0.0181 -0.0946 0.0419  91  VAL A CG1 
715 C CG2 . VAL A 91  ? 0.2197 0.2019 0.1852 -0.0518 -0.0295 -0.0216 91  VAL A CG2 
716 N N   . LYS A 92  ? 0.1940 0.1307 0.2254 0.0295  -0.0046 0.0217  92  LYS A N   
717 C CA  . LYS A 92  ? 0.2480 0.1202 0.2674 0.0395  0.0434  0.0129  92  LYS A CA  
718 C C   . LYS A 92  ? 0.2628 0.1187 0.2400 0.0221  0.0292  0.0255  92  LYS A C   
719 O O   . LYS A 92  ? 0.3153 0.1331 0.2901 0.0331  0.0277  0.0234  92  LYS A O   
720 C CB  . LYS A 92  ? 0.2792 0.1534 0.3151 0.0411  0.0527  -0.0123 92  LYS A CB  
721 C CG  . LYS A 92  ? 0.2410 0.2379 0.3733 0.0497  0.0271  0.0480  92  LYS A CG  
722 C CD  . LYS A 92  ? 0.2933 0.2932 0.4221 0.0089  0.0659  0.0195  92  LYS A CD  
725 N N   . LEU A 93  ? 0.2580 0.1392 0.2155 0.0087  0.0035  -0.0019 93  LEU A N   
726 C CA  . LEU A 93  ? 0.2952 0.1296 0.2121 -0.0361 0.0176  0.0105  93  LEU A CA  
727 C C   . LEU A 93  ? 0.3065 0.1204 0.1998 -0.0564 -0.0012 -0.0046 93  LEU A C   
728 O O   . LEU A 93  ? 0.3593 0.1240 0.2681 -0.0558 0.0277  -0.0005 93  LEU A O   
729 C CB  . LEU A 93  ? 0.2580 0.1840 0.2266 -0.0323 0.0105  -0.0356 93  LEU A CB  
730 C CG  . LEU A 93  ? 0.3733 0.2442 0.3294 -0.0558 -0.0213 0.0131  93  LEU A CG  
731 C CD1 . LEU A 93  ? 0.6255 0.1565 0.1949 -0.0738 -0.0533 -0.0043 93  LEU A CD1 
732 C CD2 . LEU A 93  ? 0.4300 0.2977 0.4168 -0.0710 -0.1791 0.0187  93  LEU A CD2 
733 N N   . ASN A 94  ? 0.2895 0.1583 0.1738 -0.0332 -0.0031 -0.0040 94  ASN A N   
734 C CA  . ASN A 94  ? 0.3142 0.1632 0.1932 -0.0279 0.0119  0.0045  94  ASN A CA  
735 C C   . ASN A 94  ? 0.2725 0.0678 0.0965 -0.0711 -0.0233 0.0124  94  ASN A C   
736 O O   . ASN A 94  ? 0.3990 0.1344 0.2393 -0.0553 0.0514  0.0496  94  ASN A O   
737 C CB  . ASN A 94  ? 0.3132 0.1439 0.1779 -0.0191 0.0188  0.0090  94  ASN A CB  
738 C CG  . ASN A 94  ? 0.2724 0.2536 0.2307 -0.0852 0.0165  0.0158  94  ASN A CG  
739 O OD1 . ASN A 94  ? 0.2924 0.3506 0.2875 -0.0585 0.0643  -0.0094 94  ASN A OD1 
740 N ND2 . ASN A 94  ? 0.3709 0.2550 0.2168 -0.0122 -0.0200 0.0008  94  ASN A ND2 
741 N N   . ARG A 95  ? 0.3130 0.1851 0.2511 0.0026  -0.0027 0.0755  95  ARG A N   
742 C CA  . ARG A 95  ? 0.3205 0.1693 0.2613 -0.0019 -0.0209 0.0440  95  ARG A CA  
743 C C   . ARG A 95  ? 0.3645 0.1423 0.2673 -0.0215 -0.0083 0.0581  95  ARG A C   
744 O O   . ARG A 95  ? 0.3897 0.1559 0.3066 -0.0046 0.0041  0.0727  95  ARG A O   
745 C CB  . ARG A 95  ? 0.3173 0.1800 0.3251 -0.0098 -0.0435 0.0314  95  ARG A CB  
752 N N   . LYS A 96  ? 0.3604 0.1282 0.2849 -0.0240 -0.0003 0.0138  96  LYS A N   
753 C CA  . LYS A 96  ? 0.3985 0.1453 0.3013 0.0200  -0.0034 -0.0053 96  LYS A CA  
754 C C   . LYS A 96  ? 0.4272 0.1110 0.2740 -0.0035 -0.0181 0.0264  96  LYS A C   
755 O O   . LYS A 96  ? 0.5091 0.1186 0.3086 -0.0034 -0.0966 0.0091  96  LYS A O   
756 C CB  . LYS A 96  ? 0.4116 0.2042 0.3144 0.0037  0.0236  -0.0337 96  LYS A CB  
761 N N   . GLY A 97  ? 0.3949 0.1382 0.2993 -0.0329 0.0117  0.0484  97  GLY A N   
762 C CA  . GLY A 97  ? 0.3748 0.1496 0.2752 -0.0717 0.0095  0.0585  97  GLY A CA  
763 C C   . GLY A 97  ? 0.3175 0.1505 0.2603 -0.0450 0.0248  0.0460  97  GLY A C   
764 O O   . GLY A 97  ? 0.3358 0.1542 0.2690 -0.0721 0.0522  0.0268  97  GLY A O   
765 N N   . ASP A 98  ? 0.3436 0.1334 0.2235 -0.0340 0.0551  0.0429  98  ASP A N   
766 C CA  . ASP A 98  ? 0.3309 0.1248 0.2327 -0.0290 0.0293  0.0130  98  ASP A CA  
767 C C   . ASP A 98  ? 0.3032 0.1439 0.2218 -0.0259 0.0461  0.0221  98  ASP A C   
768 O O   . ASP A 98  ? 0.3236 0.1291 0.2228 -0.0163 0.0227  0.0179  98  ASP A O   
769 C CB  . ASP A 98  ? 0.3788 0.1491 0.2297 -0.0125 0.0813  0.0402  98  ASP A CB  
770 C CG  . ASP A 98  ? 0.4155 0.1328 0.3326 -0.0598 0.0410  0.0323  98  ASP A CG  
771 O OD1 . ASP A 98  ? 0.4373 0.1859 0.3645 -0.0129 0.0817  0.0105  98  ASP A OD1 
772 O OD2 . ASP A 98  ? 0.4512 0.2628 0.4290 0.0026  0.0889  -0.0083 98  ASP A OD2 
773 N N   . LEU A 99  ? 0.3470 0.1297 0.1996 -0.0186 0.0303  0.0345  99  LEU A N   
774 C CA  . LEU A 99  ? 0.3192 0.1088 0.2372 -0.0293 0.0142  0.0187  99  LEU A CA  
775 C C   . LEU A 99  ? 0.3245 0.1384 0.2076 0.0029  0.0233  0.0154  99  LEU A C   
776 O O   . LEU A 99  ? 0.3480 0.1365 0.2244 0.0284  0.0336  0.0116  99  LEU A O   
777 C CB  . LEU A 99  ? 0.3511 0.1410 0.1882 -0.0023 0.0132  0.0119  99  LEU A CB  
778 C CG  . LEU A 99  ? 0.3615 0.1138 0.2074 0.0263  -0.0369 -0.0116 99  LEU A CG  
779 C CD1 . LEU A 99  ? 0.5048 0.1800 0.2393 0.0142  -0.0435 0.0098  99  LEU A CD1 
780 C CD2 . LEU A 99  ? 0.3422 0.1422 0.2214 0.0311  0.0024  -0.0095 99  LEU A CD2 
781 N N   . GLU A 100 ? 0.2875 0.1373 0.2246 -0.0090 0.0340  0.0387  100 GLU A N   
782 C CA  . GLU A 100 ? 0.3182 0.1544 0.2332 0.0119  0.0539  0.0500  100 GLU A CA  
783 C C   . GLU A 100 ? 0.2779 0.1495 0.2510 0.0030  0.0635  0.0458  100 GLU A C   
784 O O   . GLU A 100 ? 0.3394 0.1639 0.2954 0.0127  0.0943  0.0284  100 GLU A O   
785 C CB  . GLU A 100 ? 0.3066 0.1910 0.2483 0.0161  0.0279  0.0652  100 GLU A CB  
786 C CG  . GLU A 100 ? 0.4241 0.2230 0.2703 0.0372  -0.0420 0.0542  100 GLU A CG  
790 N N   . LEU A 101 ? 0.2993 0.1490 0.3028 0.0107  0.0720  0.0386  101 LEU A N   
791 C CA  . LEU A 101 ? 0.2868 0.1367 0.3270 -0.0038 0.0590  0.0147  101 LEU A CA  
792 C C   . LEU A 101 ? 0.3251 0.1725 0.3105 -0.0026 0.0469  0.0029  101 LEU A C   
793 O O   . LEU A 101 ? 0.3375 0.1756 0.3664 -0.0022 0.0504  -0.0166 101 LEU A O   
794 C CB  . LEU A 101 ? 0.2928 0.1802 0.3404 -0.0022 0.0656  0.0444  101 LEU A CB  
795 C CG  . LEU A 101 ? 0.2398 0.1609 0.3989 0.0393  0.0685  0.0467  101 LEU A CG  
796 C CD1 . LEU A 101 ? 0.2454 0.1544 0.4184 0.0085  0.0888  0.0471  101 LEU A CD1 
797 C CD2 . LEU A 101 ? 0.2743 0.1278 0.3944 -0.0112 0.0915  0.0250  101 LEU A CD2 
798 N N   A MET A 102 ? 0.3242 0.1559 0.2612 -0.0126 0.0289  0.0039  102 MET A N   
799 N N   B MET A 102 ? 0.3272 0.1537 0.2581 -0.0147 0.0236  0.0025  102 MET A N   
800 C CA  A MET A 102 ? 0.3570 0.1885 0.2789 0.0084  0.0282  0.0104  102 MET A CA  
801 C CA  B MET A 102 ? 0.3667 0.1949 0.2751 0.0051  0.0190  0.0075  102 MET A CA  
802 C C   A MET A 102 ? 0.3710 0.1988 0.2661 0.0002  0.0233  0.0066  102 MET A C   
803 C C   B MET A 102 ? 0.3743 0.1946 0.2659 0.0027  0.0185  0.0032  102 MET A C   
804 O O   A MET A 102 ? 0.3863 0.2100 0.3064 0.0026  0.0235  -0.0047 102 MET A O   
805 O O   B MET A 102 ? 0.3752 0.1920 0.3044 0.0252  0.0267  -0.0175 102 MET A O   
806 C CB  A MET A 102 ? 0.3627 0.2018 0.2501 0.0050  0.0310  -0.0025 102 MET A CB  
807 C CB  B MET A 102 ? 0.3853 0.2086 0.2618 0.0024  0.0139  -0.0001 102 MET A CB  
808 C CG  A MET A 102 ? 0.3169 0.1750 0.3050 0.0739  0.0423  0.0025  102 MET A CG  
809 C CG  B MET A 102 ? 0.3820 0.2689 0.2797 0.0082  -0.0056 -0.0010 102 MET A CG  
810 S SD  A MET A 102 ? 0.3220 0.2872 0.2756 -0.0479 0.0568  0.0121  102 MET A SD  
812 C CE  A MET A 102 ? 0.2301 0.1904 0.2694 -0.0215 0.0440  -0.1206 102 MET A CE  
813 C CE  B MET A 102 ? 0.4625 0.3872 0.2302 0.0091  -0.0344 -0.0705 102 MET A CE  
814 N N   . LEU A 103 ? 0.3702 0.1556 0.2416 0.0115  0.0367  -0.0035 103 LEU A N   
815 C CA  . LEU A 103 ? 0.3459 0.1990 0.2725 0.0340  0.0321  0.0070  103 LEU A CA  
816 C C   . LEU A 103 ? 0.3432 0.2533 0.3212 0.0259  0.0527  0.0061  103 LEU A C   
817 O O   . LEU A 103 ? 0.3107 0.3196 0.3769 0.0182  0.0416  0.0091  103 LEU A O   
818 C CB  . LEU A 103 ? 0.3612 0.2217 0.2763 0.0288  0.0506  -0.0064 103 LEU A CB  
819 C CG  . LEU A 103 ? 0.4006 0.1876 0.2554 0.0480  0.0484  0.0002  103 LEU A CG  
820 C CD1 . LEU A 103 ? 0.4612 0.1882 0.2750 -0.0021 0.0488  0.0023  103 LEU A CD1 
821 C CD2 . LEU A 103 ? 0.4151 0.1850 0.2686 0.0606  0.0979  0.0219  103 LEU A CD2 
822 N N   . ALA A 104 ? 0.3582 0.2308 0.3591 -0.0151 0.0537  0.0071  104 ALA A N   
823 C CA  . ALA A 104 ? 0.3746 0.3246 0.3983 -0.0180 0.0431  0.0226  104 ALA A CA  
826 C CB  . ALA A 104 ? 0.3572 0.2796 0.3921 -0.0160 0.0685  0.0226  104 ALA A CB  
836 N N1  . GSH B .   ? 0.1871 0.2202 0.4981 0.0688  0.1115  0.0166  114 GSH A N1  
837 C CA1 . GSH B .   ? 0.1572 0.1190 0.2959 -0.0192 0.0285  0.0086  114 GSH A CA1 
838 C C1  . GSH B .   ? 0.1661 0.1106 0.2045 -0.0381 -0.0415 0.0057  114 GSH A C1  
839 O O11 . GSH B .   ? 0.1435 0.1228 0.2033 -0.0206 -0.0320 0.0112  114 GSH A O11 
840 O O12 . GSH B .   ? 0.1612 0.2080 0.3577 -0.0310 -0.0444 0.1009  114 GSH A O12 
841 C CB1 . GSH B .   ? 0.1267 0.1368 0.3627 -0.0073 0.0416  0.0035  114 GSH A CB1 
842 C CG1 . GSH B .   ? 0.1180 0.1093 0.2572 -0.0126 0.0105  0.0096  114 GSH A CG1 
843 C CD1 . GSH B .   ? 0.1203 0.1361 0.1788 -0.0440 -0.0231 0.0084  114 GSH A CD1 
844 O OE1 . GSH B .   ? 0.1303 0.1235 0.2474 -0.0270 0.0059  -0.0026 114 GSH A OE1 
845 N N2  . GSH B .   ? 0.1095 0.1030 0.1531 -0.0164 -0.0110 -0.0140 114 GSH A N2  
846 C CA2 . GSH B .   ? 0.1158 0.0860 0.1482 -0.0219 0.0079  -0.0221 114 GSH A CA2 
847 C C2  . GSH B .   ? 0.1070 0.1154 0.1239 -0.0237 -0.0002 -0.0246 114 GSH A C2  
848 O O2  . GSH B .   ? 0.1430 0.1358 0.1399 -0.0592 0.0100  -0.0269 114 GSH A O2  
849 C CB2 . GSH B .   ? 0.1582 0.1387 0.1334 -0.0325 -0.0018 -0.0341 114 GSH A CB2 
850 S SG2 . GSH B .   ? 0.1925 0.1585 0.1736 -0.0308 -0.0155 -0.0408 114 GSH A SG2 
851 N N3  . GSH B .   ? 0.1354 0.1155 0.1362 -0.0469 0.0253  -0.0039 114 GSH A N3  
852 C CA3 . GSH B .   ? 0.1557 0.1270 0.1450 -0.0450 0.0169  -0.0065 114 GSH A CA3 
853 C C3  . GSH B .   ? 0.1619 0.1584 0.1350 -0.0361 0.0045  0.0329  114 GSH A C3  
854 O O31 . GSH B .   ? 0.1957 0.2560 0.1906 0.0155  0.0358  0.0151  114 GSH A O31 
855 O O32 . GSH B .   ? 0.1959 0.1493 0.1876 -0.0563 0.0185  0.0125  114 GSH A O32 
856 S S   . SO4 C .   ? 0.1841 0.2699 0.2301 -0.0042 -0.0146 0.0461  115 SO4 A S   
857 O O1  . SO4 C .   ? 0.2289 0.2421 0.2858 -0.1095 0.0099  0.0316  115 SO4 A O1  
858 O O2  . SO4 C .   ? 0.2132 0.2009 0.1917 -0.0910 -0.0844 0.0658  115 SO4 A O2  
859 O O3  . SO4 C .   ? 0.1984 0.3167 0.2392 0.0263  -0.0359 -0.0007 115 SO4 A O3  
860 O O4  . SO4 C .   ? 0.2748 0.2724 0.3070 -0.0085 -0.0417 0.1022  115 SO4 A O4  
861 S S   . SO4 D .   ? 0.1826 0.2059 0.2580 0.0431  0.0707  0.0653  116 SO4 A S   
862 O O1  . SO4 D .   ? 0.2135 0.3168 0.2472 0.0512  0.0304  0.0376  116 SO4 A O1  
863 O O2  . SO4 D .   ? 0.2024 0.2104 0.2721 0.0231  0.0039  0.0762  116 SO4 A O2  
864 O O3  . SO4 D .   ? 0.2049 0.2197 0.3299 0.0392  -0.0143 0.0896  116 SO4 A O3  
865 O O4  . SO4 D .   ? 0.2478 0.2494 0.3128 0.1203  0.0301  0.0151  116 SO4 A O4  
871 O O   . HOH F .   ? 0.2818 0.3239 0.3474 0.0954  0.0859  0.0171  118 HOH A O   
874 O O   . HOH F .   ? 0.2904 0.1649 0.4731 -0.0810 0.0082  -0.0638 121 HOH A O   
875 O O   . HOH F .   ? 0.2791 0.2610 0.4239 -0.0373 -0.0553 -0.0798 122 HOH A O   
876 O O   . HOH F .   ? 0.2339 0.2893 0.2654 -0.0935 0.0138  -0.0255 123 HOH A O   
877 O O   . HOH F .   ? 0.1586 0.2371 0.2144 -0.0933 0.0115  -0.0321 124 HOH A O   
878 O O   . HOH F .   ? 0.1646 0.2686 0.3183 0.0182  0.0307  0.0712  125 HOH A O   
879 O O   . HOH F .   ? 0.2557 0.2899 0.2296 -0.0278 0.0396  0.0135  126 HOH A O   
880 O O   . HOH F .   ? 0.2006 0.1955 0.1931 0.0166  -0.0053 -0.0257 127 HOH A O   
881 O O   . HOH F .   ? 0.2100 0.2198 0.3346 0.0378  0.0571  0.0405  128 HOH A O   
882 O O   . HOH F .   ? 0.3992 0.1886 0.2480 0.0338  0.0190  0.0153  129 HOH A O   
884 O O   . HOH F .   ? 0.2856 0.3481 0.4223 -0.1452 0.0186  -0.0641 131 HOH A O   
885 O O   . HOH F .   ? 0.1843 0.1482 0.2130 -0.0513 -0.0412 0.0185  132 HOH A O   
886 O O   . HOH F .   ? 0.2552 0.3951 0.3444 0.1364  -0.0831 -0.0235 133 HOH A O   
887 O O   . HOH F .   ? 0.2549 0.2749 0.2900 -0.0434 -0.0079 -0.0035 134 HOH A O   
888 O O   . HOH F .   ? 0.3666 0.2320 0.2754 -0.0102 -0.0673 -0.0324 135 HOH A O   
889 O O   . HOH F .   ? 0.2075 0.1784 0.2491 0.0293  -0.0099 0.0132  136 HOH A O   
890 O O   . HOH F .   ? 0.1007 0.1087 0.1565 0.0134  -0.0005 -0.0273 137 HOH A O   
892 O O   . HOH F .   ? 0.1868 0.2352 0.4841 0.0077  -0.0257 -0.0266 139 HOH A O   
893 O O   . HOH F .   ? 0.2018 0.2927 0.2726 -0.0117 0.0111  0.0501  140 HOH A O   
895 O O   . HOH F .   ? 0.4428 0.5304 0.2110 -0.0449 -0.0316 0.0125  142 HOH A O   
902 O O   . HOH F .   ? 0.2155 0.1099 0.1375 0.0012  0.0003  -0.0186 149 HOH A O   
903 O O   . HOH F .   ? 0.2108 0.2270 0.4211 -0.0144 -0.0426 -0.1010 150 HOH A O   
904 O O   . HOH F .   ? 0.3092 0.2759 0.3217 0.0087  -0.0499 -0.0586 151 HOH A O   
905 O O   . HOH F .   ? 0.2258 0.3103 0.2813 0.0110  -0.0045 -0.0578 152 HOH A O   
906 O O   . HOH F .   ? 0.2737 0.2930 0.2532 -0.0215 0.0382  -0.0221 153 HOH A O   
907 O O   . HOH F .   ? 0.2991 0.3258 0.3198 -0.0179 -0.0336 -0.0621 154 HOH A O   
910 O O   . HOH F .   ? 0.2212 0.3034 0.2939 -0.0154 -0.0881 -0.0178 157 HOH A O   
913 O O   . HOH F .   ? 0.3930 0.2740 0.2699 -0.0892 0.0200  -0.0736 160 HOH A O   
914 O O   . HOH F .   ? 0.2747 0.2430 0.2380 -0.0123 0.0321  -0.0556 161 HOH A O   
915 O O   . HOH F .   ? 0.2900 0.3101 0.2810 -0.0657 0.0325  -0.0722 162 HOH A O   
916 O O   . HOH F .   ? 0.3922 0.2576 0.2711 0.0015  -0.0427 0.0009  163 HOH A O   
918 O O   . HOH F .   ? 0.2561 0.3360 0.2688 -0.0317 0.0475  0.0565  165 HOH A O   
920 O O   . HOH F .   ? 0.5725 0.2493 0.2803 -0.1278 -0.0901 -0.0431 167 HOH A O   
921 O O   . HOH F .   ? 0.1211 0.1868 0.1673 0.0245  0.0186  -0.0453 168 HOH A O   
922 O O   . HOH F .   ? 0.1617 0.1949 0.2024 0.0135  0.0095  -0.0308 169 HOH A O   
923 O O   . HOH F .   ? 0.2180 0.1746 0.1728 0.0018  0.0087  -0.0136 170 HOH A O   
926 O O   . HOH F .   ? 0.4274 0.3059 0.3551 0.0191  -0.0554 0.0150  173 HOH A O   
928 O O   . HOH F .   ? 0.2227 0.1978 0.2349 0.0121  0.0125  -0.0221 175 HOH A O   
931 O O   . HOH F .   ? 0.2069 0.3257 0.3500 0.0158  -0.0049 0.0289  178 HOH A O   
933 O O   . HOH F .   ? 0.3232 0.2603 0.3684 0.0751  -0.0777 -0.0740 180 HOH A O   
935 O O   . HOH F .   ? 0.2617 0.2374 0.2891 0.0321  -0.0387 -0.0579 182 HOH A O   
938 O O   . HOH F .   ? 0.4939 0.3478 0.5249 -0.0841 0.2006  -0.0824 185 HOH A O   
950 O O   . HOH F .   ? 0.3772 0.4137 0.2576 -0.1456 0.0510  -0.0873 197 HOH A O   
952 O O   . HOH F .   ? 0.4582 0.2477 0.2297 -0.0806 -0.0524 0.0474  199 HOH A O   
953 O O   . HOH F .   ? 0.4227 0.3365 0.3106 -0.0090 -0.1085 0.0396  200 HOH A O   
956 O O   . HOH F .   ? 0.2853 0.3032 0.3939 0.1483  0.1712  0.1476  203 HOH A O   
971 O O   . HOH F .   ? 0.1174 0.1278 0.1670 -0.0114 0.0019  -0.0157 218 HOH A O   
972 O O   . HOH F .   ? 0.4152 0.3573 0.4006 -0.0358 -0.1756 -0.0276 219 HOH A O   
973 O O   . HOH F .   ? 0.2406 0.2110 0.3739 0.0528  0.0080  -0.0322 220 HOH A O   
974 O O   . HOH F .   ? 0.1730 0.1081 0.1923 -0.0227 0.0036  -0.0341 221 HOH A O   
975 O O   . HOH F .   ? 0.2096 0.2158 0.3941 -0.0408 0.0245  -0.0234 222 HOH A O   
976 O O   . HOH F .   ? 0.2088 0.3178 0.3055 -0.0818 0.0724  -0.1397 223 HOH A O   
977 O O   . HOH F .   ? 0.1416 0.1566 0.1565 -0.0056 0.0100  -0.0392 224 HOH A O   
978 O O   . HOH F .   ? 0.1728 0.2175 0.2212 0.0278  0.0205  -0.0338 225 HOH A O   
# 
loop_
_pdbx_poly_seq_scheme.asym_id 
_pdbx_poly_seq_scheme.entity_id 
_pdbx_poly_seq_scheme.seq_id 
_pdbx_poly_seq_scheme.mon_id 
_pdbx_poly_seq_scheme.ndb_seq_num 
_pdbx_poly_seq_scheme.pdb_seq_num 
_pdbx_poly_seq_scheme.auth_seq_num 
_pdbx_poly_seq_scheme.pdb_mon_id 
_pdbx_poly_seq_scheme.auth_mon_id 
_pdbx_poly_seq_scheme.pdb_strand_id 
_pdbx_poly_seq_scheme.pdb_ins_code 
_pdbx_poly_seq_scheme.hetero 
A 1 1   MET 1   1   ?   ?   ?   A . n 
A 1 2   ALA 2   2   ?   ?   ?   A . n 
A 1 3   SER 3   3   ?   ?   ?   A . n 
A 1 4   PHE 4   4   ?   ?   ?   A . n 
A 1 5   GLY 5   5   ?   ?   ?   A . n 
A 1 6   SER 6   6   6   SER SER A . n 
A 1 7   ARG 7   7   7   ARG ARG A . n 
A 1 8   MET 8   8   8   MET MET A . n 
A 1 9   GLU 9   9   9   GLU GLU A . n 
A 1 10  GLU 10  10  10  GLU GLU A . n 
A 1 11  SER 11  11  11  SER SER A . n 
A 1 12  ILE 12  12  12  ILE ILE A . n 
A 1 13  ARG 13  13  13  ARG ARG A . n 
A 1 14  LYS 14  14  14  LYS LYS A . n 
A 1 15  THR 15  15  15  THR THR A . n 
A 1 16  VAL 16  16  16  VAL VAL A . n 
A 1 17  THR 17  17  17  THR THR A . n 
A 1 18  GLU 18  18  18  GLU GLU A . n 
A 1 19  ASN 19  19  19  ASN ASN A . n 
A 1 20  THR 20  20  20  THR THR A . n 
A 1 21  VAL 21  21  21  VAL VAL A . n 
A 1 22  VAL 22  22  22  VAL VAL A . n 
A 1 23  ILE 23  23  23  ILE ILE A . n 
A 1 24  TYR 24  24  24  TYR TYR A . n 
A 1 25  SER 25  25  25  SER SER A . n 
A 1 26  LYS 26  26  26  LYS LYS A . n 
A 1 27  THR 27  27  27  THR THR A . n 
A 1 28  TRP 28  28  28  TRP TRP A . n 
A 1 29  CYS 29  29  29  CYS CYS A . n 
A 1 30  SER 30  30  30  SER SER A . n 
A 1 31  TYR 31  31  31  TYR TYR A . n 
A 1 32  CYS 32  32  32  CYS CYS A . n 
A 1 33  THR 33  33  33  THR THR A . n 
A 1 34  GLU 34  34  34  GLU GLU A . n 
A 1 35  VAL 35  35  35  VAL VAL A . n 
A 1 36  LYS 36  36  36  LYS LYS A . n 
A 1 37  THR 37  37  37  THR THR A . n 
A 1 38  LEU 38  38  38  LEU LEU A . n 
A 1 39  PHE 39  39  39  PHE PHE A . n 
A 1 40  LYS 40  40  40  LYS LYS A . n 
A 1 41  ARG 41  41  41  ARG ARG A . n 
A 1 42  LEU 42  42  42  LEU LEU A . n 
A 1 43  GLY 43  43  43  GLY GLY A . n 
A 1 44  VAL 44  44  44  VAL VAL A . n 
A 1 45  GLN 45  45  45  GLN GLN A . n 
A 1 46  PRO 46  46  46  PRO PRO A . n 
A 1 47  LEU 47  47  47  LEU LEU A . n 
A 1 48  VAL 48  48  48  VAL VAL A . n 
A 1 49  VAL 49  49  49  VAL VAL A . n 
A 1 50  GLU 50  50  50  GLU GLU A . n 
A 1 51  LEU 51  51  51  LEU LEU A . n 
A 1 52  ASP 52  52  52  ASP ASP A . n 
A 1 53  GLN 53  53  53  GLN GLN A . n 
A 1 54  LEU 54  54  54  LEU LEU A . n 
A 1 55  GLY 55  55  55  GLY GLY A . n 
A 1 56  PRO 56  56  56  PRO PRO A . n 
A 1 57  GLN 57  57  57  GLN GLN A . n 
A 1 58  GLY 58  58  58  GLY GLY A . n 
A 1 59  PRO 59  59  59  PRO PRO A . n 
A 1 60  GLN 60  60  60  GLN GLN A . n 
A 1 61  LEU 61  61  61  LEU LEU A . n 
A 1 62  GLN 62  62  62  GLN GLN A . n 
A 1 63  LYS 63  63  63  LYS LYS A . n 
A 1 64  VAL 64  64  64  VAL VAL A . n 
A 1 65  LEU 65  65  65  LEU LEU A . n 
A 1 66  GLU 66  66  66  GLU GLU A . n 
A 1 67  ARG 67  67  67  ARG ARG A . n 
A 1 68  LEU 68  68  68  LEU LEU A . n 
A 1 69  THR 69  69  69  THR THR A . n 
A 1 70  GLY 70  70  70  GLY GLY A . n 
A 1 71  GLN 71  71  71  GLN GLN A . n 
A 1 72  HIS 72  72  72  HIS HIS A . n 
A 1 73  THR 73  73  73  THR THR A . n 
A 1 74  VAL 74  74  74  VAL VAL A . n 
A 1 75  PRO 75  75  75  PRO PRO A . n 
A 1 76  ASN 76  76  76  ASN ASN A . n 
A 1 77  VAL 77  77  77  VAL VAL A . n 
A 1 78  PHE 78  78  78  PHE PHE A . n 
A 1 79  VAL 79  79  79  VAL VAL A . n 
A 1 80  CYS 80  80  80  CYS CYS A . n 
A 1 81  GLY 81  81  81  GLY GLY A . n 
A 1 82  LYS 82  82  82  LYS LYS A . n 
A 1 83  HIS 83  83  83  HIS HIS A . n 
A 1 84  ILE 84  84  84  ILE ILE A . n 
A 1 85  GLY 85  85  85  GLY GLY A . n 
A 1 86  GLY 86  86  86  GLY GLY A . n 
A 1 87  CYS 87  87  87  CYS CYS A . n 
A 1 88  THR 88  88  88  THR THR A . n 
A 1 89  ASP 89  89  89  ASP ASP A . n 
A 1 90  THR 90  90  90  THR THR A . n 
A 1 91  VAL 91  91  91  VAL VAL A . n 
A 1 92  LYS 92  92  92  LYS LYS A . n 
A 1 93  LEU 93  93  93  LEU LEU A . n 
A 1 94  ASN 94  94  94  ASN ASN A . n 
A 1 95  ARG 95  95  95  ARG ARG A . n 
A 1 96  LYS 96  96  96  LYS LYS A . n 
A 1 97  GLY 97  97  97  GLY GLY A . n 
A 1 98  ASP 98  98  98  ASP ASP A . n 
A 1 99  LEU 99  99  99  LEU LEU A . n 
A 1 100 GLU 100 100 100 GLU GLU A . n 
A 1 101 LEU 101 101 101 LEU LEU A . n 
A 1 102 MET 102 102 102 MET MET A . n 
A 1 103 LEU 103 103 103 LEU LEU A . n 
A 1 104 ALA 104 104 104 ALA ALA A . n 
A 1 105 GLU 105 105 105 GLU GLU A . n 
A 1 106 ALA 106 106 ?   ?   ?   A . n 
A 1 107 ASN 107 107 ?   ?   ?   A . n 
A 1 108 GLY 108 108 ?   ?   ?   A . n 
A 1 109 LYS 109 109 ?   ?   ?   A . n 
A 1 110 ASN 110 110 ?   ?   ?   A . n 
A 1 111 GLY 111 111 ?   ?   ?   A . n 
A 1 112 GLN 112 112 ?   ?   ?   A . n 
A 1 113 SER 113 113 ?   ?   ?   A . n 
# 
loop_
_pdbx_nonpoly_scheme.asym_id 
_pdbx_nonpoly_scheme.entity_id 
_pdbx_nonpoly_scheme.mon_id 
_pdbx_nonpoly_scheme.ndb_seq_num 
_pdbx_nonpoly_scheme.pdb_seq_num 
_pdbx_nonpoly_scheme.auth_seq_num 
_pdbx_nonpoly_scheme.pdb_mon_id 
_pdbx_nonpoly_scheme.auth_mon_id 
_pdbx_nonpoly_scheme.pdb_strand_id 
_pdbx_nonpoly_scheme.pdb_ins_code 
B 2 GSH 1   114 106 GSH GSH A . 
C 3 SO4 1   115 107 SO4 SO4 A . 
D 3 SO4 1   116 108 SO4 SO4 A . 
E 3 SO4 1   117 109 SO4 SO4 A . 
F 4 HOH 1   118 118 HOH HOH A . 
F 4 HOH 2   119 119 HOH HOH A . 
F 4 HOH 3   120 120 HOH HOH A . 
F 4 HOH 4   121 121 HOH HOH A . 
F 4 HOH 5   122 122 HOH HOH A . 
F 4 HOH 6   123 123 HOH HOH A . 
F 4 HOH 7   124 124 HOH HOH A . 
F 4 HOH 8   125 125 HOH HOH A . 
F 4 HOH 9   126 126 HOH HOH A . 
F 4 HOH 10  127 127 HOH HOH A . 
F 4 HOH 11  128 128 HOH HOH A . 
F 4 HOH 12  129 129 HOH HOH A . 
F 4 HOH 13  130 130 HOH HOH A . 
F 4 HOH 14  131 131 HOH HOH A . 
F 4 HOH 15  132 132 HOH HOH A . 
F 4 HOH 16  133 133 HOH HOH A . 
F 4 HOH 17  134 134 HOH HOH A . 
F 4 HOH 18  135 135 HOH HOH A . 
F 4 HOH 19  136 136 HOH HOH A . 
F 4 HOH 20  137 137 HOH HOH A . 
F 4 HOH 21  138 138 HOH HOH A . 
F 4 HOH 22  139 139 HOH HOH A . 
F 4 HOH 23  140 140 HOH HOH A . 
F 4 HOH 24  141 141 HOH HOH A . 
F 4 HOH 25  142 142 HOH HOH A . 
F 4 HOH 26  143 143 HOH HOH A . 
F 4 HOH 27  144 144 HOH HOH A . 
F 4 HOH 28  145 145 HOH HOH A . 
F 4 HOH 29  146 146 HOH HOH A . 
F 4 HOH 30  147 147 HOH HOH A . 
F 4 HOH 31  148 148 HOH HOH A . 
F 4 HOH 32  149 149 HOH HOH A . 
F 4 HOH 33  150 150 HOH HOH A . 
F 4 HOH 34  151 151 HOH HOH A . 
F 4 HOH 35  152 152 HOH HOH A . 
F 4 HOH 36  153 153 HOH HOH A . 
F 4 HOH 37  154 154 HOH HOH A . 
F 4 HOH 38  155 155 HOH HOH A . 
F 4 HOH 39  156 156 HOH HOH A . 
F 4 HOH 40  157 157 HOH HOH A . 
F 4 HOH 41  158 158 HOH HOH A . 
F 4 HOH 42  159 159 HOH HOH A . 
F 4 HOH 43  160 160 HOH HOH A . 
F 4 HOH 44  161 161 HOH HOH A . 
F 4 HOH 45  162 162 HOH HOH A . 
F 4 HOH 46  163 163 HOH HOH A . 
F 4 HOH 47  164 164 HOH HOH A . 
F 4 HOH 48  165 165 HOH HOH A . 
F 4 HOH 49  166 166 HOH HOH A . 
F 4 HOH 50  167 167 HOH HOH A . 
F 4 HOH 51  168 168 HOH HOH A . 
F 4 HOH 52  169 169 HOH HOH A . 
F 4 HOH 53  170 170 HOH HOH A . 
F 4 HOH 54  171 171 HOH HOH A . 
F 4 HOH 55  172 172 HOH HOH A . 
F 4 HOH 56  173 173 HOH HOH A . 
F 4 HOH 57  174 174 HOH HOH A . 
F 4 HOH 58  175 175 HOH HOH A . 
F 4 HOH 59  176 176 HOH HOH A . 
F 4 HOH 60  177 177 HOH HOH A . 
F 4 HOH 61  178 178 HOH HOH A . 
F 4 HOH 62  179 179 HOH HOH A . 
F 4 HOH 63  180 180 HOH HOH A . 
F 4 HOH 64  181 181 HOH HOH A . 
F 4 HOH 65  182 182 HOH HOH A . 
F 4 HOH 66  183 183 HOH HOH A . 
F 4 HOH 67  184 184 HOH HOH A . 
F 4 HOH 68  185 185 HOH HOH A . 
F 4 HOH 69  186 186 HOH HOH A . 
F 4 HOH 70  187 187 HOH HOH A . 
F 4 HOH 71  188 188 HOH HOH A . 
F 4 HOH 72  189 189 HOH HOH A . 
F 4 HOH 73  190 190 HOH HOH A . 
F 4 HOH 74  191 191 HOH HOH A . 
F 4 HOH 75  192 192 HOH HOH A . 
F 4 HOH 76  193 193 HOH HOH A . 
F 4 HOH 77  194 194 HOH HOH A . 
F 4 HOH 78  195 195 HOH HOH A . 
F 4 HOH 79  196 196 HOH HOH A . 
F 4 HOH 80  197 197 HOH HOH A . 
F 4 HOH 81  198 198 HOH HOH A . 
F 4 HOH 82  199 199 HOH HOH A . 
F 4 HOH 83  200 200 HOH HOH A . 
F 4 HOH 84  201 201 HOH HOH A . 
F 4 HOH 85  202 202 HOH HOH A . 
F 4 HOH 86  203 203 HOH HOH A . 
F 4 HOH 87  204 204 HOH HOH A . 
F 4 HOH 88  205 205 HOH HOH A . 
F 4 HOH 89  206 206 HOH HOH A . 
F 4 HOH 90  207 207 HOH HOH A . 
F 4 HOH 91  208 208 HOH HOH A . 
F 4 HOH 92  209 209 HOH HOH A . 
F 4 HOH 93  210 210 HOH HOH A . 
F 4 HOH 94  211 211 HOH HOH A . 
F 4 HOH 95  212 212 HOH HOH A . 
F 4 HOH 96  213 213 HOH HOH A . 
F 4 HOH 97  214 214 HOH HOH A . 
F 4 HOH 98  215 215 HOH HOH A . 
F 4 HOH 99  216 216 HOH HOH A . 
F 4 HOH 100 217 217 HOH HOH A . 
F 4 HOH 101 218 110 HOH HOH A . 
F 4 HOH 102 219 111 HOH HOH A . 
F 4 HOH 103 220 112 HOH HOH A . 
F 4 HOH 104 221 113 HOH HOH A . 
F 4 HOH 105 222 114 HOH HOH A . 
F 4 HOH 106 223 115 HOH HOH A . 
F 4 HOH 107 224 116 HOH HOH A . 
F 4 HOH 108 225 117 HOH HOH A . 
# 
_pdbx_struct_assembly.id                   1 
_pdbx_struct_assembly.details              author_defined_assembly 
_pdbx_struct_assembly.method_details       ? 
_pdbx_struct_assembly.oligomeric_details   monomeric 
_pdbx_struct_assembly.oligomeric_count     1 
# 
_pdbx_struct_assembly_gen.assembly_id       1 
_pdbx_struct_assembly_gen.oper_expression   1 
_pdbx_struct_assembly_gen.asym_id_list      A,B,C,D,E,F 
# 
_pdbx_struct_oper_list.id                   1 
_pdbx_struct_oper_list.type                 'identity operation' 
_pdbx_struct_oper_list.name                 1_555 
_pdbx_struct_oper_list.symmetry_operation   x,y,z 
_pdbx_struct_oper_list.matrix[1][1]         1.0000000000 
_pdbx_struct_oper_list.matrix[1][2]         0.0000000000 
_pdbx_struct_oper_list.matrix[1][3]         0.0000000000 
_pdbx_struct_oper_list.vector[1]            0.0000000000 
_pdbx_struct_oper_list.matrix[2][1]         0.0000000000 
_pdbx_struct_oper_list.matrix[2][2]         1.0000000000 
_pdbx_struct_oper_list.matrix[2][3]         0.0000000000 
_pdbx_struct_oper_list.vector[2]            0.0000000000 
_pdbx_struct_oper_list.matrix[3][1]         0.0000000000 
_pdbx_struct_oper_list.matrix[3][2]         0.0000000000 
_pdbx_struct_oper_list.matrix[3][3]         1.0000000000 
_pdbx_struct_oper_list.vector[3]            0.0000000000 
# 
loop_
_pdbx_struct_special_symmetry.id 
_pdbx_struct_special_symmetry.PDB_model_num 
_pdbx_struct_special_symmetry.auth_asym_id 
_pdbx_struct_special_symmetry.auth_comp_id 
_pdbx_struct_special_symmetry.auth_seq_id 
_pdbx_struct_special_symmetry.PDB_ins_code 
_pdbx_struct_special_symmetry.label_asym_id 
_pdbx_struct_special_symmetry.label_comp_id 
_pdbx_struct_special_symmetry.label_seq_id 
1 1 A HOH 149 ? F HOH . 
2 1 A HOH 192 ? F HOH . 
# 
loop_
_pdbx_audit_revision_history.ordinal 
_pdbx_audit_revision_history.data_content_type 
_pdbx_audit_revision_history.major_revision 
_pdbx_audit_revision_history.minor_revision 
_pdbx_audit_revision_history.revision_date 
1 'Structure model' 1 0 2011-06-01 
2 'Structure model' 1 1 2011-07-13 
3 'Structure model' 1 2 2011-08-17 
4 'Structure model' 1 3 2011-12-14 
5 'Structure model' 1 4 2017-10-25 
6 'Structure model' 1 5 2023-09-13 
# 
_pdbx_audit_revision_details.ordinal             1 
_pdbx_audit_revision_details.revision_ordinal    1 
_pdbx_audit_revision_details.data_content_type   'Structure model' 
_pdbx_audit_revision_details.provider            repository 
_pdbx_audit_revision_details.type                'Initial release' 
_pdbx_audit_revision_details.description         ? 
_pdbx_audit_revision_details.details             ? 
# 
loop_
_pdbx_audit_revision_group.ordinal 
_pdbx_audit_revision_group.revision_ordinal 
_pdbx_audit_revision_group.data_content_type 
_pdbx_audit_revision_group.group 
1 2 'Structure model' 'Version format compliance'  
2 3 'Structure model' 'Database references'        
3 4 'Structure model' 'Non-polymer description'    
4 5 'Structure model' 'Author supporting evidence' 
5 6 'Structure model' 'Data collection'            
6 6 'Structure model' 'Database references'        
7 6 'Structure model' 'Derived calculations'       
8 6 'Structure model' 'Refinement description'     
# 
loop_
_pdbx_audit_revision_category.ordinal 
_pdbx_audit_revision_category.revision_ordinal 
_pdbx_audit_revision_category.data_content_type 
_pdbx_audit_revision_category.category 
1 5 'Structure model' pdbx_struct_assembly_auth_evidence 
2 6 'Structure model' chem_comp_atom                     
3 6 'Structure model' chem_comp_bond                     
4 6 'Structure model' database_2                         
5 6 'Structure model' pdbx_initial_refinement_model      
6 6 'Structure model' struct_ref_seq_dif                 
7 6 'Structure model' struct_site                        
# 
loop_
_pdbx_audit_revision_item.ordinal 
_pdbx_audit_revision_item.revision_ordinal 
_pdbx_audit_revision_item.data_content_type 
_pdbx_audit_revision_item.item 
1 6 'Structure model' '_database_2.pdbx_DOI'                
2 6 'Structure model' '_database_2.pdbx_database_accession' 
3 6 'Structure model' '_struct_ref_seq_dif.details'         
4 6 'Structure model' '_struct_site.pdbx_auth_asym_id'      
5 6 'Structure model' '_struct_site.pdbx_auth_comp_id'      
6 6 'Structure model' '_struct_site.pdbx_auth_seq_id'       
# 
loop_
_software.name 
_software.classification 
_software.version 
_software.citation_id 
_software.pdbx_ordinal 
Xnemo  'data collection' .        ? 1 
MOLREP phasing           .        ? 2 
REFMAC refinement        5.5.0109 ? 3 
XDS    'data reduction'  .        ? 4 
SCALA  'data scaling'    .        ? 5 
# 
_pdbx_validate_rmsd_bond.id                        1 
_pdbx_validate_rmsd_bond.PDB_model_num             1 
_pdbx_validate_rmsd_bond.auth_atom_id_1            CG 
_pdbx_validate_rmsd_bond.auth_asym_id_1            A 
_pdbx_validate_rmsd_bond.auth_comp_id_1            GLU 
_pdbx_validate_rmsd_bond.auth_seq_id_1             66 
_pdbx_validate_rmsd_bond.PDB_ins_code_1            ? 
_pdbx_validate_rmsd_bond.label_alt_id_1            ? 
_pdbx_validate_rmsd_bond.auth_atom_id_2            CD 
_pdbx_validate_rmsd_bond.auth_asym_id_2            A 
_pdbx_validate_rmsd_bond.auth_comp_id_2            GLU 
_pdbx_validate_rmsd_bond.auth_seq_id_2             66 
_pdbx_validate_rmsd_bond.PDB_ins_code_2            ? 
_pdbx_validate_rmsd_bond.label_alt_id_2            ? 
_pdbx_validate_rmsd_bond.bond_value                1.418 
_pdbx_validate_rmsd_bond.bond_target_value         1.515 
_pdbx_validate_rmsd_bond.bond_deviation            -0.097 
_pdbx_validate_rmsd_bond.bond_standard_deviation   0.015 
_pdbx_validate_rmsd_bond.linker_flag               N 
# 
_pdbx_validate_rmsd_angle.id                         1 
_pdbx_validate_rmsd_angle.PDB_model_num              1 
_pdbx_validate_rmsd_angle.auth_atom_id_1             NE 
_pdbx_validate_rmsd_angle.auth_asym_id_1             A 
_pdbx_validate_rmsd_angle.auth_comp_id_1             ARG 
_pdbx_validate_rmsd_angle.auth_seq_id_1              67 
_pdbx_validate_rmsd_angle.PDB_ins_code_1             ? 
_pdbx_validate_rmsd_angle.label_alt_id_1             ? 
_pdbx_validate_rmsd_angle.auth_atom_id_2             CZ 
_pdbx_validate_rmsd_angle.auth_asym_id_2             A 
_pdbx_validate_rmsd_angle.auth_comp_id_2             ARG 
_pdbx_validate_rmsd_angle.auth_seq_id_2              67 
_pdbx_validate_rmsd_angle.PDB_ins_code_2             ? 
_pdbx_validate_rmsd_angle.label_alt_id_2             ? 
_pdbx_validate_rmsd_angle.auth_atom_id_3             NH1 
_pdbx_validate_rmsd_angle.auth_asym_id_3             A 
_pdbx_validate_rmsd_angle.auth_comp_id_3             ARG 
_pdbx_validate_rmsd_angle.auth_seq_id_3              67 
_pdbx_validate_rmsd_angle.PDB_ins_code_3             ? 
_pdbx_validate_rmsd_angle.label_alt_id_3             ? 
_pdbx_validate_rmsd_angle.angle_value                117.21 
_pdbx_validate_rmsd_angle.angle_target_value         120.30 
_pdbx_validate_rmsd_angle.angle_deviation            -3.09 
_pdbx_validate_rmsd_angle.angle_standard_deviation   0.50 
_pdbx_validate_rmsd_angle.linker_flag                N 
# 
loop_
_pdbx_unobs_or_zero_occ_residues.id 
_pdbx_unobs_or_zero_occ_residues.PDB_model_num 
_pdbx_unobs_or_zero_occ_residues.polymer_flag 
_pdbx_unobs_or_zero_occ_residues.occupancy_flag 
_pdbx_unobs_or_zero_occ_residues.auth_asym_id 
_pdbx_unobs_or_zero_occ_residues.auth_comp_id 
_pdbx_unobs_or_zero_occ_residues.auth_seq_id 
_pdbx_unobs_or_zero_occ_residues.PDB_ins_code 
_pdbx_unobs_or_zero_occ_residues.label_asym_id 
_pdbx_unobs_or_zero_occ_residues.label_comp_id 
_pdbx_unobs_or_zero_occ_residues.label_seq_id 
1  1 Y 1 A MET 1   ? A MET 1   
2  1 Y 1 A ALA 2   ? A ALA 2   
3  1 Y 1 A SER 3   ? A SER 3   
4  1 Y 1 A PHE 4   ? A PHE 4   
5  1 Y 1 A GLY 5   ? A GLY 5   
6  1 Y 1 A ALA 106 ? A ALA 106 
7  1 Y 1 A ASN 107 ? A ASN 107 
8  1 Y 1 A GLY 108 ? A GLY 108 
9  1 Y 1 A LYS 109 ? A LYS 109 
10 1 Y 1 A ASN 110 ? A ASN 110 
11 1 Y 1 A GLY 111 ? A GLY 111 
12 1 Y 1 A GLN 112 ? A GLN 112 
13 1 Y 1 A SER 113 ? A SER 113 
# 
loop_
_chem_comp_atom.comp_id 
_chem_comp_atom.atom_id 
_chem_comp_atom.type_symbol 
_chem_comp_atom.pdbx_aromatic_flag 
_chem_comp_atom.pdbx_stereo_config 
_chem_comp_atom.pdbx_ordinal 
ALA N    N N N 1   
ALA CA   C N S 2   
ALA C    C N N 3   
ALA O    O N N 4   
ALA CB   C N N 5   
ALA OXT  O N N 6   
ALA H    H N N 7   
ALA H2   H N N 8   
ALA HA   H N N 9   
ALA HB1  H N N 10  
ALA HB2  H N N 11  
ALA HB3  H N N 12  
ALA HXT  H N N 13  
ARG N    N N N 14  
ARG CA   C N S 15  
ARG C    C N N 16  
ARG O    O N N 17  
ARG CB   C N N 18  
ARG CG   C N N 19  
ARG CD   C N N 20  
ARG NE   N N N 21  
ARG CZ   C N N 22  
ARG NH1  N N N 23  
ARG NH2  N N N 24  
ARG OXT  O N N 25  
ARG H    H N N 26  
ARG H2   H N N 27  
ARG HA   H N N 28  
ARG HB2  H N N 29  
ARG HB3  H N N 30  
ARG HG2  H N N 31  
ARG HG3  H N N 32  
ARG HD2  H N N 33  
ARG HD3  H N N 34  
ARG HE   H N N 35  
ARG HH11 H N N 36  
ARG HH12 H N N 37  
ARG HH21 H N N 38  
ARG HH22 H N N 39  
ARG HXT  H N N 40  
ASN N    N N N 41  
ASN CA   C N S 42  
ASN C    C N N 43  
ASN O    O N N 44  
ASN CB   C N N 45  
ASN CG   C N N 46  
ASN OD1  O N N 47  
ASN ND2  N N N 48  
ASN OXT  O N N 49  
ASN H    H N N 50  
ASN H2   H N N 51  
ASN HA   H N N 52  
ASN HB2  H N N 53  
ASN HB3  H N N 54  
ASN HD21 H N N 55  
ASN HD22 H N N 56  
ASN HXT  H N N 57  
ASP N    N N N 58  
ASP CA   C N S 59  
ASP C    C N N 60  
ASP O    O N N 61  
ASP CB   C N N 62  
ASP CG   C N N 63  
ASP OD1  O N N 64  
ASP OD2  O N N 65  
ASP OXT  O N N 66  
ASP H    H N N 67  
ASP H2   H N N 68  
ASP HA   H N N 69  
ASP HB2  H N N 70  
ASP HB3  H N N 71  
ASP HD2  H N N 72  
ASP HXT  H N N 73  
CYS N    N N N 74  
CYS CA   C N R 75  
CYS C    C N N 76  
CYS O    O N N 77  
CYS CB   C N N 78  
CYS SG   S N N 79  
CYS OXT  O N N 80  
CYS H    H N N 81  
CYS H2   H N N 82  
CYS HA   H N N 83  
CYS HB2  H N N 84  
CYS HB3  H N N 85  
CYS HG   H N N 86  
CYS HXT  H N N 87  
GLN N    N N N 88  
GLN CA   C N S 89  
GLN C    C N N 90  
GLN O    O N N 91  
GLN CB   C N N 92  
GLN CG   C N N 93  
GLN CD   C N N 94  
GLN OE1  O N N 95  
GLN NE2  N N N 96  
GLN OXT  O N N 97  
GLN H    H N N 98  
GLN H2   H N N 99  
GLN HA   H N N 100 
GLN HB2  H N N 101 
GLN HB3  H N N 102 
GLN HG2  H N N 103 
GLN HG3  H N N 104 
GLN HE21 H N N 105 
GLN HE22 H N N 106 
GLN HXT  H N N 107 
GLU N    N N N 108 
GLU CA   C N S 109 
GLU C    C N N 110 
GLU O    O N N 111 
GLU CB   C N N 112 
GLU CG   C N N 113 
GLU CD   C N N 114 
GLU OE1  O N N 115 
GLU OE2  O N N 116 
GLU OXT  O N N 117 
GLU H    H N N 118 
GLU H2   H N N 119 
GLU HA   H N N 120 
GLU HB2  H N N 121 
GLU HB3  H N N 122 
GLU HG2  H N N 123 
GLU HG3  H N N 124 
GLU HE2  H N N 125 
GLU HXT  H N N 126 
GLY N    N N N 127 
GLY CA   C N N 128 
GLY C    C N N 129 
GLY O    O N N 130 
GLY OXT  O N N 131 
GLY H    H N N 132 
GLY H2   H N N 133 
GLY HA2  H N N 134 
GLY HA3  H N N 135 
GLY HXT  H N N 136 
GSH N1   N N N 137 
GSH CA1  C N S 138 
GSH C1   C N N 139 
GSH O11  O N N 140 
GSH O12  O N N 141 
GSH CB1  C N N 142 
GSH CG1  C N N 143 
GSH CD1  C N N 144 
GSH OE1  O N N 145 
GSH N2   N N N 146 
GSH CA2  C N R 147 
GSH C2   C N N 148 
GSH O2   O N N 149 
GSH CB2  C N N 150 
GSH SG2  S N N 151 
GSH N3   N N N 152 
GSH CA3  C N N 153 
GSH C3   C N N 154 
GSH O31  O N N 155 
GSH O32  O N N 156 
GSH HN11 H N N 157 
GSH HN12 H N N 158 
GSH HA1  H N N 159 
GSH H12  H N N 160 
GSH HB12 H N N 161 
GSH HB13 H N N 162 
GSH HG12 H N N 163 
GSH HG13 H N N 164 
GSH HN2  H N N 165 
GSH HA2  H N N 166 
GSH HB22 H N N 167 
GSH HB23 H N N 168 
GSH HSG  H N N 169 
GSH HN3  H N N 170 
GSH HA31 H N N 171 
GSH HA32 H N N 172 
GSH H32  H N N 173 
HIS N    N N N 174 
HIS CA   C N S 175 
HIS C    C N N 176 
HIS O    O N N 177 
HIS CB   C N N 178 
HIS CG   C Y N 179 
HIS ND1  N Y N 180 
HIS CD2  C Y N 181 
HIS CE1  C Y N 182 
HIS NE2  N Y N 183 
HIS OXT  O N N 184 
HIS H    H N N 185 
HIS H2   H N N 186 
HIS HA   H N N 187 
HIS HB2  H N N 188 
HIS HB3  H N N 189 
HIS HD1  H N N 190 
HIS HD2  H N N 191 
HIS HE1  H N N 192 
HIS HE2  H N N 193 
HIS HXT  H N N 194 
HOH O    O N N 195 
HOH H1   H N N 196 
HOH H2   H N N 197 
ILE N    N N N 198 
ILE CA   C N S 199 
ILE C    C N N 200 
ILE O    O N N 201 
ILE CB   C N S 202 
ILE CG1  C N N 203 
ILE CG2  C N N 204 
ILE CD1  C N N 205 
ILE OXT  O N N 206 
ILE H    H N N 207 
ILE H2   H N N 208 
ILE HA   H N N 209 
ILE HB   H N N 210 
ILE HG12 H N N 211 
ILE HG13 H N N 212 
ILE HG21 H N N 213 
ILE HG22 H N N 214 
ILE HG23 H N N 215 
ILE HD11 H N N 216 
ILE HD12 H N N 217 
ILE HD13 H N N 218 
ILE HXT  H N N 219 
LEU N    N N N 220 
LEU CA   C N S 221 
LEU C    C N N 222 
LEU O    O N N 223 
LEU CB   C N N 224 
LEU CG   C N N 225 
LEU CD1  C N N 226 
LEU CD2  C N N 227 
LEU OXT  O N N 228 
LEU H    H N N 229 
LEU H2   H N N 230 
LEU HA   H N N 231 
LEU HB2  H N N 232 
LEU HB3  H N N 233 
LEU HG   H N N 234 
LEU HD11 H N N 235 
LEU HD12 H N N 236 
LEU HD13 H N N 237 
LEU HD21 H N N 238 
LEU HD22 H N N 239 
LEU HD23 H N N 240 
LEU HXT  H N N 241 
LYS N    N N N 242 
LYS CA   C N S 243 
LYS C    C N N 244 
LYS O    O N N 245 
LYS CB   C N N 246 
LYS CG   C N N 247 
LYS CD   C N N 248 
LYS CE   C N N 249 
LYS NZ   N N N 250 
LYS OXT  O N N 251 
LYS H    H N N 252 
LYS H2   H N N 253 
LYS HA   H N N 254 
LYS HB2  H N N 255 
LYS HB3  H N N 256 
LYS HG2  H N N 257 
LYS HG3  H N N 258 
LYS HD2  H N N 259 
LYS HD3  H N N 260 
LYS HE2  H N N 261 
LYS HE3  H N N 262 
LYS HZ1  H N N 263 
LYS HZ2  H N N 264 
LYS HZ3  H N N 265 
LYS HXT  H N N 266 
MET N    N N N 267 
MET CA   C N S 268 
MET C    C N N 269 
MET O    O N N 270 
MET CB   C N N 271 
MET CG   C N N 272 
MET SD   S N N 273 
MET CE   C N N 274 
MET OXT  O N N 275 
MET H    H N N 276 
MET H2   H N N 277 
MET HA   H N N 278 
MET HB2  H N N 279 
MET HB3  H N N 280 
MET HG2  H N N 281 
MET HG3  H N N 282 
MET HE1  H N N 283 
MET HE2  H N N 284 
MET HE3  H N N 285 
MET HXT  H N N 286 
PHE N    N N N 287 
PHE CA   C N S 288 
PHE C    C N N 289 
PHE O    O N N 290 
PHE CB   C N N 291 
PHE CG   C Y N 292 
PHE CD1  C Y N 293 
PHE CD2  C Y N 294 
PHE CE1  C Y N 295 
PHE CE2  C Y N 296 
PHE CZ   C Y N 297 
PHE OXT  O N N 298 
PHE H    H N N 299 
PHE H2   H N N 300 
PHE HA   H N N 301 
PHE HB2  H N N 302 
PHE HB3  H N N 303 
PHE HD1  H N N 304 
PHE HD2  H N N 305 
PHE HE1  H N N 306 
PHE HE2  H N N 307 
PHE HZ   H N N 308 
PHE HXT  H N N 309 
PRO N    N N N 310 
PRO CA   C N S 311 
PRO C    C N N 312 
PRO O    O N N 313 
PRO CB   C N N 314 
PRO CG   C N N 315 
PRO CD   C N N 316 
PRO OXT  O N N 317 
PRO H    H N N 318 
PRO HA   H N N 319 
PRO HB2  H N N 320 
PRO HB3  H N N 321 
PRO HG2  H N N 322 
PRO HG3  H N N 323 
PRO HD2  H N N 324 
PRO HD3  H N N 325 
PRO HXT  H N N 326 
SER N    N N N 327 
SER CA   C N S 328 
SER C    C N N 329 
SER O    O N N 330 
SER CB   C N N 331 
SER OG   O N N 332 
SER OXT  O N N 333 
SER H    H N N 334 
SER H2   H N N 335 
SER HA   H N N 336 
SER HB2  H N N 337 
SER HB3  H N N 338 
SER HG   H N N 339 
SER HXT  H N N 340 
SO4 S    S N N 341 
SO4 O1   O N N 342 
SO4 O2   O N N 343 
SO4 O3   O N N 344 
SO4 O4   O N N 345 
THR N    N N N 346 
THR CA   C N S 347 
THR C    C N N 348 
THR O    O N N 349 
THR CB   C N R 350 
THR OG1  O N N 351 
THR CG2  C N N 352 
THR OXT  O N N 353 
THR H    H N N 354 
THR H2   H N N 355 
THR HA   H N N 356 
THR HB   H N N 357 
THR HG1  H N N 358 
THR HG21 H N N 359 
THR HG22 H N N 360 
THR HG23 H N N 361 
THR HXT  H N N 362 
TRP N    N N N 363 
TRP CA   C N S 364 
TRP C    C N N 365 
TRP O    O N N 366 
TRP CB   C N N 367 
TRP CG   C Y N 368 
TRP CD1  C Y N 369 
TRP CD2  C Y N 370 
TRP NE1  N Y N 371 
TRP CE2  C Y N 372 
TRP CE3  C Y N 373 
TRP CZ2  C Y N 374 
TRP CZ3  C Y N 375 
TRP CH2  C Y N 376 
TRP OXT  O N N 377 
TRP H    H N N 378 
TRP H2   H N N 379 
TRP HA   H N N 380 
TRP HB2  H N N 381 
TRP HB3  H N N 382 
TRP HD1  H N N 383 
TRP HE1  H N N 384 
TRP HE3  H N N 385 
TRP HZ2  H N N 386 
TRP HZ3  H N N 387 
TRP HH2  H N N 388 
TRP HXT  H N N 389 
TYR N    N N N 390 
TYR CA   C N S 391 
TYR C    C N N 392 
TYR O    O N N 393 
TYR CB   C N N 394 
TYR CG   C Y N 395 
TYR CD1  C Y N 396 
TYR CD2  C Y N 397 
TYR CE1  C Y N 398 
TYR CE2  C Y N 399 
TYR CZ   C Y N 400 
TYR OH   O N N 401 
TYR OXT  O N N 402 
TYR H    H N N 403 
TYR H2   H N N 404 
TYR HA   H N N 405 
TYR HB2  H N N 406 
TYR HB3  H N N 407 
TYR HD1  H N N 408 
TYR HD2  H N N 409 
TYR HE1  H N N 410 
TYR HE2  H N N 411 
TYR HH   H N N 412 
TYR HXT  H N N 413 
VAL N    N N N 414 
VAL CA   C N S 415 
VAL C    C N N 416 
VAL O    O N N 417 
VAL CB   C N N 418 
VAL CG1  C N N 419 
VAL CG2  C N N 420 
VAL OXT  O N N 421 
VAL H    H N N 422 
VAL H2   H N N 423 
VAL HA   H N N 424 
VAL HB   H N N 425 
VAL HG11 H N N 426 
VAL HG12 H N N 427 
VAL HG13 H N N 428 
VAL HG21 H N N 429 
VAL HG22 H N N 430 
VAL HG23 H N N 431 
VAL HXT  H N N 432 
# 
loop_
_chem_comp_bond.comp_id 
_chem_comp_bond.atom_id_1 
_chem_comp_bond.atom_id_2 
_chem_comp_bond.value_order 
_chem_comp_bond.pdbx_aromatic_flag 
_chem_comp_bond.pdbx_stereo_config 
_chem_comp_bond.pdbx_ordinal 
ALA N   CA   sing N N 1   
ALA N   H    sing N N 2   
ALA N   H2   sing N N 3   
ALA CA  C    sing N N 4   
ALA CA  CB   sing N N 5   
ALA CA  HA   sing N N 6   
ALA C   O    doub N N 7   
ALA C   OXT  sing N N 8   
ALA CB  HB1  sing N N 9   
ALA CB  HB2  sing N N 10  
ALA CB  HB3  sing N N 11  
ALA OXT HXT  sing N N 12  
ARG N   CA   sing N N 13  
ARG N   H    sing N N 14  
ARG N   H2   sing N N 15  
ARG CA  C    sing N N 16  
ARG CA  CB   sing N N 17  
ARG CA  HA   sing N N 18  
ARG C   O    doub N N 19  
ARG C   OXT  sing N N 20  
ARG CB  CG   sing N N 21  
ARG CB  HB2  sing N N 22  
ARG CB  HB3  sing N N 23  
ARG CG  CD   sing N N 24  
ARG CG  HG2  sing N N 25  
ARG CG  HG3  sing N N 26  
ARG CD  NE   sing N N 27  
ARG CD  HD2  sing N N 28  
ARG CD  HD3  sing N N 29  
ARG NE  CZ   sing N N 30  
ARG NE  HE   sing N N 31  
ARG CZ  NH1  sing N N 32  
ARG CZ  NH2  doub N N 33  
ARG NH1 HH11 sing N N 34  
ARG NH1 HH12 sing N N 35  
ARG NH2 HH21 sing N N 36  
ARG NH2 HH22 sing N N 37  
ARG OXT HXT  sing N N 38  
ASN N   CA   sing N N 39  
ASN N   H    sing N N 40  
ASN N   H2   sing N N 41  
ASN CA  C    sing N N 42  
ASN CA  CB   sing N N 43  
ASN CA  HA   sing N N 44  
ASN C   O    doub N N 45  
ASN C   OXT  sing N N 46  
ASN CB  CG   sing N N 47  
ASN CB  HB2  sing N N 48  
ASN CB  HB3  sing N N 49  
ASN CG  OD1  doub N N 50  
ASN CG  ND2  sing N N 51  
ASN ND2 HD21 sing N N 52  
ASN ND2 HD22 sing N N 53  
ASN OXT HXT  sing N N 54  
ASP N   CA   sing N N 55  
ASP N   H    sing N N 56  
ASP N   H2   sing N N 57  
ASP CA  C    sing N N 58  
ASP CA  CB   sing N N 59  
ASP CA  HA   sing N N 60  
ASP C   O    doub N N 61  
ASP C   OXT  sing N N 62  
ASP CB  CG   sing N N 63  
ASP CB  HB2  sing N N 64  
ASP CB  HB3  sing N N 65  
ASP CG  OD1  doub N N 66  
ASP CG  OD2  sing N N 67  
ASP OD2 HD2  sing N N 68  
ASP OXT HXT  sing N N 69  
CYS N   CA   sing N N 70  
CYS N   H    sing N N 71  
CYS N   H2   sing N N 72  
CYS CA  C    sing N N 73  
CYS CA  CB   sing N N 74  
CYS CA  HA   sing N N 75  
CYS C   O    doub N N 76  
CYS C   OXT  sing N N 77  
CYS CB  SG   sing N N 78  
CYS CB  HB2  sing N N 79  
CYS CB  HB3  sing N N 80  
CYS SG  HG   sing N N 81  
CYS OXT HXT  sing N N 82  
GLN N   CA   sing N N 83  
GLN N   H    sing N N 84  
GLN N   H2   sing N N 85  
GLN CA  C    sing N N 86  
GLN CA  CB   sing N N 87  
GLN CA  HA   sing N N 88  
GLN C   O    doub N N 89  
GLN C   OXT  sing N N 90  
GLN CB  CG   sing N N 91  
GLN CB  HB2  sing N N 92  
GLN CB  HB3  sing N N 93  
GLN CG  CD   sing N N 94  
GLN CG  HG2  sing N N 95  
GLN CG  HG3  sing N N 96  
GLN CD  OE1  doub N N 97  
GLN CD  NE2  sing N N 98  
GLN NE2 HE21 sing N N 99  
GLN NE2 HE22 sing N N 100 
GLN OXT HXT  sing N N 101 
GLU N   CA   sing N N 102 
GLU N   H    sing N N 103 
GLU N   H2   sing N N 104 
GLU CA  C    sing N N 105 
GLU CA  CB   sing N N 106 
GLU CA  HA   sing N N 107 
GLU C   O    doub N N 108 
GLU C   OXT  sing N N 109 
GLU CB  CG   sing N N 110 
GLU CB  HB2  sing N N 111 
GLU CB  HB3  sing N N 112 
GLU CG  CD   sing N N 113 
GLU CG  HG2  sing N N 114 
GLU CG  HG3  sing N N 115 
GLU CD  OE1  doub N N 116 
GLU CD  OE2  sing N N 117 
GLU OE2 HE2  sing N N 118 
GLU OXT HXT  sing N N 119 
GLY N   CA   sing N N 120 
GLY N   H    sing N N 121 
GLY N   H2   sing N N 122 
GLY CA  C    sing N N 123 
GLY CA  HA2  sing N N 124 
GLY CA  HA3  sing N N 125 
GLY C   O    doub N N 126 
GLY C   OXT  sing N N 127 
GLY OXT HXT  sing N N 128 
GSH N1  CA1  sing N N 129 
GSH N1  HN11 sing N N 130 
GSH N1  HN12 sing N N 131 
GSH CA1 C1   sing N N 132 
GSH CA1 CB1  sing N N 133 
GSH CA1 HA1  sing N N 134 
GSH C1  O11  doub N N 135 
GSH C1  O12  sing N N 136 
GSH O12 H12  sing N N 137 
GSH CB1 CG1  sing N N 138 
GSH CB1 HB12 sing N N 139 
GSH CB1 HB13 sing N N 140 
GSH CG1 CD1  sing N N 141 
GSH CG1 HG12 sing N N 142 
GSH CG1 HG13 sing N N 143 
GSH CD1 OE1  doub N N 144 
GSH CD1 N2   sing N N 145 
GSH N2  CA2  sing N N 146 
GSH N2  HN2  sing N N 147 
GSH CA2 C2   sing N N 148 
GSH CA2 CB2  sing N N 149 
GSH CA2 HA2  sing N N 150 
GSH C2  O2   doub N N 151 
GSH C2  N3   sing N N 152 
GSH CB2 SG2  sing N N 153 
GSH CB2 HB22 sing N N 154 
GSH CB2 HB23 sing N N 155 
GSH SG2 HSG  sing N N 156 
GSH N3  CA3  sing N N 157 
GSH N3  HN3  sing N N 158 
GSH CA3 C3   sing N N 159 
GSH CA3 HA31 sing N N 160 
GSH CA3 HA32 sing N N 161 
GSH C3  O31  doub N N 162 
GSH C3  O32  sing N N 163 
GSH O32 H32  sing N N 164 
HIS N   CA   sing N N 165 
HIS N   H    sing N N 166 
HIS N   H2   sing N N 167 
HIS CA  C    sing N N 168 
HIS CA  CB   sing N N 169 
HIS CA  HA   sing N N 170 
HIS C   O    doub N N 171 
HIS C   OXT  sing N N 172 
HIS CB  CG   sing N N 173 
HIS CB  HB2  sing N N 174 
HIS CB  HB3  sing N N 175 
HIS CG  ND1  sing Y N 176 
HIS CG  CD2  doub Y N 177 
HIS ND1 CE1  doub Y N 178 
HIS ND1 HD1  sing N N 179 
HIS CD2 NE2  sing Y N 180 
HIS CD2 HD2  sing N N 181 
HIS CE1 NE2  sing Y N 182 
HIS CE1 HE1  sing N N 183 
HIS NE2 HE2  sing N N 184 
HIS OXT HXT  sing N N 185 
HOH O   H1   sing N N 186 
HOH O   H2   sing N N 187 
ILE N   CA   sing N N 188 
ILE N   H    sing N N 189 
ILE N   H2   sing N N 190 
ILE CA  C    sing N N 191 
ILE CA  CB   sing N N 192 
ILE CA  HA   sing N N 193 
ILE C   O    doub N N 194 
ILE C   OXT  sing N N 195 
ILE CB  CG1  sing N N 196 
ILE CB  CG2  sing N N 197 
ILE CB  HB   sing N N 198 
ILE CG1 CD1  sing N N 199 
ILE CG1 HG12 sing N N 200 
ILE CG1 HG13 sing N N 201 
ILE CG2 HG21 sing N N 202 
ILE CG2 HG22 sing N N 203 
ILE CG2 HG23 sing N N 204 
ILE CD1 HD11 sing N N 205 
ILE CD1 HD12 sing N N 206 
ILE CD1 HD13 sing N N 207 
ILE OXT HXT  sing N N 208 
LEU N   CA   sing N N 209 
LEU N   H    sing N N 210 
LEU N   H2   sing N N 211 
LEU CA  C    sing N N 212 
LEU CA  CB   sing N N 213 
LEU CA  HA   sing N N 214 
LEU C   O    doub N N 215 
LEU C   OXT  sing N N 216 
LEU CB  CG   sing N N 217 
LEU CB  HB2  sing N N 218 
LEU CB  HB3  sing N N 219 
LEU CG  CD1  sing N N 220 
LEU CG  CD2  sing N N 221 
LEU CG  HG   sing N N 222 
LEU CD1 HD11 sing N N 223 
LEU CD1 HD12 sing N N 224 
LEU CD1 HD13 sing N N 225 
LEU CD2 HD21 sing N N 226 
LEU CD2 HD22 sing N N 227 
LEU CD2 HD23 sing N N 228 
LEU OXT HXT  sing N N 229 
LYS N   CA   sing N N 230 
LYS N   H    sing N N 231 
LYS N   H2   sing N N 232 
LYS CA  C    sing N N 233 
LYS CA  CB   sing N N 234 
LYS CA  HA   sing N N 235 
LYS C   O    doub N N 236 
LYS C   OXT  sing N N 237 
LYS CB  CG   sing N N 238 
LYS CB  HB2  sing N N 239 
LYS CB  HB3  sing N N 240 
LYS CG  CD   sing N N 241 
LYS CG  HG2  sing N N 242 
LYS CG  HG3  sing N N 243 
LYS CD  CE   sing N N 244 
LYS CD  HD2  sing N N 245 
LYS CD  HD3  sing N N 246 
LYS CE  NZ   sing N N 247 
LYS CE  HE2  sing N N 248 
LYS CE  HE3  sing N N 249 
LYS NZ  HZ1  sing N N 250 
LYS NZ  HZ2  sing N N 251 
LYS NZ  HZ3  sing N N 252 
LYS OXT HXT  sing N N 253 
MET N   CA   sing N N 254 
MET N   H    sing N N 255 
MET N   H2   sing N N 256 
MET CA  C    sing N N 257 
MET CA  CB   sing N N 258 
MET CA  HA   sing N N 259 
MET C   O    doub N N 260 
MET C   OXT  sing N N 261 
MET CB  CG   sing N N 262 
MET CB  HB2  sing N N 263 
MET CB  HB3  sing N N 264 
MET CG  SD   sing N N 265 
MET CG  HG2  sing N N 266 
MET CG  HG3  sing N N 267 
MET SD  CE   sing N N 268 
MET CE  HE1  sing N N 269 
MET CE  HE2  sing N N 270 
MET CE  HE3  sing N N 271 
MET OXT HXT  sing N N 272 
PHE N   CA   sing N N 273 
PHE N   H    sing N N 274 
PHE N   H2   sing N N 275 
PHE CA  C    sing N N 276 
PHE CA  CB   sing N N 277 
PHE CA  HA   sing N N 278 
PHE C   O    doub N N 279 
PHE C   OXT  sing N N 280 
PHE CB  CG   sing N N 281 
PHE CB  HB2  sing N N 282 
PHE CB  HB3  sing N N 283 
PHE CG  CD1  doub Y N 284 
PHE CG  CD2  sing Y N 285 
PHE CD1 CE1  sing Y N 286 
PHE CD1 HD1  sing N N 287 
PHE CD2 CE2  doub Y N 288 
PHE CD2 HD2  sing N N 289 
PHE CE1 CZ   doub Y N 290 
PHE CE1 HE1  sing N N 291 
PHE CE2 CZ   sing Y N 292 
PHE CE2 HE2  sing N N 293 
PHE CZ  HZ   sing N N 294 
PHE OXT HXT  sing N N 295 
PRO N   CA   sing N N 296 
PRO N   CD   sing N N 297 
PRO N   H    sing N N 298 
PRO CA  C    sing N N 299 
PRO CA  CB   sing N N 300 
PRO CA  HA   sing N N 301 
PRO C   O    doub N N 302 
PRO C   OXT  sing N N 303 
PRO CB  CG   sing N N 304 
PRO CB  HB2  sing N N 305 
PRO CB  HB3  sing N N 306 
PRO CG  CD   sing N N 307 
PRO CG  HG2  sing N N 308 
PRO CG  HG3  sing N N 309 
PRO CD  HD2  sing N N 310 
PRO CD  HD3  sing N N 311 
PRO OXT HXT  sing N N 312 
SER N   CA   sing N N 313 
SER N   H    sing N N 314 
SER N   H2   sing N N 315 
SER CA  C    sing N N 316 
SER CA  CB   sing N N 317 
SER CA  HA   sing N N 318 
SER C   O    doub N N 319 
SER C   OXT  sing N N 320 
SER CB  OG   sing N N 321 
SER CB  HB2  sing N N 322 
SER CB  HB3  sing N N 323 
SER OG  HG   sing N N 324 
SER OXT HXT  sing N N 325 
SO4 S   O1   doub N N 326 
SO4 S   O2   doub N N 327 
SO4 S   O3   sing N N 328 
SO4 S   O4   sing N N 329 
THR N   CA   sing N N 330 
THR N   H    sing N N 331 
THR N   H2   sing N N 332 
THR CA  C    sing N N 333 
THR CA  CB   sing N N 334 
THR CA  HA   sing N N 335 
THR C   O    doub N N 336 
THR C   OXT  sing N N 337 
THR CB  OG1  sing N N 338 
THR CB  CG2  sing N N 339 
THR CB  HB   sing N N 340 
THR OG1 HG1  sing N N 341 
THR CG2 HG21 sing N N 342 
THR CG2 HG22 sing N N 343 
THR CG2 HG23 sing N N 344 
THR OXT HXT  sing N N 345 
TRP N   CA   sing N N 346 
TRP N   H    sing N N 347 
TRP N   H2   sing N N 348 
TRP CA  C    sing N N 349 
TRP CA  CB   sing N N 350 
TRP CA  HA   sing N N 351 
TRP C   O    doub N N 352 
TRP C   OXT  sing N N 353 
TRP CB  CG   sing N N 354 
TRP CB  HB2  sing N N 355 
TRP CB  HB3  sing N N 356 
TRP CG  CD1  doub Y N 357 
TRP CG  CD2  sing Y N 358 
TRP CD1 NE1  sing Y N 359 
TRP CD1 HD1  sing N N 360 
TRP CD2 CE2  doub Y N 361 
TRP CD2 CE3  sing Y N 362 
TRP NE1 CE2  sing Y N 363 
TRP NE1 HE1  sing N N 364 
TRP CE2 CZ2  sing Y N 365 
TRP CE3 CZ3  doub Y N 366 
TRP CE3 HE3  sing N N 367 
TRP CZ2 CH2  doub Y N 368 
TRP CZ2 HZ2  sing N N 369 
TRP CZ3 CH2  sing Y N 370 
TRP CZ3 HZ3  sing N N 371 
TRP CH2 HH2  sing N N 372 
TRP OXT HXT  sing N N 373 
TYR N   CA   sing N N 374 
TYR N   H    sing N N 375 
TYR N   H2   sing N N 376 
TYR CA  C    sing N N 377 
TYR CA  CB   sing N N 378 
TYR CA  HA   sing N N 379 
TYR C   O    doub N N 380 
TYR C   OXT  sing N N 381 
TYR CB  CG   sing N N 382 
TYR CB  HB2  sing N N 383 
TYR CB  HB3  sing N N 384 
TYR CG  CD1  doub Y N 385 
TYR CG  CD2  sing Y N 386 
TYR CD1 CE1  sing Y N 387 
TYR CD1 HD1  sing N N 388 
TYR CD2 CE2  doub Y N 389 
TYR CD2 HD2  sing N N 390 
TYR CE1 CZ   doub Y N 391 
TYR CE1 HE1  sing N N 392 
TYR CE2 CZ   sing Y N 393 
TYR CE2 HE2  sing N N 394 
TYR CZ  OH   sing N N 395 
TYR OH  HH   sing N N 396 
TYR OXT HXT  sing N N 397 
VAL N   CA   sing N N 398 
VAL N   H    sing N N 399 
VAL N   H2   sing N N 400 
VAL CA  C    sing N N 401 
VAL CA  CB   sing N N 402 
VAL CA  HA   sing N N 403 
VAL C   O    doub N N 404 
VAL C   OXT  sing N N 405 
VAL CB  CG1  sing N N 406 
VAL CB  CG2  sing N N 407 
VAL CB  HB   sing N N 408 
VAL CG1 HG11 sing N N 409 
VAL CG1 HG12 sing N N 410 
VAL CG1 HG13 sing N N 411 
VAL CG2 HG21 sing N N 412 
VAL CG2 HG22 sing N N 413 
VAL CG2 HG23 sing N N 414 
VAL OXT HXT  sing N N 415 
# 
loop_
_pdbx_entity_nonpoly.entity_id 
_pdbx_entity_nonpoly.name 
_pdbx_entity_nonpoly.comp_id 
2 GLUTATHIONE   GSH 
3 'SULFATE ION' SO4 
4 water         HOH 
# 
_pdbx_initial_refinement_model.id               1 
_pdbx_initial_refinement_model.entity_id_list   ? 
_pdbx_initial_refinement_model.type             'experimental model' 
_pdbx_initial_refinement_model.source_name      PDB 
_pdbx_initial_refinement_model.accession_code   3FZ9 
_pdbx_initial_refinement_model.details          'PDB ENTRY 3FZ9' 
# 
_pdbx_struct_assembly_auth_evidence.id                     1 
_pdbx_struct_assembly_auth_evidence.assembly_id            1 
_pdbx_struct_assembly_auth_evidence.experimental_support   'gel filtration' 
_pdbx_struct_assembly_auth_evidence.details                ? 
# 
